data_6UBV
#
_entry.id   6UBV
#
_cell.length_a   65.810
_cell.length_b   132.697
_cell.length_c   243.819
_cell.angle_alpha   90.000
_cell.angle_beta   90.000
_cell.angle_gamma   90.000
#
_symmetry.space_group_name_H-M   'P 21 21 21'
#
loop_
_entity.id
_entity.type
_entity.pdbx_description
1 polymer 'Surface protein adhesin'
2 non-polymer 'CALCIUM ION'
3 non-polymer "N-(3,4-dihydroxyphenyl)-N'-[2-(3,4-dihydroxyphenyl)ethyl]urea"
4 non-polymer 'SODIUM ION'
5 non-polymer 'SULFATE ION'
6 non-polymer 1,2-ETHANEDIOL
7 water water
#
_entity_poly.entity_id   1
_entity_poly.type   'polypeptide(L)'
_entity_poly.pdbx_seq_one_letter_code
;MASMTGGQQMGRIQADYEAKLAKYQADLAKYQKDLADYPVKLKAYEDEQTSIKAALAELEKHKNEDGNLTEPSAQNLVYD
LEPNANLSLTTDGKFLKASAVDDAFSKSTSKAKYDQKILQLDDLDITNLEQSNDVASSMELYGNFGDKAGWSTTVSNNSQ
VKWGSVLLERGQSATATYTNLQNSYCNGKKISKIVYKYTVDPKSKFQGQKVWLGIFTDPTLGVFASAYTGQVEKNTSIFI
KNEFTFYDEDGKPINFDNALLSVASLNREHNSIEMAKDYSGKFVKISGSSIGEKNGMIYATDTLNFKQGEGGSRWTMYKN
SQAGSGWDSSDAPNSWYGAGAIKMSGPNNYVTVGATSATNVMPVSDMPVVPGKDNTDGKKPNIWYSLNGKIRAVNVPKVT
KEKPTPPVKPTAPTKPTLEHHHHHH
;
_entity_poly.pdbx_strand_id   A,B,C,D
#
# COMPACT_ATOMS: atom_id res chain seq x y z
N LYS A 20 12.87 -60.03 -15.39
CA LYS A 20 13.78 -59.59 -16.44
C LYS A 20 13.31 -60.12 -17.80
N LEU A 21 12.55 -61.23 -17.78
CA LEU A 21 12.01 -61.78 -19.01
C LEU A 21 11.03 -60.84 -19.69
N ALA A 22 10.40 -59.94 -18.94
CA ALA A 22 9.45 -59.01 -19.52
C ALA A 22 10.13 -57.78 -20.12
N LYS A 23 11.31 -57.41 -19.63
CA LYS A 23 11.98 -56.22 -20.12
C LYS A 23 12.53 -56.42 -21.53
N TYR A 24 12.96 -57.64 -21.86
CA TYR A 24 13.44 -57.96 -23.22
C TYR A 24 12.31 -57.92 -24.26
N GLN A 25 11.15 -57.45 -23.82
CA GLN A 25 10.02 -57.11 -24.67
C GLN A 25 9.68 -55.64 -24.61
N ALA A 26 9.89 -54.97 -23.47
CA ALA A 26 9.69 -53.52 -23.42
C ALA A 26 10.86 -52.77 -24.07
N ASP A 27 12.09 -53.26 -23.93
CA ASP A 27 13.20 -52.65 -24.64
C ASP A 27 13.11 -52.91 -26.13
N LEU A 28 12.55 -54.06 -26.52
CA LEU A 28 12.42 -54.39 -27.93
C LEU A 28 11.24 -53.69 -28.58
N ALA A 29 10.25 -53.28 -27.79
CA ALA A 29 9.17 -52.46 -28.31
C ALA A 29 9.57 -50.99 -28.39
N LYS A 30 10.41 -50.53 -27.46
CA LYS A 30 10.94 -49.17 -27.55
C LYS A 30 12.07 -49.09 -28.58
N TYR A 31 12.65 -50.22 -28.93
CA TYR A 31 13.70 -50.17 -29.98
C TYR A 31 12.99 -49.97 -31.32
N GLN A 32 11.85 -50.63 -31.50
CA GLN A 32 11.12 -50.58 -32.79
C GLN A 32 10.73 -49.15 -33.13
N LYS A 33 10.38 -48.36 -32.13
CA LYS A 33 9.97 -47.01 -32.42
C LYS A 33 11.17 -46.10 -32.61
N ASP A 34 12.21 -46.33 -31.80
CA ASP A 34 13.46 -45.60 -31.99
C ASP A 34 13.99 -45.83 -33.39
N LEU A 35 13.88 -47.06 -33.88
CA LEU A 35 14.30 -47.35 -35.24
C LEU A 35 13.38 -46.68 -36.26
N ALA A 36 12.08 -46.58 -35.95
CA ALA A 36 11.16 -45.93 -36.87
C ALA A 36 11.42 -44.44 -37.02
N ASP A 37 11.83 -43.77 -35.94
CA ASP A 37 12.04 -42.34 -36.04
C ASP A 37 13.49 -41.94 -36.32
N TYR A 38 14.44 -42.87 -36.24
CA TYR A 38 15.83 -42.53 -36.55
C TYR A 38 16.02 -41.82 -37.88
N PRO A 39 15.40 -42.24 -39.01
CA PRO A 39 15.55 -41.46 -40.25
C PRO A 39 15.04 -40.03 -40.13
N VAL A 40 13.91 -39.84 -39.44
CA VAL A 40 13.36 -38.50 -39.26
C VAL A 40 14.30 -37.64 -38.42
N LYS A 41 14.78 -38.20 -37.31
CA LYS A 41 15.75 -37.48 -36.48
C LYS A 41 16.99 -37.11 -37.27
N LEU A 42 17.46 -38.03 -38.12
CA LEU A 42 18.69 -37.80 -38.87
C LEU A 42 18.51 -36.68 -39.92
N LYS A 43 17.34 -36.67 -40.56
CA LYS A 43 17.01 -35.63 -41.58
C LYS A 43 16.92 -34.27 -40.87
N ALA A 44 16.25 -34.23 -39.71
CA ALA A 44 16.12 -32.98 -38.96
C ALA A 44 17.50 -32.45 -38.60
N TYR A 45 18.38 -33.34 -38.12
CA TYR A 45 19.74 -32.93 -37.77
C TYR A 45 20.48 -32.40 -39.00
N GLU A 46 20.42 -33.13 -40.12
CA GLU A 46 21.23 -32.74 -41.26
C GLU A 46 20.82 -31.38 -41.85
N ASP A 47 19.51 -31.11 -41.98
CA ASP A 47 19.04 -29.79 -42.47
C ASP A 47 19.29 -28.69 -41.47
N GLU A 48 19.13 -28.97 -40.17
CA GLU A 48 19.46 -27.90 -39.23
C GLU A 48 20.94 -27.54 -39.37
N GLN A 49 21.77 -28.53 -39.63
CA GLN A 49 23.18 -28.29 -39.91
C GLN A 49 23.35 -27.45 -41.18
N THR A 50 22.64 -27.82 -42.25
CA THR A 50 22.69 -27.06 -43.50
C THR A 50 22.29 -25.60 -43.27
N SER A 51 21.16 -25.38 -42.59
CA SER A 51 20.67 -24.04 -42.33
C SER A 51 21.66 -23.26 -41.47
N ILE A 52 22.25 -23.89 -40.46
CA ILE A 52 23.22 -23.22 -39.62
C ILE A 52 24.44 -22.81 -40.43
N LYS A 53 24.90 -23.68 -41.31
CA LYS A 53 26.08 -23.36 -42.11
C LYS A 53 25.80 -22.21 -43.07
N ALA A 54 24.61 -22.20 -43.67
CA ALA A 54 24.23 -21.07 -44.51
C ALA A 54 24.11 -19.78 -43.70
N ALA A 55 23.56 -19.87 -42.49
CA ALA A 55 23.41 -18.68 -41.66
C ALA A 55 24.77 -18.11 -41.26
N LEU A 56 25.72 -18.98 -40.93
CA LEU A 56 27.05 -18.50 -40.57
C LEU A 56 27.77 -17.91 -41.78
N ALA A 57 27.63 -18.56 -42.94
CA ALA A 57 28.18 -17.99 -44.18
C ALA A 57 27.64 -16.59 -44.43
N GLU A 58 26.34 -16.38 -44.22
CA GLU A 58 25.78 -15.05 -44.40
C GLU A 58 26.25 -14.08 -43.34
N LEU A 59 26.34 -14.53 -42.09
CA LEU A 59 26.69 -13.64 -40.99
C LEU A 59 28.15 -13.20 -41.04
N GLU A 60 29.03 -13.97 -41.70
CA GLU A 60 30.40 -13.52 -41.84
C GLU A 60 30.50 -12.24 -42.66
N LYS A 61 29.47 -11.91 -43.44
CA LYS A 61 29.46 -10.69 -44.24
C LYS A 61 28.97 -9.47 -43.47
N HIS A 62 28.44 -9.65 -42.26
CA HIS A 62 27.95 -8.54 -41.45
C HIS A 62 28.54 -8.53 -40.05
N LYS A 63 29.66 -9.21 -39.83
CA LYS A 63 30.18 -9.40 -38.48
C LYS A 63 30.64 -8.09 -37.84
N ASN A 64 30.88 -7.05 -38.64
CA ASN A 64 31.26 -5.74 -38.11
C ASN A 64 30.13 -4.72 -38.23
N GLU A 65 28.90 -5.19 -38.42
CA GLU A 65 27.73 -4.31 -38.45
C GLU A 65 27.06 -4.35 -37.08
N ASP A 66 26.36 -3.25 -36.76
CA ASP A 66 25.75 -3.10 -35.45
C ASP A 66 24.89 -4.31 -35.09
N GLY A 67 25.07 -4.79 -33.86
CA GLY A 67 24.25 -5.87 -33.33
C GLY A 67 24.68 -7.27 -33.72
N ASN A 68 25.79 -7.41 -34.41
CA ASN A 68 26.29 -8.71 -34.86
C ASN A 68 27.48 -9.15 -34.02
N LEU A 69 27.60 -10.45 -33.81
CA LEU A 69 28.79 -10.99 -33.18
C LEU A 69 30.00 -10.73 -34.06
N THR A 70 31.08 -10.23 -33.45
CA THR A 70 32.28 -9.92 -34.21
C THR A 70 32.88 -11.18 -34.81
N GLU A 71 32.91 -12.27 -34.05
CA GLU A 71 33.25 -13.58 -34.58
C GLU A 71 31.98 -14.41 -34.72
N PRO A 72 31.49 -14.66 -35.93
CA PRO A 72 30.23 -15.39 -36.08
C PRO A 72 30.30 -16.77 -35.44
N SER A 73 29.20 -17.18 -34.84
CA SER A 73 29.15 -18.44 -34.11
C SER A 73 27.70 -18.86 -33.94
N ALA A 74 27.46 -20.16 -33.96
CA ALA A 74 26.14 -20.68 -33.61
C ALA A 74 26.00 -20.75 -32.10
N GLN A 75 24.75 -20.85 -31.65
CA GLN A 75 24.44 -21.00 -30.23
C GLN A 75 23.90 -22.40 -30.00
N ASN A 76 24.69 -23.23 -29.33
CA ASN A 76 24.25 -24.57 -28.96
C ASN A 76 23.70 -24.62 -27.55
N LEU A 77 23.66 -23.49 -26.85
CA LEU A 77 23.04 -23.40 -25.54
C LEU A 77 21.67 -22.74 -25.71
N VAL A 78 20.65 -23.59 -25.85
CA VAL A 78 19.27 -23.13 -25.93
C VAL A 78 18.78 -23.04 -24.49
N TYR A 79 18.66 -21.81 -23.99
CA TYR A 79 18.45 -21.57 -22.56
C TYR A 79 17.91 -20.17 -22.36
N ASP A 80 16.63 -19.94 -22.66
CA ASP A 80 16.07 -18.60 -22.67
C ASP A 80 15.01 -18.34 -21.61
N LEU A 81 14.24 -19.36 -21.22
CA LEU A 81 13.05 -19.12 -20.39
C LEU A 81 12.61 -20.45 -19.78
N GLU A 82 12.58 -20.51 -18.45
CA GLU A 82 12.13 -21.69 -17.72
C GLU A 82 11.20 -21.25 -16.59
N PRO A 83 10.01 -20.76 -16.94
CA PRO A 83 9.12 -20.18 -15.93
C PRO A 83 8.53 -21.20 -14.95
N ASN A 84 8.52 -22.49 -15.28
CA ASN A 84 7.91 -23.50 -14.43
C ASN A 84 8.94 -24.32 -13.66
N ALA A 85 10.21 -23.93 -13.70
CA ALA A 85 11.25 -24.68 -13.01
C ALA A 85 11.02 -24.69 -11.50
N ASN A 86 11.45 -25.78 -10.87
CA ASN A 86 11.44 -25.90 -9.42
C ASN A 86 12.83 -25.62 -8.88
N LEU A 87 12.88 -24.94 -7.74
CA LEU A 87 14.12 -24.49 -7.13
C LEU A 87 14.28 -25.13 -5.76
N SER A 88 15.43 -25.78 -5.55
CA SER A 88 15.85 -26.25 -4.23
C SER A 88 17.10 -25.49 -3.83
N LEU A 89 17.29 -25.28 -2.53
CA LEU A 89 18.31 -24.33 -2.08
C LEU A 89 18.98 -24.81 -0.80
N THR A 90 20.30 -24.84 -0.81
CA THR A 90 21.10 -24.98 0.40
C THR A 90 21.91 -23.71 0.61
N THR A 91 22.42 -23.52 1.82
CA THR A 91 23.22 -22.34 2.13
C THR A 91 23.99 -22.56 3.42
N ASP A 92 25.11 -21.84 3.55
CA ASP A 92 25.78 -21.70 4.83
C ASP A 92 25.46 -20.36 5.49
N GLY A 93 24.56 -19.60 4.91
CA GLY A 93 23.96 -18.43 5.52
C GLY A 93 22.64 -18.78 6.17
N LYS A 94 21.71 -17.84 6.13
CA LYS A 94 20.40 -18.01 6.76
C LYS A 94 19.30 -17.92 5.72
N PHE A 95 18.41 -18.91 5.71
CA PHE A 95 17.16 -18.78 4.98
C PHE A 95 16.30 -17.70 5.62
N LEU A 96 15.56 -16.97 4.78
CA LEU A 96 14.66 -15.92 5.23
C LEU A 96 13.22 -16.36 5.07
N LYS A 97 12.40 -16.09 6.08
CA LYS A 97 10.98 -16.41 5.99
C LYS A 97 10.32 -15.55 4.92
N ALA A 98 9.39 -16.14 4.17
CA ALA A 98 8.61 -15.37 3.22
C ALA A 98 7.83 -14.26 3.93
N SER A 99 7.27 -14.56 5.10
CA SER A 99 6.70 -13.55 5.97
C SER A 99 7.67 -12.40 6.18
N ALA A 100 8.93 -12.71 6.51
CA ALA A 100 9.90 -11.67 6.82
C ALA A 100 10.23 -10.84 5.58
N VAL A 101 10.36 -11.49 4.43
CA VAL A 101 10.57 -10.76 3.18
C VAL A 101 9.43 -9.80 2.92
N ASP A 102 8.19 -10.30 3.06
CA ASP A 102 7.00 -9.46 2.88
C ASP A 102 7.03 -8.27 3.83
N ASP A 103 7.33 -8.53 5.10
CA ASP A 103 7.38 -7.46 6.10
C ASP A 103 8.43 -6.41 5.71
N ALA A 104 9.61 -6.85 5.30
CA ALA A 104 10.65 -5.91 4.87
C ALA A 104 10.20 -5.09 3.67
N PHE A 105 9.53 -5.74 2.71
CA PHE A 105 9.02 -5.00 1.56
C PHE A 105 7.96 -3.99 1.97
N SER A 106 7.22 -4.27 3.03
CA SER A 106 6.16 -3.39 3.51
C SER A 106 6.68 -2.19 4.29
N LYS A 107 7.99 -2.12 4.53
CA LYS A 107 8.56 -1.06 5.36
C LYS A 107 9.62 -0.28 4.58
N SER A 108 10.00 0.84 5.15
CA SER A 108 11.18 1.64 4.74
C SER A 108 11.04 2.02 3.26
N THR A 109 12.15 2.04 2.52
CA THR A 109 12.20 2.67 1.21
C THR A 109 11.34 1.97 0.16
N SER A 110 10.92 0.73 0.40
CA SER A 110 10.03 0.05 -0.53
C SER A 110 8.55 0.26 -0.22
N LYS A 111 8.22 0.63 1.02
CA LYS A 111 6.84 0.60 1.48
C LYS A 111 5.90 1.32 0.52
N ALA A 112 6.29 2.52 0.07
CA ALA A 112 5.48 3.28 -0.88
C ALA A 112 5.01 2.39 -2.04
N LYS A 113 5.98 1.85 -2.79
CA LYS A 113 5.61 1.01 -3.92
C LYS A 113 4.86 -0.23 -3.46
N TYR A 114 5.22 -0.77 -2.29
CA TYR A 114 4.51 -1.92 -1.74
C TYR A 114 3.04 -1.60 -1.55
N ASP A 115 2.73 -0.37 -1.13
CA ASP A 115 1.34 0.00 -0.92
C ASP A 115 0.61 0.25 -2.22
N GLN A 116 1.33 0.33 -3.33
CA GLN A 116 0.75 0.42 -4.67
C GLN A 116 0.76 -0.93 -5.38
N LYS A 117 0.83 -2.03 -4.61
CA LYS A 117 0.90 -3.39 -5.14
C LYS A 117 2.05 -3.53 -6.14
N ILE A 118 3.24 -3.09 -5.71
CA ILE A 118 4.45 -3.22 -6.50
C ILE A 118 5.57 -3.70 -5.58
N LEU A 119 6.26 -4.76 -6.00
CA LEU A 119 7.45 -5.23 -5.31
C LEU A 119 8.65 -4.60 -6.00
N GLN A 120 9.21 -3.55 -5.40
CA GLN A 120 10.35 -2.83 -5.97
C GLN A 120 11.60 -3.41 -5.33
N LEU A 121 12.25 -4.33 -6.05
CA LEU A 121 13.37 -5.07 -5.46
C LEU A 121 14.55 -4.16 -5.20
N ASP A 122 14.80 -3.20 -6.09
CA ASP A 122 15.94 -2.31 -5.89
C ASP A 122 15.71 -1.27 -4.82
N ASP A 123 14.52 -1.19 -4.23
CA ASP A 123 14.26 -0.27 -3.14
C ASP A 123 14.17 -0.96 -1.79
N LEU A 124 14.32 -2.29 -1.75
CA LEU A 124 14.16 -3.03 -0.50
C LEU A 124 15.30 -2.69 0.45
N ASP A 125 14.94 -2.19 1.63
CA ASP A 125 15.89 -1.91 2.69
C ASP A 125 16.07 -3.20 3.49
N ILE A 126 17.21 -3.87 3.31
CA ILE A 126 17.40 -5.20 3.88
C ILE A 126 17.67 -5.20 5.37
N THR A 127 17.76 -4.03 6.00
CA THR A 127 17.96 -3.99 7.45
C THR A 127 16.84 -4.71 8.19
N ASN A 128 15.62 -4.68 7.65
CA ASN A 128 14.48 -5.34 8.26
C ASN A 128 14.42 -6.83 7.95
N LEU A 129 15.48 -7.39 7.36
CA LEU A 129 15.63 -8.83 7.20
C LEU A 129 16.65 -9.41 8.17
N GLU A 130 17.27 -8.57 8.99
CA GLU A 130 18.42 -8.95 9.80
C GLU A 130 18.07 -9.31 11.23
N GLN A 131 16.78 -9.31 11.58
CA GLN A 131 16.32 -9.77 12.88
C GLN A 131 16.35 -11.30 12.97
N SER A 132 16.32 -11.78 14.22
CA SER A 132 16.47 -13.21 14.46
C SER A 132 15.22 -14.01 14.10
N ASN A 133 14.01 -13.46 14.28
CA ASN A 133 12.83 -14.23 13.88
C ASN A 133 12.76 -14.41 12.37
N ASP A 134 13.54 -13.64 11.63
CA ASP A 134 13.40 -13.62 10.19
C ASP A 134 13.99 -14.84 9.53
N VAL A 135 14.67 -15.67 10.27
CA VAL A 135 15.38 -16.81 9.73
C VAL A 135 14.45 -18.00 9.75
N ALA A 136 14.47 -18.77 8.67
CA ALA A 136 13.68 -19.98 8.53
C ALA A 136 14.62 -21.18 8.44
N SER A 137 14.07 -22.37 8.70
CA SER A 137 14.86 -23.58 8.64
C SER A 137 15.05 -24.07 7.22
N SER A 138 14.18 -23.69 6.29
CA SER A 138 14.28 -24.10 4.90
C SER A 138 13.82 -22.96 4.00
N MET A 139 14.21 -23.03 2.73
CA MET A 139 13.86 -21.99 1.77
C MET A 139 12.35 -21.83 1.64
N GLU A 140 11.91 -20.57 1.57
CA GLU A 140 10.52 -20.22 1.34
C GLU A 140 10.44 -19.26 0.15
N LEU A 141 9.37 -19.40 -0.64
CA LEU A 141 9.22 -18.62 -1.86
C LEU A 141 8.39 -17.36 -1.61
N TYR A 142 8.66 -16.32 -2.41
CA TYR A 142 7.94 -15.07 -2.33
C TYR A 142 7.89 -14.45 -3.72
N GLY A 143 6.88 -13.61 -3.95
CA GLY A 143 6.76 -12.94 -5.22
C GLY A 143 5.32 -12.54 -5.50
N ASN A 144 5.09 -12.13 -6.74
CA ASN A 144 3.76 -11.68 -7.17
C ASN A 144 2.90 -12.87 -7.60
N PHE A 145 2.71 -13.78 -6.66
CA PHE A 145 1.83 -14.93 -6.81
C PHE A 145 1.06 -15.11 -5.51
N GLY A 146 0.22 -16.14 -5.47
CA GLY A 146 -0.56 -16.43 -4.27
C GLY A 146 -1.46 -15.26 -3.92
N ASP A 147 -1.44 -14.86 -2.64
CA ASP A 147 -2.24 -13.72 -2.21
C ASP A 147 -1.71 -12.39 -2.75
N LYS A 148 -0.62 -12.42 -3.53
CA LYS A 148 -0.10 -11.25 -4.21
C LYS A 148 -0.12 -11.42 -5.71
N ALA A 149 -0.94 -12.36 -6.21
CA ALA A 149 -1.16 -12.47 -7.65
C ALA A 149 -1.77 -11.19 -8.19
N GLY A 150 -1.31 -10.77 -9.37
CA GLY A 150 -1.71 -9.50 -9.92
C GLY A 150 -0.82 -8.33 -9.54
N TRP A 151 0.05 -8.50 -8.56
CA TRP A 151 1.02 -7.47 -8.20
C TRP A 151 2.08 -7.35 -9.29
N SER A 152 2.83 -6.24 -9.22
CA SER A 152 3.94 -5.99 -10.12
C SER A 152 5.28 -6.11 -9.37
N THR A 153 6.31 -6.48 -10.12
CA THR A 153 7.68 -6.46 -9.63
C THR A 153 8.53 -5.66 -10.60
N THR A 154 9.70 -5.20 -10.12
CA THR A 154 10.66 -4.56 -11.01
C THR A 154 11.38 -5.56 -11.90
N VAL A 155 11.13 -6.86 -11.71
CA VAL A 155 11.85 -7.88 -12.48
C VAL A 155 11.24 -8.03 -13.86
N SER A 156 9.98 -8.48 -13.93
CA SER A 156 9.32 -8.73 -15.20
C SER A 156 7.94 -8.08 -15.26
N ASN A 157 7.76 -6.97 -14.53
CA ASN A 157 6.52 -6.18 -14.51
C ASN A 157 5.35 -7.06 -14.08
N ASN A 158 4.34 -7.31 -14.93
CA ASN A 158 3.14 -8.01 -14.49
C ASN A 158 3.25 -9.52 -14.60
N SER A 159 4.32 -10.04 -15.20
CA SER A 159 4.53 -11.48 -15.24
C SER A 159 4.85 -12.01 -13.85
N GLN A 160 4.43 -13.26 -13.60
CA GLN A 160 4.63 -13.88 -12.31
C GLN A 160 6.08 -14.28 -12.13
N VAL A 161 6.67 -13.87 -11.01
CA VAL A 161 8.02 -14.30 -10.63
C VAL A 161 7.99 -14.75 -9.18
N LYS A 162 8.77 -15.79 -8.88
CA LYS A 162 8.94 -16.29 -7.52
C LYS A 162 10.42 -16.43 -7.22
N TRP A 163 10.81 -16.15 -5.99
CA TRP A 163 12.20 -16.29 -5.59
C TRP A 163 12.28 -16.73 -4.14
N GLY A 164 13.30 -17.54 -3.85
CA GLY A 164 13.67 -17.84 -2.48
C GLY A 164 14.77 -16.90 -2.02
N SER A 165 14.79 -16.61 -0.72
CA SER A 165 15.65 -15.56 -0.20
C SER A 165 16.57 -16.09 0.88
N VAL A 166 17.83 -15.65 0.84
CA VAL A 166 18.82 -15.98 1.86
C VAL A 166 19.53 -14.70 2.29
N LEU A 167 20.10 -14.75 3.49
CA LEU A 167 20.90 -13.68 4.06
C LEU A 167 22.31 -14.19 4.25
N LEU A 168 23.27 -13.58 3.54
CA LEU A 168 24.64 -14.05 3.49
C LEU A 168 25.61 -13.00 4.03
N GLU A 169 26.70 -13.47 4.60
CA GLU A 169 27.85 -12.62 4.87
C GLU A 169 28.86 -12.76 3.74
N ARG A 170 29.89 -11.93 3.76
CA ARG A 170 30.96 -12.05 2.78
C ARG A 170 31.57 -13.44 2.86
N GLY A 171 31.76 -14.06 1.70
CA GLY A 171 32.30 -15.40 1.64
C GLY A 171 31.28 -16.52 1.80
N GLN A 172 30.08 -16.20 2.30
CA GLN A 172 29.03 -17.19 2.40
C GLN A 172 28.33 -17.35 1.05
N SER A 173 27.60 -18.46 0.90
CA SER A 173 27.08 -18.83 -0.40
C SER A 173 25.73 -19.51 -0.25
N ALA A 174 25.02 -19.59 -1.38
CA ALA A 174 23.82 -20.40 -1.53
C ALA A 174 23.90 -21.20 -2.82
N THR A 175 23.53 -22.47 -2.75
CA THR A 175 23.55 -23.37 -3.90
C THR A 175 22.11 -23.69 -4.31
N ALA A 176 21.81 -23.43 -5.57
CA ALA A 176 20.47 -23.61 -6.15
C ALA A 176 20.48 -24.78 -7.12
N THR A 177 19.59 -25.74 -6.90
CA THR A 177 19.33 -26.82 -7.83
C THR A 177 18.01 -26.55 -8.53
N TYR A 178 18.08 -26.26 -9.84
CA TYR A 178 16.90 -26.05 -10.66
C TYR A 178 16.58 -27.33 -11.41
N THR A 179 15.35 -27.81 -11.25
CA THR A 179 14.87 -28.94 -12.04
C THR A 179 13.51 -28.60 -12.65
N ASN A 180 12.84 -29.59 -13.24
CA ASN A 180 11.59 -29.39 -13.96
C ASN A 180 11.77 -28.38 -15.08
N LEU A 181 12.91 -28.45 -15.76
CA LEU A 181 13.18 -27.61 -16.92
C LEU A 181 12.47 -28.18 -18.13
N GLN A 182 11.93 -27.29 -18.97
CA GLN A 182 11.02 -27.71 -20.03
C GLN A 182 11.45 -27.29 -21.44
N ASN A 183 12.27 -26.25 -21.58
CA ASN A 183 12.54 -25.69 -22.90
C ASN A 183 14.00 -25.56 -23.27
N SER A 184 14.92 -26.05 -22.44
CA SER A 184 16.34 -25.73 -22.59
C SER A 184 17.14 -26.98 -22.99
N TYR A 185 18.12 -26.77 -23.88
CA TYR A 185 18.90 -27.86 -24.44
C TYR A 185 20.36 -27.43 -24.57
N CYS A 186 21.25 -28.42 -24.50
CA CYS A 186 22.69 -28.23 -24.65
C CYS A 186 23.27 -29.27 -25.59
N ASN A 187 24.02 -28.79 -26.60
CA ASN A 187 24.46 -29.60 -27.74
C ASN A 187 23.38 -30.57 -28.24
N GLY A 188 22.13 -30.11 -28.28
CA GLY A 188 21.03 -30.97 -28.69
C GLY A 188 20.49 -31.88 -27.60
N LYS A 189 21.21 -31.89 -26.49
CA LYS A 189 20.94 -32.67 -25.27
C LYS A 189 20.01 -31.88 -24.34
N LYS A 190 18.93 -32.48 -23.86
CA LYS A 190 18.01 -31.81 -22.98
C LYS A 190 18.66 -31.60 -21.62
N ILE A 191 18.53 -30.38 -21.11
CA ILE A 191 19.02 -30.03 -19.80
C ILE A 191 17.94 -30.35 -18.77
N SER A 192 18.24 -31.26 -17.85
CA SER A 192 17.28 -31.67 -16.84
C SER A 192 17.53 -31.07 -15.47
N LYS A 193 18.76 -30.65 -15.19
CA LYS A 193 19.09 -30.12 -13.88
C LYS A 193 20.23 -29.10 -14.03
N ILE A 194 20.14 -28.01 -13.27
CA ILE A 194 21.20 -27.02 -13.20
C ILE A 194 21.56 -26.81 -11.74
N VAL A 195 22.85 -26.91 -11.42
CA VAL A 195 23.35 -26.62 -10.08
C VAL A 195 24.22 -25.38 -10.15
N TYR A 196 23.86 -24.37 -9.36
CA TYR A 196 24.34 -23.00 -9.52
C TYR A 196 24.68 -22.45 -8.14
N LYS A 197 25.93 -22.06 -7.93
CA LYS A 197 26.39 -21.60 -6.62
C LYS A 197 26.66 -20.10 -6.66
N TYR A 198 25.97 -19.35 -5.80
CA TYR A 198 26.14 -17.90 -5.67
C TYR A 198 26.91 -17.60 -4.39
N THR A 199 28.05 -16.92 -4.52
CA THR A 199 28.87 -16.54 -3.38
C THR A 199 29.07 -15.03 -3.35
N VAL A 200 28.96 -14.45 -2.17
CA VAL A 200 29.20 -13.02 -1.99
C VAL A 200 30.70 -12.80 -1.98
N ASP A 201 31.21 -12.10 -3.00
CA ASP A 201 32.63 -11.80 -3.10
C ASP A 201 33.08 -11.01 -1.87
N PRO A 202 34.04 -11.53 -1.08
CA PRO A 202 34.49 -10.77 0.10
C PRO A 202 35.11 -9.43 -0.23
N LYS A 203 35.55 -9.22 -1.47
CA LYS A 203 36.13 -7.94 -1.87
C LYS A 203 35.10 -6.87 -2.20
N SER A 204 33.80 -7.18 -2.08
CA SER A 204 32.77 -6.17 -2.25
C SER A 204 32.91 -5.09 -1.19
N LYS A 205 32.65 -3.85 -1.57
CA LYS A 205 32.94 -2.69 -0.73
C LYS A 205 31.72 -2.08 -0.08
N PHE A 206 30.58 -2.76 -0.08
CA PHE A 206 29.38 -2.19 0.53
C PHE A 206 29.57 -2.00 2.03
N GLN A 207 28.89 -1.00 2.59
CA GLN A 207 29.08 -0.59 4.00
C GLN A 207 28.49 -1.52 5.06
N GLY A 208 27.50 -2.34 4.74
CA GLY A 208 26.93 -3.26 5.75
C GLY A 208 27.66 -4.58 5.83
N GLN A 209 27.12 -5.55 6.55
CA GLN A 209 27.84 -6.83 6.61
C GLN A 209 26.98 -7.94 6.00
N LYS A 210 25.74 -7.65 5.59
CA LYS A 210 24.89 -8.75 5.04
C LYS A 210 24.37 -8.46 3.65
N VAL A 211 23.99 -9.50 2.91
CA VAL A 211 23.51 -9.39 1.56
C VAL A 211 22.25 -10.24 1.49
N TRP A 212 21.20 -9.66 0.94
CA TRP A 212 20.00 -10.41 0.61
C TRP A 212 20.13 -10.95 -0.80
N LEU A 213 19.94 -12.26 -0.94
CA LEU A 213 19.87 -12.91 -2.24
C LEU A 213 18.45 -13.37 -2.48
N GLY A 214 17.81 -12.81 -3.50
CA GLY A 214 16.58 -13.35 -4.05
C GLY A 214 16.88 -14.13 -5.29
N ILE A 215 16.82 -15.46 -5.18
CA ILE A 215 17.13 -16.37 -6.27
C ILE A 215 15.80 -16.80 -6.88
N PHE A 216 15.58 -16.42 -8.14
CA PHE A 216 14.32 -16.68 -8.80
C PHE A 216 14.21 -18.14 -9.22
N THR A 217 12.98 -18.66 -9.16
CA THR A 217 12.75 -20.06 -9.53
C THR A 217 13.10 -20.31 -10.98
N ASP A 218 12.85 -19.32 -11.85
CA ASP A 218 13.30 -19.37 -13.23
C ASP A 218 14.80 -19.08 -13.25
N PRO A 219 15.65 -20.08 -13.53
CA PRO A 219 17.10 -19.82 -13.51
C PRO A 219 17.53 -18.81 -14.56
N THR A 220 16.79 -18.68 -15.65
CA THR A 220 17.12 -17.67 -16.66
C THR A 220 16.89 -16.26 -16.15
N LEU A 221 16.14 -16.10 -15.06
CA LEU A 221 15.94 -14.79 -14.44
C LEU A 221 17.08 -14.41 -13.50
N GLY A 222 17.98 -15.33 -13.21
CA GLY A 222 19.16 -14.98 -12.44
C GLY A 222 18.85 -14.74 -10.99
N VAL A 223 19.36 -13.62 -10.46
CA VAL A 223 19.31 -13.35 -9.03
C VAL A 223 19.30 -11.85 -8.81
N PHE A 224 18.73 -11.44 -7.68
CA PHE A 224 18.84 -10.08 -7.17
C PHE A 224 19.67 -10.10 -5.89
N ALA A 225 20.75 -9.33 -5.87
CA ALA A 225 21.64 -9.23 -4.72
C ALA A 225 21.58 -7.82 -4.18
N SER A 226 21.43 -7.68 -2.87
CA SER A 226 21.29 -6.33 -2.32
C SER A 226 21.94 -6.23 -0.95
N ALA A 227 22.79 -5.21 -0.78
CA ALA A 227 23.26 -4.78 0.53
C ALA A 227 22.66 -3.42 0.91
N TYR A 228 21.59 -3.02 0.21
CA TYR A 228 21.01 -1.70 0.38
C TYR A 228 20.35 -1.57 1.75
N THR A 229 20.70 -0.49 2.47
CA THR A 229 20.20 -0.24 3.81
C THR A 229 19.39 1.05 3.90
N GLY A 230 18.95 1.59 2.77
CA GLY A 230 18.14 2.79 2.76
C GLY A 230 18.89 4.04 2.36
N GLN A 231 20.21 3.94 2.26
CA GLN A 231 21.08 5.04 1.88
C GLN A 231 21.98 4.57 0.75
N VAL A 232 22.25 5.45 -0.22
CA VAL A 232 23.25 5.14 -1.23
C VAL A 232 24.64 5.31 -0.62
N GLU A 233 25.63 4.72 -1.27
CA GLU A 233 26.98 4.63 -0.71
C GLU A 233 28.02 5.00 -1.76
N LYS A 234 28.99 5.82 -1.38
CA LYS A 234 30.12 6.13 -2.24
C LYS A 234 31.15 5.01 -2.18
N ASN A 235 31.92 4.88 -3.26
CA ASN A 235 33.00 3.91 -3.35
C ASN A 235 32.54 2.50 -2.94
N THR A 236 31.34 2.14 -3.38
CA THR A 236 30.70 0.91 -2.96
C THR A 236 30.65 -0.08 -4.12
N SER A 237 30.36 -1.33 -3.77
CA SER A 237 30.28 -2.40 -4.76
C SER A 237 29.63 -3.62 -4.13
N ILE A 238 28.88 -4.36 -4.94
CA ILE A 238 28.40 -5.69 -4.59
C ILE A 238 28.71 -6.62 -5.74
N PHE A 239 29.32 -7.76 -5.43
CA PHE A 239 29.78 -8.71 -6.43
C PHE A 239 29.40 -10.12 -5.99
N ILE A 240 28.75 -10.86 -6.89
CA ILE A 240 28.34 -12.23 -6.63
C ILE A 240 29.11 -13.15 -7.57
N LYS A 241 29.80 -14.12 -7.00
CA LYS A 241 30.44 -15.17 -7.78
C LYS A 241 29.42 -16.21 -8.17
N ASN A 242 29.49 -16.67 -9.42
CA ASN A 242 28.56 -17.65 -9.95
C ASN A 242 29.36 -18.83 -10.48
N GLU A 243 29.10 -20.01 -9.93
CA GLU A 243 29.70 -21.26 -10.39
C GLU A 243 28.56 -22.18 -10.77
N PHE A 244 28.57 -22.65 -12.01
CA PHE A 244 27.44 -23.41 -12.52
C PHE A 244 27.90 -24.62 -13.33
N THR A 245 27.08 -25.66 -13.26
CA THR A 245 27.24 -26.91 -14.01
C THR A 245 25.85 -27.34 -14.49
N PHE A 246 25.76 -27.73 -15.75
CA PHE A 246 24.50 -28.18 -16.33
C PHE A 246 24.50 -29.70 -16.44
N TYR A 247 23.33 -30.31 -16.26
CA TYR A 247 23.21 -31.76 -16.23
C TYR A 247 22.11 -32.21 -17.19
N ASP A 248 22.32 -33.40 -17.76
CA ASP A 248 21.38 -33.96 -18.71
C ASP A 248 20.38 -34.85 -17.99
N GLU A 249 19.54 -35.54 -18.77
CA GLU A 249 18.51 -36.41 -18.21
C GLU A 249 19.09 -37.49 -17.32
N ASP A 250 20.26 -38.02 -17.66
CA ASP A 250 20.87 -39.10 -16.90
C ASP A 250 21.60 -38.60 -15.64
N GLY A 251 21.50 -37.31 -15.34
CA GLY A 251 22.20 -36.73 -14.20
C GLY A 251 23.68 -36.55 -14.39
N LYS A 252 24.18 -36.66 -15.62
CA LYS A 252 25.57 -36.53 -16.05
C LYS A 252 25.87 -35.08 -16.44
N PRO A 253 26.98 -34.52 -15.97
CA PRO A 253 27.34 -33.16 -16.37
C PRO A 253 27.51 -33.03 -17.88
N ILE A 254 27.16 -31.86 -18.39
CA ILE A 254 27.27 -31.54 -19.80
C ILE A 254 28.49 -30.65 -20.02
N ASN A 255 29.41 -31.09 -20.87
CA ASN A 255 30.59 -30.31 -21.18
C ASN A 255 30.23 -29.28 -22.24
N PHE A 256 30.25 -28.00 -21.85
CA PHE A 256 30.01 -26.94 -22.83
C PHE A 256 31.05 -27.04 -23.94
N ASP A 257 30.62 -26.74 -25.17
CA ASP A 257 31.49 -26.78 -26.34
C ASP A 257 31.30 -25.47 -27.08
N ASN A 258 32.06 -24.46 -26.70
CA ASN A 258 31.93 -23.11 -27.24
C ASN A 258 30.48 -22.63 -27.11
N ALA A 259 29.89 -22.87 -25.95
CA ALA A 259 28.58 -22.32 -25.66
C ALA A 259 28.68 -20.83 -25.41
N LEU A 260 27.65 -20.10 -25.83
CA LEU A 260 27.60 -18.65 -25.69
C LEU A 260 26.77 -18.30 -24.46
N LEU A 261 27.44 -17.81 -23.42
CA LEU A 261 26.75 -17.31 -22.24
C LEU A 261 26.50 -15.81 -22.43
N SER A 262 25.24 -15.42 -22.40
CA SER A 262 24.86 -14.01 -22.59
C SER A 262 25.07 -13.26 -21.28
N VAL A 263 26.00 -12.29 -21.28
CA VAL A 263 26.20 -11.41 -20.15
C VAL A 263 25.56 -10.09 -20.54
N ALA A 264 24.38 -9.83 -20.01
CA ALA A 264 23.52 -8.79 -20.54
C ALA A 264 23.08 -7.83 -19.44
N SER A 265 22.57 -6.67 -19.89
CA SER A 265 22.09 -5.59 -19.03
C SER A 265 23.18 -5.09 -18.10
N LEU A 266 24.36 -4.82 -18.69
CA LEU A 266 25.48 -4.26 -17.94
C LEU A 266 25.35 -2.74 -18.00
N ASN A 267 24.49 -2.21 -17.15
CA ASN A 267 24.21 -0.78 -17.14
C ASN A 267 25.39 0.01 -16.62
N ARG A 268 25.70 1.11 -17.29
CA ARG A 268 26.69 2.07 -16.79
C ARG A 268 26.05 3.45 -16.76
N GLU A 269 25.82 3.97 -15.56
CA GLU A 269 25.41 5.35 -15.37
C GLU A 269 26.66 6.19 -15.09
N HIS A 270 26.45 7.50 -14.89
CA HIS A 270 27.58 8.40 -14.66
C HIS A 270 28.38 8.01 -13.43
N ASN A 271 27.75 7.36 -12.45
CA ASN A 271 28.39 7.04 -11.19
C ASN A 271 28.39 5.54 -10.88
N SER A 272 28.04 4.69 -11.84
CA SER A 272 27.87 3.27 -11.54
C SER A 272 28.19 2.43 -12.76
N ILE A 273 28.80 1.27 -12.52
CA ILE A 273 29.20 0.35 -13.57
C ILE A 273 28.79 -1.06 -13.16
N GLU A 274 28.01 -1.72 -14.01
CA GLU A 274 27.66 -3.16 -13.84
C GLU A 274 28.63 -3.93 -14.73
N MET A 275 29.24 -4.97 -14.20
CA MET A 275 30.29 -5.66 -14.93
C MET A 275 30.35 -7.12 -14.55
N ALA A 276 31.09 -7.87 -15.38
CA ALA A 276 31.46 -9.25 -15.12
C ALA A 276 32.98 -9.38 -15.17
N LYS A 277 33.51 -10.26 -14.34
CA LYS A 277 34.96 -10.45 -14.23
C LYS A 277 35.21 -11.86 -13.69
N ASP A 278 36.49 -12.20 -13.57
CA ASP A 278 36.95 -13.49 -13.04
C ASP A 278 36.12 -14.65 -13.62
N TYR A 279 36.13 -14.74 -14.94
CA TYR A 279 35.27 -15.65 -15.67
C TYR A 279 36.09 -16.67 -16.47
N SER A 280 35.60 -17.89 -16.52
CA SER A 280 36.06 -18.88 -17.49
C SER A 280 35.56 -18.52 -18.88
N GLY A 281 36.29 -18.98 -19.90
CA GLY A 281 35.94 -18.70 -21.28
C GLY A 281 36.51 -17.36 -21.70
N LYS A 282 36.14 -16.99 -22.91
CA LYS A 282 36.70 -15.80 -23.57
C LYS A 282 35.61 -14.81 -23.91
N PHE A 283 35.85 -13.53 -23.69
CA PHE A 283 34.82 -12.57 -24.05
C PHE A 283 34.60 -12.51 -25.56
N VAL A 284 33.35 -12.36 -25.96
CA VAL A 284 32.94 -12.23 -27.36
C VAL A 284 32.15 -10.94 -27.50
N LYS A 285 32.64 -10.03 -28.33
CA LYS A 285 32.04 -8.72 -28.51
C LYS A 285 30.90 -8.76 -29.51
N ILE A 286 29.86 -7.98 -29.23
CA ILE A 286 28.81 -7.68 -30.19
C ILE A 286 29.14 -6.34 -30.83
N SER A 287 29.21 -6.31 -32.16
CA SER A 287 29.63 -5.11 -32.86
C SER A 287 28.66 -3.96 -32.60
N GLY A 288 29.23 -2.80 -32.24
CA GLY A 288 28.43 -1.62 -31.92
C GLY A 288 27.94 -1.56 -30.50
N SER A 289 28.10 -2.62 -29.72
CA SER A 289 27.70 -2.60 -28.32
C SER A 289 28.61 -1.68 -27.50
N SER A 290 28.01 -1.03 -26.50
CA SER A 290 28.81 -0.30 -25.52
C SER A 290 29.71 -1.22 -24.71
N ILE A 291 29.40 -2.51 -24.67
CA ILE A 291 30.08 -3.46 -23.80
C ILE A 291 31.34 -3.99 -24.47
N GLY A 292 32.47 -3.91 -23.76
CA GLY A 292 33.72 -4.49 -24.18
C GLY A 292 34.47 -5.08 -23.00
N GLU A 293 35.73 -5.44 -23.21
CA GLU A 293 36.57 -6.03 -22.18
C GLU A 293 37.80 -5.17 -21.97
N LYS A 294 38.10 -4.88 -20.70
CA LYS A 294 39.27 -4.11 -20.32
C LYS A 294 39.74 -4.59 -18.96
N ASN A 295 41.04 -4.88 -18.86
CA ASN A 295 41.66 -5.33 -17.61
C ASN A 295 40.89 -6.50 -17.01
N GLY A 296 40.54 -7.46 -17.86
CA GLY A 296 39.83 -8.64 -17.40
C GLY A 296 38.43 -8.38 -16.88
N MET A 297 37.82 -7.26 -17.24
CA MET A 297 36.46 -6.93 -16.82
C MET A 297 35.61 -6.65 -18.06
N ILE A 298 34.37 -7.12 -18.04
CA ILE A 298 33.43 -6.93 -19.14
C ILE A 298 32.42 -5.87 -18.71
N TYR A 299 32.42 -4.74 -19.39
CA TYR A 299 31.53 -3.63 -19.02
C TYR A 299 31.55 -2.59 -20.13
N ALA A 300 30.83 -1.49 -19.92
CA ALA A 300 30.81 -0.37 -20.85
C ALA A 300 32.13 0.37 -20.72
N THR A 301 33.07 0.08 -21.61
CA THR A 301 34.47 0.46 -21.40
C THR A 301 34.70 1.95 -21.63
N ASP A 302 34.02 2.56 -22.58
CA ASP A 302 34.37 3.91 -23.01
C ASP A 302 33.25 4.92 -22.88
N THR A 303 31.99 4.49 -22.91
CA THR A 303 30.87 5.41 -22.80
C THR A 303 29.91 4.89 -21.73
N LEU A 304 29.05 5.80 -21.26
CA LEU A 304 27.88 5.38 -20.52
C LEU A 304 26.88 4.74 -21.48
N ASN A 305 25.81 4.18 -20.92
CA ASN A 305 24.72 3.69 -21.75
C ASN A 305 23.37 4.00 -21.15
N PHE A 306 23.28 5.05 -20.33
CA PHE A 306 22.04 5.34 -19.62
C PHE A 306 21.09 6.22 -20.44
N LYS A 307 21.59 7.35 -20.94
CA LYS A 307 20.76 8.33 -21.64
C LYS A 307 21.46 8.78 -22.90
N GLN A 308 20.69 8.89 -24.00
CA GLN A 308 21.25 9.33 -25.27
C GLN A 308 21.85 10.72 -25.13
N GLY A 309 23.11 10.85 -25.56
CA GLY A 309 23.82 12.11 -25.45
C GLY A 309 24.60 12.29 -24.17
N GLU A 310 24.26 11.56 -23.12
CA GLU A 310 24.95 11.67 -21.84
C GLU A 310 26.11 10.68 -21.81
N GLY A 311 27.31 11.19 -21.56
CA GLY A 311 28.48 10.35 -21.44
C GLY A 311 28.78 9.52 -22.67
N GLY A 312 28.44 10.02 -23.85
CA GLY A 312 28.74 9.32 -25.08
C GLY A 312 27.81 8.17 -25.41
N SER A 313 26.68 8.05 -24.71
CA SER A 313 25.78 6.93 -24.93
C SER A 313 24.89 7.19 -26.14
N ARG A 314 24.74 6.16 -26.97
CA ARG A 314 23.98 6.29 -28.20
C ARG A 314 22.48 6.25 -27.97
N TRP A 315 22.03 5.50 -26.95
CA TRP A 315 20.62 5.27 -26.73
C TRP A 315 20.30 5.39 -25.25
N THR A 316 19.01 5.54 -24.96
CA THR A 316 18.50 5.63 -23.60
C THR A 316 17.98 4.25 -23.17
N MET A 317 18.32 3.86 -21.93
CA MET A 317 18.02 2.50 -21.49
C MET A 317 16.53 2.30 -21.23
N TYR A 318 15.81 3.34 -20.83
CA TYR A 318 14.37 3.28 -20.66
C TYR A 318 13.69 3.85 -21.89
N LYS A 319 12.44 3.45 -22.09
CA LYS A 319 11.71 3.86 -23.28
C LYS A 319 11.25 5.29 -23.10
N ASN A 320 11.42 6.09 -24.16
CA ASN A 320 10.98 7.46 -24.03
C ASN A 320 10.75 8.07 -25.40
N SER A 321 10.97 9.38 -25.48
CA SER A 321 10.76 10.22 -26.64
C SER A 321 11.59 9.70 -27.83
N GLN A 322 12.88 9.43 -27.60
CA GLN A 322 13.89 9.17 -28.63
C GLN A 322 13.79 7.79 -29.29
N ALA A 323 14.20 7.73 -30.57
CA ALA A 323 14.29 6.46 -31.29
C ALA A 323 15.39 5.58 -30.69
N GLY A 324 15.17 4.27 -30.73
CA GLY A 324 16.12 3.33 -30.16
C GLY A 324 16.13 3.27 -28.65
N SER A 325 15.30 4.05 -27.98
CA SER A 325 15.27 4.07 -26.53
C SER A 325 14.65 2.78 -25.99
N GLY A 326 14.77 2.60 -24.67
CA GLY A 326 14.28 1.38 -24.06
C GLY A 326 15.10 0.15 -24.36
N TRP A 327 16.40 0.31 -24.59
CA TRP A 327 17.22 -0.84 -24.93
C TRP A 327 17.33 -1.83 -23.78
N ASP A 328 17.06 -1.40 -22.54
CA ASP A 328 17.15 -2.34 -21.43
C ASP A 328 15.87 -3.19 -21.27
N SER A 329 15.50 -3.91 -22.30
CA SER A 329 14.35 -4.83 -22.28
C SER A 329 14.79 -6.10 -23.02
N SER A 330 14.22 -7.25 -22.66
CA SER A 330 14.45 -8.56 -23.25
C SER A 330 14.03 -8.64 -24.72
N ASP A 331 13.00 -7.84 -25.02
CA ASP A 331 12.37 -7.76 -26.34
C ASP A 331 12.82 -6.53 -27.10
N ALA A 332 13.69 -5.71 -26.54
CA ALA A 332 14.19 -4.54 -27.22
C ALA A 332 15.09 -5.00 -28.36
N PRO A 333 14.86 -4.56 -29.59
CA PRO A 333 15.70 -5.02 -30.71
C PRO A 333 17.15 -4.59 -30.62
N ASN A 334 17.44 -3.52 -29.89
CA ASN A 334 18.81 -3.07 -29.68
C ASN A 334 19.30 -3.35 -28.26
N SER A 335 18.70 -4.33 -27.58
CA SER A 335 19.20 -4.81 -26.30
C SER A 335 20.70 -5.06 -26.33
N TRP A 336 21.22 -5.57 -27.45
CA TRP A 336 22.65 -5.88 -27.57
C TRP A 336 23.54 -4.70 -27.21
N TYR A 337 22.99 -3.49 -27.17
CA TYR A 337 23.80 -2.32 -26.81
C TYR A 337 24.37 -2.43 -25.41
N GLY A 338 23.72 -3.20 -24.53
CA GLY A 338 24.23 -3.35 -23.18
C GLY A 338 24.62 -4.79 -22.85
N ALA A 339 24.93 -5.58 -23.87
CA ALA A 339 25.19 -7.00 -23.69
C ALA A 339 26.45 -7.41 -24.43
N GLY A 340 27.07 -8.48 -23.92
CA GLY A 340 28.15 -9.16 -24.60
C GLY A 340 28.04 -10.66 -24.39
N ALA A 341 29.06 -11.44 -24.78
CA ALA A 341 28.98 -12.87 -24.60
C ALA A 341 30.27 -13.40 -24.00
N ILE A 342 30.19 -14.63 -23.53
CA ILE A 342 31.36 -15.39 -23.07
C ILE A 342 31.29 -16.75 -23.73
N LYS A 343 32.27 -17.05 -24.58
CA LYS A 343 32.41 -18.39 -25.13
C LYS A 343 33.03 -19.28 -24.07
N MET A 344 32.32 -20.34 -23.70
CA MET A 344 32.70 -21.20 -22.59
C MET A 344 32.74 -22.64 -23.03
N SER A 345 33.61 -23.41 -22.38
CA SER A 345 33.73 -24.84 -22.60
C SER A 345 33.94 -25.52 -21.25
N GLY A 346 33.78 -26.84 -21.24
CA GLY A 346 33.94 -27.61 -20.02
C GLY A 346 32.66 -27.74 -19.24
N PRO A 347 32.68 -28.60 -18.21
CA PRO A 347 31.45 -28.88 -17.45
C PRO A 347 31.18 -27.88 -16.33
N ASN A 348 32.24 -27.32 -15.74
CA ASN A 348 32.10 -26.39 -14.62
C ASN A 348 32.59 -25.02 -15.06
N ASN A 349 31.70 -24.03 -15.05
CA ASN A 349 32.08 -22.69 -15.47
C ASN A 349 31.72 -21.69 -14.38
N TYR A 350 32.26 -20.48 -14.49
CA TYR A 350 32.12 -19.50 -13.43
C TYR A 350 32.34 -18.10 -13.98
N VAL A 351 31.75 -17.13 -13.28
CA VAL A 351 31.91 -15.71 -13.57
C VAL A 351 31.37 -14.90 -12.39
N THR A 352 32.02 -13.80 -12.04
CA THR A 352 31.53 -12.90 -11.01
C THR A 352 30.85 -11.71 -11.66
N VAL A 353 29.62 -11.43 -11.25
CA VAL A 353 28.86 -10.31 -11.79
C VAL A 353 28.54 -9.36 -10.64
N GLY A 354 28.59 -8.07 -10.91
CA GLY A 354 28.29 -7.15 -9.83
C GLY A 354 28.18 -5.72 -10.32
N ALA A 355 27.92 -4.84 -9.35
CA ALA A 355 27.83 -3.40 -9.58
C ALA A 355 28.82 -2.68 -8.68
N THR A 356 29.40 -1.61 -9.18
CA THR A 356 30.43 -0.91 -8.44
C THR A 356 30.39 0.57 -8.79
N SER A 357 30.73 1.41 -7.82
CA SER A 357 30.83 2.84 -8.06
C SER A 357 31.95 3.11 -9.06
N ALA A 358 31.71 4.08 -9.95
CA ALA A 358 32.67 4.39 -11.00
C ALA A 358 34.06 4.70 -10.43
N THR A 359 34.09 5.34 -9.26
CA THR A 359 35.36 5.70 -8.64
C THR A 359 36.22 4.48 -8.28
N ASN A 360 35.59 3.31 -8.11
CA ASN A 360 36.35 2.10 -7.84
C ASN A 360 37.07 1.56 -9.06
N VAL A 361 36.68 2.00 -10.26
CA VAL A 361 37.19 1.42 -11.50
C VAL A 361 38.28 2.28 -12.13
N MET A 362 38.15 3.61 -12.03
CA MET A 362 39.04 4.51 -12.75
C MET A 362 39.07 5.84 -12.02
N PRO A 363 40.10 6.66 -12.25
CA PRO A 363 40.12 7.99 -11.65
C PRO A 363 39.08 8.89 -12.30
N VAL A 364 38.69 9.92 -11.55
CA VAL A 364 37.74 10.91 -12.08
C VAL A 364 38.27 11.56 -13.35
N SER A 365 39.60 11.64 -13.49
CA SER A 365 40.21 12.12 -14.72
C SER A 365 39.63 11.42 -15.95
N ASP A 366 39.52 10.09 -15.89
CA ASP A 366 39.08 9.28 -17.03
C ASP A 366 37.58 9.24 -17.22
N MET A 367 36.80 9.91 -16.38
CA MET A 367 35.40 9.58 -16.49
C MET A 367 34.68 10.51 -17.47
N PRO A 368 33.66 9.99 -18.16
CA PRO A 368 32.80 10.84 -18.98
C PRO A 368 32.14 11.92 -18.13
N VAL A 369 32.04 13.12 -18.69
CA VAL A 369 31.51 14.28 -17.97
C VAL A 369 30.10 14.54 -18.47
N VAL A 370 29.15 14.53 -17.53
CA VAL A 370 27.75 14.80 -17.80
C VAL A 370 27.36 16.07 -17.03
N PRO A 371 26.94 17.13 -17.71
CA PRO A 371 26.59 18.38 -16.99
C PRO A 371 25.50 18.16 -15.95
N GLY A 372 25.76 18.62 -14.74
CA GLY A 372 24.79 18.57 -13.67
C GLY A 372 24.80 17.32 -12.83
N LYS A 373 25.67 16.36 -13.13
CA LYS A 373 25.69 15.08 -12.45
C LYS A 373 27.07 14.82 -11.86
N ASP A 374 27.10 14.51 -10.57
CA ASP A 374 28.36 14.27 -9.86
C ASP A 374 28.79 12.82 -10.05
N ASN A 375 29.93 12.61 -10.69
CA ASN A 375 30.42 11.25 -10.91
C ASN A 375 30.78 10.54 -9.62
N THR A 376 30.95 11.28 -8.53
CA THR A 376 31.24 10.69 -7.22
C THR A 376 29.99 10.39 -6.42
N ASP A 377 28.80 10.59 -7.00
CA ASP A 377 27.56 10.30 -6.32
C ASP A 377 27.53 8.85 -5.83
N GLY A 378 26.96 8.64 -4.65
CA GLY A 378 26.77 7.30 -4.15
C GLY A 378 25.73 6.53 -4.95
N LYS A 379 25.77 5.21 -4.81
CA LYS A 379 24.83 4.33 -5.48
C LYS A 379 24.33 3.28 -4.52
N LYS A 380 23.21 2.68 -4.87
CA LYS A 380 22.66 1.59 -4.07
C LYS A 380 23.48 0.33 -4.29
N PRO A 381 23.96 -0.34 -3.25
CA PRO A 381 24.73 -1.58 -3.46
C PRO A 381 23.82 -2.77 -3.72
N ASN A 382 23.16 -2.76 -4.87
CA ASN A 382 22.34 -3.88 -5.29
C ASN A 382 22.43 -4.03 -6.81
N ILE A 383 22.00 -5.19 -7.29
CA ILE A 383 22.07 -5.52 -8.70
C ILE A 383 21.13 -6.69 -8.98
N TRP A 384 20.42 -6.59 -10.09
CA TRP A 384 19.75 -7.74 -10.68
C TRP A 384 20.56 -8.20 -11.89
N TYR A 385 20.82 -9.49 -11.98
CA TYR A 385 21.52 -9.98 -13.17
C TYR A 385 21.09 -11.41 -13.46
N SER A 386 21.38 -11.84 -14.67
CA SER A 386 21.06 -13.20 -15.09
C SER A 386 22.10 -13.65 -16.10
N LEU A 387 22.39 -14.95 -16.07
CA LEU A 387 23.30 -15.58 -17.03
C LEU A 387 22.56 -16.73 -17.69
N ASN A 388 22.24 -16.57 -18.97
CA ASN A 388 21.49 -17.56 -19.71
C ASN A 388 22.04 -17.61 -21.14
N GLY A 389 21.33 -18.32 -22.01
CA GLY A 389 21.70 -18.44 -23.41
C GLY A 389 21.01 -17.48 -24.35
N LYS A 390 20.21 -16.53 -23.84
CA LYS A 390 19.52 -15.58 -24.70
C LYS A 390 20.52 -14.55 -25.20
N ILE A 391 21.34 -14.97 -26.18
CA ILE A 391 22.33 -14.08 -26.75
C ILE A 391 21.63 -12.94 -27.47
N ARG A 392 22.14 -11.72 -27.27
CA ARG A 392 21.46 -10.52 -27.73
C ARG A 392 21.88 -10.08 -29.13
N ALA A 393 22.87 -10.74 -29.72
CA ALA A 393 23.19 -10.48 -31.12
C ALA A 393 22.04 -10.97 -32.00
N VAL A 394 21.97 -10.41 -33.22
CA VAL A 394 20.88 -10.71 -34.13
C VAL A 394 21.27 -11.88 -35.03
N ASN A 395 20.27 -12.68 -35.40
CA ASN A 395 20.39 -13.74 -36.40
C ASN A 395 21.40 -14.82 -35.99
N VAL A 396 21.53 -15.08 -34.69
CA VAL A 396 22.46 -16.13 -34.26
C VAL A 396 21.74 -17.47 -34.37
N PRO A 397 22.15 -18.34 -35.30
CA PRO A 397 21.43 -19.61 -35.48
C PRO A 397 21.61 -20.52 -34.27
N LYS A 398 20.51 -21.13 -33.82
CA LYS A 398 20.54 -22.01 -32.62
C LYS A 398 20.70 -23.48 -33.01
N VAL A 399 21.50 -24.21 -32.24
CA VAL A 399 21.74 -25.63 -32.44
C VAL A 399 20.82 -26.36 -31.47
N THR A 400 19.72 -26.89 -31.99
CA THR A 400 18.72 -27.55 -31.16
C THR A 400 18.66 -29.05 -31.36
N LYS A 401 19.21 -29.58 -32.44
CA LYS A 401 19.07 -30.99 -32.79
C LYS A 401 20.41 -31.70 -32.65
N GLU A 402 20.39 -32.82 -31.93
CA GLU A 402 21.55 -33.66 -31.74
C GLU A 402 21.59 -34.73 -32.82
N LYS A 403 22.80 -35.08 -33.27
CA LYS A 403 22.93 -36.14 -34.25
C LYS A 403 22.55 -37.45 -33.58
N PRO A 404 21.57 -38.19 -34.10
CA PRO A 404 21.08 -39.37 -33.39
C PRO A 404 22.02 -40.55 -33.55
N THR A 405 22.11 -41.35 -32.50
CA THR A 405 22.87 -42.59 -32.50
C THR A 405 21.96 -43.76 -32.87
N PRO A 406 22.43 -44.65 -33.75
CA PRO A 406 21.62 -45.82 -34.12
C PRO A 406 21.27 -46.65 -32.90
N PRO A 407 20.02 -47.10 -32.79
CA PRO A 407 19.60 -47.90 -31.65
C PRO A 407 20.19 -49.30 -31.67
N VAL A 408 20.32 -49.89 -30.49
CA VAL A 408 20.85 -51.24 -30.32
C VAL A 408 19.72 -52.19 -29.95
N LYS A 409 19.77 -53.41 -30.48
CA LYS A 409 18.73 -54.39 -30.21
C LYS A 409 19.03 -55.12 -28.91
N PRO A 410 18.05 -55.31 -28.03
CA PRO A 410 18.29 -56.04 -26.78
C PRO A 410 18.24 -57.55 -26.95
N THR A 411 18.97 -58.25 -26.07
CA THR A 411 18.99 -59.71 -26.07
C THR A 411 18.98 -60.22 -24.63
N GLU B 18 4.97 -7.09 -83.83
CA GLU B 18 3.61 -7.60 -84.10
C GLU B 18 3.16 -8.59 -83.03
N ALA B 19 4.11 -9.38 -82.51
CA ALA B 19 3.80 -10.28 -81.41
C ALA B 19 3.38 -9.52 -80.16
N LYS B 20 3.93 -8.33 -79.96
CA LYS B 20 3.61 -7.53 -78.79
C LYS B 20 2.64 -6.41 -79.08
N LEU B 21 2.36 -6.11 -80.36
CA LEU B 21 1.23 -5.24 -80.64
C LEU B 21 -0.09 -5.91 -80.28
N ALA B 22 -0.14 -7.25 -80.37
CA ALA B 22 -1.32 -7.97 -79.89
C ALA B 22 -1.47 -7.82 -78.38
N LYS B 23 -0.36 -7.92 -77.63
CA LYS B 23 -0.44 -7.73 -76.18
C LYS B 23 -0.75 -6.28 -75.83
N TYR B 24 -0.22 -5.34 -76.61
CA TYR B 24 -0.57 -3.94 -76.42
C TYR B 24 -2.04 -3.70 -76.67
N GLN B 25 -2.62 -4.41 -77.64
CA GLN B 25 -4.05 -4.27 -77.92
C GLN B 25 -4.89 -4.90 -76.81
N ALA B 26 -4.45 -6.05 -76.27
CA ALA B 26 -5.21 -6.63 -75.17
C ALA B 26 -5.04 -5.83 -73.88
N ASP B 27 -3.87 -5.22 -73.68
CA ASP B 27 -3.71 -4.30 -72.56
C ASP B 27 -4.49 -3.03 -72.79
N LEU B 28 -4.69 -2.65 -74.05
CA LEU B 28 -5.43 -1.44 -74.34
C LEU B 28 -6.91 -1.67 -74.15
N ALA B 29 -7.36 -2.90 -74.36
CA ALA B 29 -8.74 -3.25 -74.07
C ALA B 29 -8.97 -3.47 -72.58
N LYS B 30 -7.95 -3.95 -71.85
CA LYS B 30 -8.11 -4.06 -70.41
C LYS B 30 -8.07 -2.70 -69.74
N TYR B 31 -7.23 -1.79 -70.26
CA TYR B 31 -7.27 -0.40 -69.83
C TYR B 31 -8.60 0.22 -70.19
N GLN B 32 -9.12 -0.14 -71.36
CA GLN B 32 -10.36 0.44 -71.85
C GLN B 32 -11.46 0.02 -70.88
N LYS B 33 -11.38 -1.23 -70.42
CA LYS B 33 -12.38 -1.79 -69.47
C LYS B 33 -12.26 -1.07 -68.12
N ASP B 34 -11.03 -0.92 -67.60
CA ASP B 34 -10.80 -0.28 -66.32
C ASP B 34 -11.27 1.17 -66.35
N LEU B 35 -11.05 1.84 -67.48
CA LEU B 35 -11.50 3.23 -67.62
C LEU B 35 -13.02 3.30 -67.68
N ALA B 36 -13.66 2.30 -68.29
CA ALA B 36 -15.12 2.28 -68.28
C ALA B 36 -15.65 2.05 -66.86
N ASP B 37 -14.90 1.33 -66.02
CA ASP B 37 -15.42 1.03 -64.68
C ASP B 37 -15.00 2.05 -63.62
N TYR B 38 -13.99 2.87 -63.89
CA TYR B 38 -13.51 3.80 -62.88
C TYR B 38 -14.56 4.76 -62.35
N PRO B 39 -15.40 5.41 -63.17
CA PRO B 39 -16.40 6.33 -62.59
C PRO B 39 -17.36 5.65 -61.65
N VAL B 40 -17.79 4.42 -61.98
CA VAL B 40 -18.70 3.68 -61.13
C VAL B 40 -18.03 3.36 -59.80
N LYS B 41 -16.78 2.88 -59.85
CA LYS B 41 -16.03 2.59 -58.64
C LYS B 41 -15.87 3.83 -57.76
N LEU B 42 -15.55 4.97 -58.38
CA LEU B 42 -15.33 6.19 -57.61
C LEU B 42 -16.62 6.67 -56.97
N LYS B 43 -17.75 6.60 -57.69
CA LYS B 43 -19.01 7.04 -57.11
C LYS B 43 -19.46 6.10 -56.00
N ALA B 44 -19.24 4.79 -56.17
CA ALA B 44 -19.56 3.84 -55.11
C ALA B 44 -18.72 4.13 -53.86
N TYR B 45 -17.43 4.38 -54.04
CA TYR B 45 -16.57 4.69 -52.90
C TYR B 45 -17.04 5.95 -52.18
N GLU B 46 -17.33 7.01 -52.94
CA GLU B 46 -17.74 8.27 -52.33
C GLU B 46 -19.07 8.12 -51.60
N ASP B 47 -20.00 7.34 -52.18
CA ASP B 47 -21.28 7.11 -51.53
C ASP B 47 -21.11 6.33 -50.23
N GLU B 48 -20.25 5.32 -50.24
CA GLU B 48 -20.02 4.57 -49.01
C GLU B 48 -19.34 5.44 -47.95
N GLN B 49 -18.42 6.31 -48.36
CA GLN B 49 -17.78 7.20 -47.41
C GLN B 49 -18.81 8.14 -46.76
N THR B 50 -19.68 8.73 -47.58
CA THR B 50 -20.76 9.57 -47.05
C THR B 50 -21.62 8.79 -46.06
N SER B 51 -22.03 7.58 -46.45
CA SER B 51 -22.91 6.78 -45.59
C SER B 51 -22.22 6.43 -44.27
N ILE B 52 -20.93 6.07 -44.34
CA ILE B 52 -20.19 5.72 -43.12
C ILE B 52 -20.08 6.92 -42.20
N LYS B 53 -19.79 8.10 -42.77
CA LYS B 53 -19.64 9.29 -41.94
C LYS B 53 -20.96 9.67 -41.27
N ALA B 54 -22.07 9.57 -42.01
CA ALA B 54 -23.37 9.81 -41.40
C ALA B 54 -23.66 8.80 -40.30
N ALA B 55 -23.33 7.53 -40.54
CA ALA B 55 -23.58 6.49 -39.55
C ALA B 55 -22.75 6.72 -38.29
N LEU B 56 -21.50 7.15 -38.44
CA LEU B 56 -20.67 7.42 -37.27
C LEU B 56 -21.14 8.64 -36.51
N ALA B 57 -21.56 9.70 -37.22
CA ALA B 57 -22.17 10.84 -36.56
C ALA B 57 -23.37 10.41 -35.74
N GLU B 58 -24.18 9.51 -36.29
CA GLU B 58 -25.33 9.00 -35.55
C GLU B 58 -24.91 8.13 -34.37
N LEU B 59 -23.87 7.32 -34.55
CA LEU B 59 -23.45 6.40 -33.50
C LEU B 59 -22.82 7.12 -32.32
N GLU B 60 -22.24 8.30 -32.55
CA GLU B 60 -21.67 9.03 -31.42
C GLU B 60 -22.73 9.45 -30.41
N LYS B 61 -23.99 9.49 -30.81
CA LYS B 61 -25.00 9.92 -29.81
C LYS B 61 -25.56 8.70 -29.07
N HIS B 62 -25.15 7.51 -29.46
CA HIS B 62 -25.57 6.31 -28.76
C HIS B 62 -24.38 5.50 -28.22
N LYS B 63 -23.19 6.12 -28.13
CA LYS B 63 -21.97 5.37 -27.85
C LYS B 63 -21.89 4.81 -26.43
N ASN B 64 -22.72 5.28 -25.51
CA ASN B 64 -22.71 4.77 -24.14
C ASN B 64 -23.91 3.87 -23.83
N GLU B 65 -24.58 3.36 -24.86
CA GLU B 65 -25.68 2.43 -24.69
C GLU B 65 -25.17 1.00 -24.88
N ASP B 66 -25.86 0.05 -24.25
CA ASP B 66 -25.46 -1.35 -24.27
C ASP B 66 -25.19 -1.83 -25.69
N GLY B 67 -24.07 -2.53 -25.87
CA GLY B 67 -23.73 -3.12 -27.13
C GLY B 67 -23.05 -2.21 -28.13
N ASN B 68 -22.72 -0.99 -27.75
CA ASN B 68 -22.09 -0.03 -28.64
C ASN B 68 -20.62 0.12 -28.31
N LEU B 69 -19.81 0.35 -29.34
CA LEU B 69 -18.42 0.72 -29.12
C LEU B 69 -18.36 2.05 -28.41
N THR B 70 -17.53 2.14 -27.36
CA THR B 70 -17.46 3.38 -26.59
C THR B 70 -16.96 4.54 -27.45
N GLU B 71 -15.92 4.30 -28.26
CA GLU B 71 -15.51 5.26 -29.26
C GLU B 71 -15.96 4.76 -30.63
N PRO B 72 -16.97 5.38 -31.24
CA PRO B 72 -17.50 4.87 -32.52
C PRO B 72 -16.44 4.82 -33.60
N SER B 73 -16.52 3.77 -34.43
CA SER B 73 -15.54 3.52 -35.48
C SER B 73 -16.15 2.57 -36.49
N ALA B 74 -15.78 2.74 -37.75
CA ALA B 74 -16.16 1.79 -38.77
C ALA B 74 -15.22 0.59 -38.74
N GLN B 75 -15.66 -0.50 -39.36
CA GLN B 75 -14.87 -1.72 -39.47
C GLN B 75 -14.44 -1.90 -40.93
N ASN B 76 -13.14 -1.73 -41.19
CA ASN B 76 -12.60 -1.96 -42.53
C ASN B 76 -12.01 -3.36 -42.69
N LEU B 77 -12.10 -4.19 -41.66
CA LEU B 77 -11.69 -5.60 -41.76
C LEU B 77 -12.96 -6.43 -41.90
N VAL B 78 -13.34 -6.69 -43.14
CA VAL B 78 -14.48 -7.55 -43.45
C VAL B 78 -13.96 -8.98 -43.47
N TYR B 79 -14.28 -9.76 -42.45
CA TYR B 79 -13.63 -11.05 -42.24
C TYR B 79 -14.48 -11.89 -41.29
N ASP B 80 -15.61 -12.40 -41.81
CA ASP B 80 -16.63 -13.04 -41.00
C ASP B 80 -16.79 -14.52 -41.26
N LEU B 81 -16.52 -14.97 -42.49
CA LEU B 81 -17.00 -16.27 -42.93
C LEU B 81 -16.16 -16.72 -44.10
N GLU B 82 -15.43 -17.83 -43.92
CA GLU B 82 -14.63 -18.41 -45.00
C GLU B 82 -14.76 -19.93 -44.95
N PRO B 83 -15.97 -20.46 -45.20
CA PRO B 83 -16.17 -21.91 -45.07
C PRO B 83 -15.48 -22.72 -46.14
N ASN B 84 -15.10 -22.11 -47.26
CA ASN B 84 -14.48 -22.84 -48.37
C ASN B 84 -12.98 -22.59 -48.45
N ALA B 85 -12.39 -21.94 -47.45
CA ALA B 85 -10.96 -21.67 -47.48
C ALA B 85 -10.18 -22.98 -47.44
N ASN B 86 -9.01 -22.97 -48.08
CA ASN B 86 -8.09 -24.08 -48.03
C ASN B 86 -6.96 -23.78 -47.06
N LEU B 87 -6.56 -24.79 -46.29
CA LEU B 87 -5.56 -24.64 -45.25
C LEU B 87 -4.36 -25.54 -45.55
N SER B 88 -3.17 -24.95 -45.57
CA SER B 88 -1.93 -25.72 -45.56
C SER B 88 -1.19 -25.41 -44.27
N LEU B 89 -0.41 -26.37 -43.78
CA LEU B 89 0.10 -26.31 -42.42
C LEU B 89 1.52 -26.84 -42.36
N THR B 90 2.43 -26.04 -41.79
CA THR B 90 3.74 -26.49 -41.41
C THR B 90 3.86 -26.46 -39.89
N THR B 91 4.86 -27.16 -39.36
CA THR B 91 5.06 -27.18 -37.92
C THR B 91 6.45 -27.70 -37.62
N ASP B 92 6.96 -27.32 -36.45
CA ASP B 92 8.15 -27.95 -35.88
C ASP B 92 7.83 -28.99 -34.81
N GLY B 93 6.54 -29.29 -34.61
CA GLY B 93 6.01 -30.36 -33.79
C GLY B 93 5.63 -31.57 -34.62
N LYS B 94 4.50 -32.13 -34.25
CA LYS B 94 4.10 -33.35 -34.95
C LYS B 94 2.73 -33.17 -35.54
N PHE B 95 2.60 -33.57 -36.78
CA PHE B 95 1.28 -33.74 -37.37
C PHE B 95 0.61 -34.95 -36.75
N LEU B 96 -0.70 -34.86 -36.57
CA LEU B 96 -1.50 -35.94 -36.02
C LEU B 96 -2.36 -36.55 -37.11
N LYS B 97 -2.38 -37.87 -37.17
CA LYS B 97 -3.22 -38.58 -38.12
C LYS B 97 -4.69 -38.40 -37.78
N ALA B 98 -5.52 -38.33 -38.82
CA ALA B 98 -6.95 -38.43 -38.59
C ALA B 98 -7.28 -39.74 -37.87
N SER B 99 -6.53 -40.81 -38.17
CA SER B 99 -6.60 -42.05 -37.41
C SER B 99 -6.59 -41.77 -35.92
N ALA B 100 -5.54 -41.09 -35.45
CA ALA B 100 -5.34 -40.89 -34.03
C ALA B 100 -6.37 -39.94 -33.42
N VAL B 101 -6.70 -38.85 -34.12
CA VAL B 101 -7.71 -37.93 -33.62
C VAL B 101 -9.03 -38.65 -33.42
N ASP B 102 -9.48 -39.40 -34.45
CA ASP B 102 -10.72 -40.15 -34.31
C ASP B 102 -10.65 -41.14 -33.15
N ASP B 103 -9.55 -41.90 -33.06
CA ASP B 103 -9.41 -42.89 -31.99
C ASP B 103 -9.48 -42.24 -30.62
N ALA B 104 -8.75 -41.13 -30.44
CA ALA B 104 -8.77 -40.41 -29.17
C ALA B 104 -10.16 -39.89 -28.87
N PHE B 105 -10.88 -39.40 -29.89
CA PHE B 105 -12.25 -38.96 -29.69
C PHE B 105 -13.14 -40.12 -29.26
N SER B 106 -12.83 -41.33 -29.69
CA SER B 106 -13.67 -42.47 -29.34
C SER B 106 -13.43 -43.00 -27.92
N LYS B 107 -12.46 -42.48 -27.18
CA LYS B 107 -12.09 -43.01 -25.88
C LYS B 107 -12.17 -41.94 -24.79
N SER B 108 -12.09 -42.40 -23.55
CA SER B 108 -11.90 -41.58 -22.33
C SER B 108 -13.02 -40.54 -22.21
N THR B 109 -12.72 -39.33 -21.71
CA THR B 109 -13.72 -38.34 -21.31
C THR B 109 -14.55 -37.86 -22.48
N SER B 110 -14.07 -38.19 -23.67
CA SER B 110 -14.62 -37.92 -24.98
C SER B 110 -15.64 -38.95 -25.44
N LYS B 111 -15.43 -40.21 -25.05
CA LYS B 111 -16.16 -41.34 -25.64
C LYS B 111 -17.67 -41.15 -25.59
N ALA B 112 -18.18 -40.73 -24.42
CA ALA B 112 -19.62 -40.54 -24.26
C ALA B 112 -20.20 -39.73 -25.41
N LYS B 113 -19.70 -38.51 -25.62
CA LYS B 113 -20.28 -37.67 -26.67
C LYS B 113 -20.08 -38.32 -28.03
N TYR B 114 -18.93 -38.98 -28.22
CA TYR B 114 -18.66 -39.68 -29.47
C TYR B 114 -19.70 -40.73 -29.76
N ASP B 115 -20.24 -41.38 -28.73
CA ASP B 115 -21.24 -42.43 -28.97
C ASP B 115 -22.59 -41.86 -29.36
N GLN B 116 -22.83 -40.57 -29.14
CA GLN B 116 -24.06 -39.92 -29.62
C GLN B 116 -23.82 -39.09 -30.87
N LYS B 117 -22.77 -39.39 -31.62
CA LYS B 117 -22.39 -38.65 -32.83
C LYS B 117 -22.22 -37.16 -32.55
N ILE B 118 -21.40 -36.86 -31.55
CA ILE B 118 -21.02 -35.49 -31.20
C ILE B 118 -19.52 -35.47 -30.97
N LEU B 119 -18.83 -34.55 -31.63
CA LEU B 119 -17.40 -34.34 -31.38
C LEU B 119 -17.27 -33.22 -30.38
N GLN B 120 -17.02 -33.58 -29.12
CA GLN B 120 -16.91 -32.63 -28.02
C GLN B 120 -15.44 -32.32 -27.80
N LEU B 121 -15.00 -31.19 -28.35
CA LEU B 121 -13.57 -30.88 -28.36
C LEU B 121 -13.04 -30.60 -26.96
N ASP B 122 -13.84 -29.94 -26.12
CA ASP B 122 -13.38 -29.60 -24.77
C ASP B 122 -13.39 -30.80 -23.83
N ASP B 123 -13.82 -31.97 -24.29
CA ASP B 123 -13.75 -33.19 -23.52
C ASP B 123 -12.67 -34.14 -24.02
N LEU B 124 -11.95 -33.77 -25.08
CA LEU B 124 -10.95 -34.65 -25.67
C LEU B 124 -9.76 -34.82 -24.74
N ASP B 125 -9.48 -36.07 -24.37
CA ASP B 125 -8.31 -36.42 -23.55
C ASP B 125 -7.14 -36.65 -24.50
N ILE B 126 -6.19 -35.72 -24.50
CA ILE B 126 -5.10 -35.72 -25.48
C ILE B 126 -4.07 -36.80 -25.16
N THR B 127 -4.28 -37.54 -24.06
CA THR B 127 -3.37 -38.63 -23.74
C THR B 127 -3.31 -39.66 -24.86
N ASN B 128 -4.43 -39.89 -25.54
CA ASN B 128 -4.47 -40.83 -26.65
C ASN B 128 -4.00 -40.22 -27.95
N LEU B 129 -3.46 -39.01 -27.92
CA LEU B 129 -2.79 -38.42 -29.05
C LEU B 129 -1.27 -38.42 -28.91
N GLU B 130 -0.74 -38.89 -27.78
CA GLU B 130 0.68 -38.76 -27.48
C GLU B 130 1.48 -40.01 -27.82
N GLN B 131 0.84 -41.06 -28.31
CA GLN B 131 1.57 -42.21 -28.80
C GLN B 131 2.09 -41.96 -30.22
N SER B 132 3.10 -42.75 -30.60
CA SER B 132 3.87 -42.50 -31.82
C SER B 132 3.21 -42.92 -33.15
N ASN B 133 2.57 -44.09 -33.31
CA ASN B 133 1.84 -44.16 -34.58
C ASN B 133 0.59 -43.26 -34.67
N ASP B 134 0.49 -42.27 -33.78
CA ASP B 134 -0.47 -41.21 -33.96
C ASP B 134 0.06 -40.13 -34.88
N VAL B 135 1.34 -40.22 -35.27
CA VAL B 135 2.05 -39.16 -35.98
C VAL B 135 1.95 -39.35 -37.48
N ALA B 136 1.71 -38.26 -38.20
CA ALA B 136 1.66 -38.26 -39.65
C ALA B 136 2.77 -37.39 -40.23
N SER B 137 3.07 -37.63 -41.51
CA SER B 137 4.08 -36.84 -42.21
C SER B 137 3.53 -35.51 -42.72
N SER B 138 2.21 -35.41 -42.89
CA SER B 138 1.58 -34.21 -43.40
C SER B 138 0.26 -33.98 -42.67
N MET B 139 -0.23 -32.75 -42.76
CA MET B 139 -1.51 -32.43 -42.13
C MET B 139 -2.62 -33.30 -42.70
N GLU B 140 -3.47 -33.80 -41.81
CA GLU B 140 -4.66 -34.54 -42.19
C GLU B 140 -5.85 -33.88 -41.52
N LEU B 141 -6.98 -33.82 -42.23
CA LEU B 141 -8.15 -33.13 -41.72
C LEU B 141 -9.09 -34.10 -41.04
N TYR B 142 -9.83 -33.57 -40.06
CA TYR B 142 -10.81 -34.35 -39.31
C TYR B 142 -11.96 -33.43 -38.94
N GLY B 143 -13.14 -34.02 -38.74
CA GLY B 143 -14.30 -33.26 -38.37
C GLY B 143 -15.56 -33.99 -38.78
N ASN B 144 -16.67 -33.24 -38.72
CA ASN B 144 -17.99 -33.80 -39.03
C ASN B 144 -18.26 -33.74 -40.53
N PHE B 145 -17.40 -34.43 -41.29
CA PHE B 145 -17.58 -34.60 -42.72
C PHE B 145 -17.26 -36.05 -43.07
N GLY B 146 -17.35 -36.37 -44.37
CA GLY B 146 -17.07 -37.73 -44.81
C GLY B 146 -18.03 -38.71 -44.16
N ASP B 147 -17.48 -39.81 -43.61
CA ASP B 147 -18.31 -40.78 -42.92
C ASP B 147 -18.85 -40.26 -41.59
N LYS B 148 -18.54 -39.03 -41.21
CA LYS B 148 -19.09 -38.40 -40.01
C LYS B 148 -19.90 -37.17 -40.35
N ALA B 149 -20.34 -37.02 -41.60
CA ALA B 149 -21.28 -35.97 -41.95
C ALA B 149 -22.59 -36.20 -41.21
N GLY B 150 -23.19 -35.10 -40.75
CA GLY B 150 -24.36 -35.17 -39.91
C GLY B 150 -24.07 -35.21 -38.43
N TRP B 151 -22.82 -35.43 -38.04
CA TRP B 151 -22.42 -35.33 -36.65
C TRP B 151 -22.42 -33.87 -36.20
N SER B 152 -22.37 -33.67 -34.89
CA SER B 152 -22.27 -32.34 -34.31
C SER B 152 -20.88 -32.13 -33.71
N THR B 153 -20.47 -30.87 -33.68
CA THR B 153 -19.26 -30.45 -32.98
C THR B 153 -19.62 -29.34 -32.02
N THR B 154 -18.76 -29.12 -31.03
CA THR B 154 -18.97 -27.97 -30.16
C THR B 154 -18.61 -26.65 -30.83
N VAL B 155 -18.07 -26.69 -32.04
CA VAL B 155 -17.64 -25.46 -32.71
C VAL B 155 -18.82 -24.76 -33.35
N SER B 156 -19.46 -25.40 -34.32
CA SER B 156 -20.60 -24.80 -35.00
C SER B 156 -21.79 -25.76 -35.04
N ASN B 157 -21.85 -26.69 -34.09
CA ASN B 157 -22.94 -27.66 -33.98
C ASN B 157 -23.15 -28.42 -35.29
N ASN B 158 -24.27 -28.18 -35.98
CA ASN B 158 -24.60 -29.02 -37.12
C ASN B 158 -23.92 -28.58 -38.42
N SER B 159 -23.32 -27.40 -38.44
CA SER B 159 -22.54 -26.99 -39.62
C SER B 159 -21.26 -27.81 -39.73
N GLN B 160 -20.87 -28.07 -40.97
CA GLN B 160 -19.67 -28.88 -41.24
C GLN B 160 -18.42 -28.04 -40.99
N VAL B 161 -17.52 -28.55 -40.18
CA VAL B 161 -16.22 -27.93 -39.94
C VAL B 161 -15.13 -29.00 -40.04
N LYS B 162 -13.97 -28.58 -40.54
CA LYS B 162 -12.80 -29.45 -40.64
C LYS B 162 -11.61 -28.76 -40.01
N TRP B 163 -10.73 -29.56 -39.39
CA TRP B 163 -9.53 -29.02 -38.78
C TRP B 163 -8.38 -30.00 -38.94
N GLY B 164 -7.19 -29.45 -39.13
CA GLY B 164 -5.97 -30.22 -39.04
C GLY B 164 -5.39 -30.14 -37.65
N SER B 165 -4.71 -31.19 -37.23
CA SER B 165 -4.29 -31.32 -35.85
C SER B 165 -2.79 -31.49 -35.75
N VAL B 166 -2.20 -30.81 -34.77
CA VAL B 166 -0.77 -30.95 -34.46
C VAL B 166 -0.62 -31.17 -32.96
N LEU B 167 0.51 -31.75 -32.60
CA LEU B 167 0.91 -31.95 -31.21
C LEU B 167 2.18 -31.16 -30.97
N LEU B 168 2.11 -30.16 -30.10
CA LEU B 168 3.21 -29.23 -29.88
C LEU B 168 3.67 -29.30 -28.43
N GLU B 169 4.95 -29.04 -28.23
CA GLU B 169 5.47 -28.77 -26.89
C GLU B 169 5.56 -27.27 -26.69
N ARG B 170 5.89 -26.88 -25.46
CA ARG B 170 6.07 -25.46 -25.16
C ARG B 170 7.13 -24.87 -26.09
N GLY B 171 6.82 -23.70 -26.67
CA GLY B 171 7.70 -23.06 -27.62
C GLY B 171 7.58 -23.54 -29.05
N GLN B 172 6.97 -24.70 -29.27
CA GLN B 172 6.74 -25.18 -30.63
C GLN B 172 5.51 -24.49 -31.23
N SER B 173 5.41 -24.56 -32.55
CA SER B 173 4.41 -23.77 -33.26
C SER B 173 3.93 -24.51 -34.49
N ALA B 174 2.81 -24.04 -35.01
CA ALA B 174 2.31 -24.44 -36.32
C ALA B 174 1.93 -23.20 -37.11
N THR B 175 2.33 -23.16 -38.37
CA THR B 175 2.06 -22.03 -39.25
C THR B 175 1.04 -22.47 -40.30
N ALA B 176 -0.06 -21.73 -40.37
CA ALA B 176 -1.19 -22.01 -41.24
C ALA B 176 -1.25 -20.97 -42.35
N THR B 177 -1.25 -21.43 -43.59
CA THR B 177 -1.51 -20.57 -44.75
C THR B 177 -2.93 -20.88 -45.23
N TYR B 178 -3.81 -19.90 -45.08
CA TYR B 178 -5.18 -19.97 -45.57
C TYR B 178 -5.24 -19.27 -46.92
N THR B 179 -5.72 -20.00 -47.93
CA THR B 179 -5.96 -19.43 -49.25
C THR B 179 -7.37 -19.78 -49.70
N ASN B 180 -7.69 -19.47 -50.96
CA ASN B 180 -9.04 -19.67 -51.51
C ASN B 180 -10.09 -18.92 -50.68
N LEU B 181 -9.74 -17.71 -50.27
CA LEU B 181 -10.69 -16.85 -49.55
C LEU B 181 -11.64 -16.17 -50.52
N GLN B 182 -12.91 -16.05 -50.12
CA GLN B 182 -13.97 -15.63 -51.03
C GLN B 182 -14.74 -14.40 -50.58
N ASN B 183 -14.79 -14.11 -49.27
CA ASN B 183 -15.72 -13.09 -48.78
C ASN B 183 -15.05 -12.01 -47.94
N SER B 184 -13.74 -12.03 -47.78
CA SER B 184 -13.07 -11.18 -46.81
C SER B 184 -12.21 -10.13 -47.50
N TYR B 185 -12.23 -8.92 -46.95
CA TYR B 185 -11.55 -7.76 -47.52
C TYR B 185 -10.97 -6.92 -46.39
N CYS B 186 -9.91 -6.18 -46.69
CA CYS B 186 -9.29 -5.27 -45.74
C CYS B 186 -9.07 -3.92 -46.39
N ASN B 187 -9.61 -2.87 -45.77
CA ASN B 187 -9.70 -1.54 -46.36
C ASN B 187 -10.07 -1.59 -47.84
N GLY B 188 -11.00 -2.47 -48.21
CA GLY B 188 -11.44 -2.58 -49.58
C GLY B 188 -10.57 -3.46 -50.46
N LYS B 189 -9.39 -3.86 -50.00
CA LYS B 189 -8.53 -4.74 -50.76
C LYS B 189 -8.92 -6.19 -50.46
N LYS B 190 -9.04 -7.00 -51.50
CA LYS B 190 -9.45 -8.38 -51.30
C LYS B 190 -8.32 -9.15 -50.65
N ILE B 191 -8.67 -9.93 -49.62
CA ILE B 191 -7.69 -10.77 -48.93
C ILE B 191 -7.63 -12.11 -49.65
N SER B 192 -6.45 -12.42 -50.20
CA SER B 192 -6.26 -13.67 -50.94
C SER B 192 -5.49 -14.72 -50.15
N LYS B 193 -4.72 -14.31 -49.14
CA LYS B 193 -3.92 -15.24 -48.36
C LYS B 193 -3.74 -14.69 -46.96
N ILE B 194 -3.80 -15.59 -45.97
CA ILE B 194 -3.50 -15.25 -44.59
C ILE B 194 -2.46 -16.24 -44.08
N VAL B 195 -1.37 -15.73 -43.52
CA VAL B 195 -0.35 -16.57 -42.90
C VAL B 195 -0.37 -16.28 -41.40
N TYR B 196 -0.58 -17.35 -40.62
CA TYR B 196 -0.95 -17.24 -39.22
C TYR B 196 -0.16 -18.26 -38.42
N LYS B 197 0.59 -17.80 -37.41
CA LYS B 197 1.45 -18.68 -36.63
C LYS B 197 0.88 -18.84 -35.22
N TYR B 198 0.63 -20.09 -34.82
CA TYR B 198 0.17 -20.42 -33.47
C TYR B 198 1.34 -21.02 -32.71
N THR B 199 1.71 -20.41 -31.58
CA THR B 199 2.81 -20.87 -30.75
C THR B 199 2.34 -21.14 -29.34
N VAL B 200 2.78 -22.25 -28.77
CA VAL B 200 2.46 -22.59 -27.38
C VAL B 200 3.36 -21.76 -26.48
N ASP B 201 2.75 -20.84 -25.72
CA ASP B 201 3.48 -19.99 -24.79
C ASP B 201 4.18 -20.82 -23.74
N PRO B 202 5.52 -20.73 -23.60
CA PRO B 202 6.21 -21.52 -22.58
C PRO B 202 5.78 -21.21 -21.16
N LYS B 203 5.18 -20.05 -20.92
CA LYS B 203 4.72 -19.69 -19.58
C LYS B 203 3.40 -20.36 -19.21
N SER B 204 2.84 -21.18 -20.09
CA SER B 204 1.64 -21.95 -19.75
C SER B 204 1.92 -22.90 -18.60
N LYS B 205 0.95 -23.04 -17.70
CA LYS B 205 1.14 -23.75 -16.44
C LYS B 205 0.48 -25.13 -16.41
N PHE B 206 0.05 -25.67 -17.56
CA PHE B 206 -0.58 -26.97 -17.54
C PHE B 206 0.42 -28.04 -17.11
N GLN B 207 -0.09 -29.06 -16.42
CA GLN B 207 0.77 -30.05 -15.78
C GLN B 207 1.42 -30.93 -16.81
N GLY B 208 0.78 -31.03 -17.97
CA GLY B 208 1.30 -31.83 -19.03
C GLY B 208 2.56 -31.23 -19.64
N GLN B 209 2.91 -31.86 -20.74
CA GLN B 209 4.06 -31.53 -21.55
C GLN B 209 3.76 -31.38 -23.03
N LYS B 210 2.53 -31.73 -23.47
CA LYS B 210 2.06 -31.63 -24.85
C LYS B 210 0.75 -30.83 -24.96
N VAL B 211 0.52 -30.23 -26.13
CA VAL B 211 -0.70 -29.49 -26.46
C VAL B 211 -1.22 -29.99 -27.81
N TRP B 212 -2.51 -30.30 -27.88
CA TRP B 212 -3.16 -30.58 -29.16
C TRP B 212 -3.72 -29.28 -29.71
N LEU B 213 -3.35 -28.95 -30.95
CA LEU B 213 -3.92 -27.82 -31.67
C LEU B 213 -4.77 -28.34 -32.81
N GLY B 214 -6.07 -28.05 -32.75
CA GLY B 214 -6.96 -28.23 -33.89
C GLY B 214 -7.21 -26.91 -34.59
N ILE B 215 -6.59 -26.76 -35.75
CA ILE B 215 -6.68 -25.55 -36.56
C ILE B 215 -7.73 -25.78 -37.65
N PHE B 216 -8.81 -25.03 -37.60
CA PHE B 216 -9.91 -25.21 -38.53
C PHE B 216 -9.57 -24.60 -39.89
N THR B 217 -10.05 -25.25 -40.96
CA THR B 217 -9.79 -24.77 -42.31
C THR B 217 -10.39 -23.38 -42.52
N ASP B 218 -11.54 -23.11 -41.92
CA ASP B 218 -12.12 -21.78 -41.90
C ASP B 218 -11.33 -20.95 -40.89
N PRO B 219 -10.53 -19.99 -41.36
CA PRO B 219 -9.70 -19.21 -40.43
C PRO B 219 -10.50 -18.39 -39.43
N THR B 220 -11.74 -18.01 -39.78
CA THR B 220 -12.57 -17.25 -38.86
C THR B 220 -13.02 -18.10 -37.67
N LEU B 221 -12.90 -19.42 -37.75
CA LEU B 221 -13.22 -20.29 -36.64
C LEU B 221 -12.07 -20.42 -35.64
N GLY B 222 -10.90 -19.90 -35.98
CA GLY B 222 -9.80 -19.87 -35.02
C GLY B 222 -9.20 -21.23 -34.80
N VAL B 223 -9.04 -21.60 -33.53
CA VAL B 223 -8.29 -22.78 -33.14
C VAL B 223 -8.83 -23.31 -31.82
N PHE B 224 -8.65 -24.61 -31.61
CA PHE B 224 -8.86 -25.25 -30.32
C PHE B 224 -7.51 -25.74 -29.78
N ALA B 225 -7.17 -25.31 -28.58
CA ALA B 225 -5.92 -25.70 -27.91
C ALA B 225 -6.26 -26.48 -26.66
N SER B 226 -5.59 -27.62 -26.47
CA SER B 226 -5.92 -28.46 -25.31
C SER B 226 -4.69 -29.15 -24.77
N ALA B 227 -4.47 -29.02 -23.46
CA ALA B 227 -3.53 -29.85 -22.73
C ALA B 227 -4.26 -30.80 -21.78
N TYR B 228 -5.56 -30.97 -21.99
CA TYR B 228 -6.40 -31.75 -21.09
C TYR B 228 -6.06 -33.23 -21.16
N THR B 229 -5.80 -33.83 -20.00
CA THR B 229 -5.43 -35.24 -19.92
C THR B 229 -6.46 -36.07 -19.14
N GLY B 230 -7.67 -35.55 -18.96
CA GLY B 230 -8.74 -36.28 -18.32
C GLY B 230 -9.05 -35.84 -16.89
N GLN B 231 -8.20 -35.00 -16.30
CA GLN B 231 -8.41 -34.50 -14.95
C GLN B 231 -8.28 -32.99 -14.97
N VAL B 232 -9.07 -32.31 -14.13
CA VAL B 232 -8.90 -30.87 -14.00
C VAL B 232 -7.62 -30.56 -13.23
N GLU B 233 -7.15 -29.33 -13.38
CA GLU B 233 -5.87 -28.91 -12.82
C GLU B 233 -6.02 -27.57 -12.13
N LYS B 234 -5.51 -27.47 -10.90
CA LYS B 234 -5.46 -26.21 -10.19
C LYS B 234 -4.25 -25.40 -10.65
N ASN B 235 -4.35 -24.08 -10.52
CA ASN B 235 -3.26 -23.16 -10.86
C ASN B 235 -2.72 -23.43 -12.26
N THR B 236 -3.63 -23.67 -13.20
CA THR B 236 -3.27 -24.09 -14.54
C THR B 236 -3.53 -22.97 -15.54
N SER B 237 -2.97 -23.13 -16.74
CA SER B 237 -3.11 -22.15 -17.79
C SER B 237 -2.65 -22.77 -19.10
N ILE B 238 -3.31 -22.37 -20.19
CA ILE B 238 -2.86 -22.63 -21.55
C ILE B 238 -2.94 -21.32 -22.32
N PHE B 239 -1.86 -20.97 -23.01
CA PHE B 239 -1.78 -19.72 -23.74
C PHE B 239 -1.16 -19.98 -25.10
N ILE B 240 -1.81 -19.50 -26.15
CA ILE B 240 -1.32 -19.63 -27.52
C ILE B 240 -1.03 -18.24 -28.05
N LYS B 241 0.20 -18.02 -28.50
CA LYS B 241 0.59 -16.79 -29.16
C LYS B 241 0.18 -16.84 -30.63
N ASN B 242 -0.37 -15.74 -31.13
CA ASN B 242 -0.88 -15.65 -32.49
C ASN B 242 -0.21 -14.49 -33.20
N GLU B 243 0.48 -14.80 -34.30
CA GLU B 243 1.10 -13.79 -35.15
C GLU B 243 0.55 -13.95 -36.55
N PHE B 244 -0.02 -12.87 -37.10
CA PHE B 244 -0.70 -12.96 -38.39
C PHE B 244 -0.36 -11.77 -39.28
N THR B 245 -0.37 -12.06 -40.58
CA THR B 245 -0.16 -11.10 -41.67
C THR B 245 -1.15 -11.42 -42.77
N PHE B 246 -1.82 -10.40 -43.30
CA PHE B 246 -2.80 -10.56 -44.37
C PHE B 246 -2.21 -10.12 -45.70
N TYR B 247 -2.61 -10.82 -46.77
CA TYR B 247 -2.05 -10.60 -48.10
C TYR B 247 -3.15 -10.40 -49.12
N ASP B 248 -2.87 -9.58 -50.13
CA ASP B 248 -3.82 -9.25 -51.19
C ASP B 248 -3.63 -10.18 -52.40
N GLU B 249 -4.34 -9.87 -53.49
CA GLU B 249 -4.26 -10.68 -54.71
C GLU B 249 -2.83 -10.78 -55.23
N ASP B 250 -2.07 -9.70 -55.16
CA ASP B 250 -0.71 -9.64 -55.69
C ASP B 250 0.32 -10.25 -54.76
N GLY B 251 -0.09 -10.85 -53.64
CA GLY B 251 0.85 -11.37 -52.67
C GLY B 251 1.53 -10.32 -51.84
N LYS B 252 1.01 -9.10 -51.83
CA LYS B 252 1.50 -7.96 -51.07
C LYS B 252 0.84 -7.96 -49.70
N PRO B 253 1.60 -7.79 -48.62
CA PRO B 253 0.98 -7.71 -47.29
C PRO B 253 0.00 -6.55 -47.24
N ILE B 254 -1.08 -6.73 -46.49
CA ILE B 254 -2.08 -5.69 -46.32
C ILE B 254 -1.78 -5.03 -44.98
N ASN B 255 -1.45 -3.75 -45.05
CA ASN B 255 -1.06 -2.95 -43.88
C ASN B 255 -2.35 -2.46 -43.23
N PHE B 256 -2.66 -2.98 -42.05
CA PHE B 256 -3.87 -2.62 -41.33
C PHE B 256 -3.90 -1.12 -41.05
N ASP B 257 -5.11 -0.54 -41.10
CA ASP B 257 -5.33 0.88 -40.85
C ASP B 257 -6.54 1.00 -39.92
N ASN B 258 -6.29 0.95 -38.61
CA ASN B 258 -7.34 0.97 -37.59
C ASN B 258 -8.40 -0.10 -37.84
N ALA B 259 -7.94 -1.30 -38.16
CA ALA B 259 -8.86 -2.43 -38.26
C ALA B 259 -9.28 -2.90 -36.87
N LEU B 260 -10.52 -3.39 -36.78
CA LEU B 260 -11.07 -3.89 -35.52
C LEU B 260 -10.97 -5.41 -35.51
N LEU B 261 -10.07 -5.94 -34.69
CA LEU B 261 -9.98 -7.38 -34.46
C LEU B 261 -10.87 -7.73 -33.29
N SER B 262 -11.88 -8.57 -33.54
CA SER B 262 -12.84 -8.93 -32.51
C SER B 262 -12.23 -9.96 -31.58
N VAL B 263 -12.07 -9.62 -30.30
CA VAL B 263 -11.60 -10.54 -29.27
C VAL B 263 -12.85 -10.97 -28.51
N ALA B 264 -13.35 -12.14 -28.82
CA ALA B 264 -14.68 -12.53 -28.42
C ALA B 264 -14.67 -13.89 -27.72
N SER B 265 -15.78 -14.20 -27.07
CA SER B 265 -16.05 -15.44 -26.28
C SER B 265 -15.05 -15.60 -25.13
N LEU B 266 -14.72 -14.51 -24.44
CA LEU B 266 -13.81 -14.53 -23.31
C LEU B 266 -14.61 -14.88 -22.05
N ASN B 267 -14.89 -16.18 -21.90
CA ASN B 267 -15.69 -16.65 -20.79
C ASN B 267 -14.92 -16.57 -19.48
N ARG B 268 -15.58 -16.12 -18.43
CA ARG B 268 -15.03 -16.13 -17.08
C ARG B 268 -16.00 -16.87 -16.16
N GLU B 269 -15.58 -18.04 -15.68
CA GLU B 269 -16.31 -18.75 -14.65
C GLU B 269 -15.76 -18.37 -13.28
N HIS B 270 -16.35 -18.95 -12.23
CA HIS B 270 -15.94 -18.62 -10.87
C HIS B 270 -14.49 -19.00 -10.61
N ASN B 271 -13.98 -19.99 -11.35
CA ASN B 271 -12.63 -20.51 -11.12
C ASN B 271 -11.73 -20.38 -12.35
N SER B 272 -12.16 -19.68 -13.39
CA SER B 272 -11.42 -19.67 -14.65
C SER B 272 -11.65 -18.38 -15.40
N ILE B 273 -10.61 -17.91 -16.09
CA ILE B 273 -10.64 -16.67 -16.85
C ILE B 273 -10.05 -16.93 -18.23
N GLU B 274 -10.80 -16.54 -19.25
CA GLU B 274 -10.38 -16.57 -20.67
C GLU B 274 -9.91 -15.14 -20.97
N MET B 275 -8.71 -14.96 -21.54
CA MET B 275 -8.19 -13.62 -21.72
C MET B 275 -7.28 -13.55 -22.93
N ALA B 276 -7.02 -12.31 -23.35
CA ALA B 276 -6.02 -11.98 -24.34
C ALA B 276 -5.03 -10.98 -23.75
N LYS B 277 -3.78 -11.08 -24.17
CA LYS B 277 -2.70 -10.24 -23.65
C LYS B 277 -1.60 -10.19 -24.70
N ASP B 278 -0.54 -9.45 -24.39
CA ASP B 278 0.63 -9.28 -25.24
C ASP B 278 0.22 -9.06 -26.70
N TYR B 279 -0.55 -8.00 -26.92
CA TYR B 279 -1.15 -7.72 -28.21
C TYR B 279 -0.65 -6.40 -28.75
N SER B 280 -0.41 -6.38 -30.06
CA SER B 280 -0.24 -5.13 -30.76
C SER B 280 -1.58 -4.42 -30.83
N GLY B 281 -1.57 -3.11 -30.95
CA GLY B 281 -2.83 -2.38 -31.06
C GLY B 281 -3.37 -1.92 -29.72
N LYS B 282 -4.58 -1.38 -29.75
CA LYS B 282 -5.19 -0.76 -28.55
C LYS B 282 -6.54 -1.38 -28.27
N PHE B 283 -6.81 -1.64 -27.00
CA PHE B 283 -8.11 -2.24 -26.64
C PHE B 283 -9.28 -1.30 -26.93
N VAL B 284 -10.39 -1.87 -27.41
CA VAL B 284 -11.61 -1.15 -27.73
C VAL B 284 -12.75 -1.78 -26.94
N LYS B 285 -13.35 -0.96 -26.08
CA LYS B 285 -14.41 -1.42 -25.17
C LYS B 285 -15.78 -1.34 -25.80
N ILE B 286 -16.57 -2.36 -25.57
CA ILE B 286 -17.99 -2.32 -25.92
C ILE B 286 -18.79 -1.93 -24.69
N SER B 287 -19.61 -0.89 -24.81
CA SER B 287 -20.36 -0.42 -23.65
C SER B 287 -21.30 -1.51 -23.15
N GLY B 288 -21.28 -1.74 -21.83
CA GLY B 288 -22.08 -2.78 -21.22
C GLY B 288 -21.48 -4.17 -21.26
N SER B 289 -20.37 -4.35 -21.98
CA SER B 289 -19.70 -5.64 -22.01
C SER B 289 -19.03 -5.94 -20.67
N SER B 290 -19.05 -7.22 -20.31
CA SER B 290 -18.25 -7.67 -19.17
C SER B 290 -16.76 -7.51 -19.42
N ILE B 291 -16.35 -7.41 -20.68
CA ILE B 291 -14.94 -7.44 -21.05
C ILE B 291 -14.34 -6.04 -20.97
N GLY B 292 -13.22 -5.93 -20.27
CA GLY B 292 -12.43 -4.72 -20.23
C GLY B 292 -10.95 -5.05 -20.24
N GLU B 293 -10.12 -4.06 -19.97
CA GLU B 293 -8.67 -4.21 -19.99
C GLU B 293 -8.09 -3.82 -18.63
N LYS B 294 -7.22 -4.66 -18.10
CA LYS B 294 -6.53 -4.40 -16.85
C LYS B 294 -5.15 -5.04 -16.91
N ASN B 295 -4.12 -4.26 -16.56
CA ASN B 295 -2.74 -4.73 -16.53
C ASN B 295 -2.34 -5.39 -17.86
N GLY B 296 -2.70 -4.73 -18.96
CA GLY B 296 -2.38 -5.24 -20.27
C GLY B 296 -3.06 -6.54 -20.65
N MET B 297 -4.16 -6.89 -19.97
CA MET B 297 -4.90 -8.11 -20.29
C MET B 297 -6.35 -7.76 -20.56
N ILE B 298 -6.94 -8.41 -21.56
CA ILE B 298 -8.32 -8.20 -21.97
C ILE B 298 -9.14 -9.38 -21.47
N TYR B 299 -10.07 -9.12 -20.56
CA TYR B 299 -10.90 -10.20 -20.00
C TYR B 299 -12.05 -9.57 -19.23
N ALA B 300 -12.88 -10.42 -18.62
CA ALA B 300 -13.97 -9.95 -17.77
C ALA B 300 -13.37 -9.47 -16.46
N THR B 301 -13.15 -8.16 -16.37
CA THR B 301 -12.29 -7.61 -15.32
C THR B 301 -12.95 -7.60 -13.95
N ASP B 302 -14.27 -7.38 -13.87
CA ASP B 302 -14.91 -7.12 -12.59
C ASP B 302 -16.00 -8.11 -12.22
N THR B 303 -16.64 -8.76 -13.19
CA THR B 303 -17.69 -9.72 -12.90
C THR B 303 -17.40 -11.02 -13.64
N LEU B 304 -18.03 -12.09 -13.19
CA LEU B 304 -18.11 -13.28 -14.00
C LEU B 304 -19.10 -13.04 -15.14
N ASN B 305 -19.16 -13.99 -16.07
CA ASN B 305 -20.18 -13.92 -17.11
C ASN B 305 -20.76 -15.30 -17.42
N PHE B 306 -20.72 -16.21 -16.45
CA PHE B 306 -21.15 -17.57 -16.76
C PHE B 306 -22.67 -17.74 -16.59
N LYS B 307 -23.21 -17.34 -15.45
CA LYS B 307 -24.62 -17.56 -15.15
C LYS B 307 -25.23 -16.30 -14.56
N GLN B 308 -26.45 -15.98 -15.00
CA GLN B 308 -27.13 -14.80 -14.51
C GLN B 308 -27.29 -14.86 -12.99
N GLY B 309 -26.88 -13.78 -12.32
CA GLY B 309 -26.95 -13.70 -10.88
C GLY B 309 -25.71 -14.19 -10.16
N GLU B 310 -24.88 -15.01 -10.80
CA GLU B 310 -23.68 -15.54 -10.19
C GLU B 310 -22.50 -14.61 -10.48
N GLY B 311 -21.83 -14.17 -9.42
CA GLY B 311 -20.63 -13.35 -9.57
C GLY B 311 -20.84 -12.05 -10.32
N GLY B 312 -22.01 -11.44 -10.21
CA GLY B 312 -22.26 -10.18 -10.86
C GLY B 312 -22.56 -10.27 -12.34
N SER B 313 -22.81 -11.48 -12.86
CA SER B 313 -23.03 -11.64 -14.29
C SER B 313 -24.48 -11.31 -14.64
N ARG B 314 -24.65 -10.58 -15.73
CA ARG B 314 -25.98 -10.14 -16.14
C ARG B 314 -26.75 -11.25 -16.86
N TRP B 315 -26.04 -12.12 -17.58
CA TRP B 315 -26.68 -13.11 -18.42
C TRP B 315 -25.96 -14.46 -18.28
N THR B 316 -26.65 -15.50 -18.73
CA THR B 316 -26.11 -16.86 -18.73
C THR B 316 -25.52 -17.18 -20.09
N MET B 317 -24.33 -17.78 -20.10
CA MET B 317 -23.61 -17.98 -21.35
C MET B 317 -24.24 -19.06 -22.22
N TYR B 318 -24.88 -20.05 -21.63
CA TYR B 318 -25.60 -21.06 -22.40
C TYR B 318 -27.10 -20.72 -22.45
N LYS B 319 -27.76 -21.25 -23.46
CA LYS B 319 -29.16 -20.95 -23.69
C LYS B 319 -30.05 -21.76 -22.75
N ASN B 320 -31.05 -21.11 -22.18
CA ASN B 320 -32.02 -21.77 -21.33
C ASN B 320 -33.31 -20.95 -21.32
N SER B 321 -34.13 -21.13 -20.27
CA SER B 321 -35.35 -20.34 -20.12
C SER B 321 -35.07 -18.85 -20.06
N GLN B 322 -34.05 -18.44 -19.31
CA GLN B 322 -33.93 -17.04 -18.92
C GLN B 322 -33.70 -16.15 -20.14
N ALA B 323 -34.26 -14.93 -20.07
CA ALA B 323 -34.10 -13.96 -21.14
C ALA B 323 -32.65 -13.50 -21.23
N GLY B 324 -32.21 -13.24 -22.46
CA GLY B 324 -30.85 -12.81 -22.72
C GLY B 324 -29.81 -13.90 -22.58
N SER B 325 -30.20 -15.12 -22.24
CA SER B 325 -29.25 -16.19 -22.05
C SER B 325 -28.71 -16.67 -23.40
N GLY B 326 -27.70 -17.54 -23.33
CA GLY B 326 -27.06 -18.01 -24.54
C GLY B 326 -26.25 -16.94 -25.22
N TRP B 327 -25.69 -16.00 -24.46
CA TRP B 327 -24.93 -14.92 -25.07
C TRP B 327 -23.67 -15.45 -25.74
N ASP B 328 -23.17 -16.62 -25.32
CA ASP B 328 -21.98 -17.19 -25.93
C ASP B 328 -22.37 -17.88 -27.22
N SER B 329 -23.08 -17.15 -28.07
CA SER B 329 -23.45 -17.67 -29.37
C SER B 329 -22.90 -16.80 -30.48
N SER B 330 -22.77 -17.47 -31.63
CA SER B 330 -22.18 -16.88 -32.81
C SER B 330 -23.15 -15.86 -33.40
N ASP B 331 -24.47 -16.11 -33.30
CA ASP B 331 -25.61 -15.26 -33.75
C ASP B 331 -26.31 -14.48 -32.62
N ALA B 332 -25.99 -14.74 -31.35
CA ALA B 332 -26.74 -14.16 -30.25
C ALA B 332 -26.64 -12.63 -30.29
N PRO B 333 -27.76 -11.92 -30.20
CA PRO B 333 -27.71 -10.46 -30.28
C PRO B 333 -26.94 -9.79 -29.15
N ASN B 334 -26.74 -10.46 -28.02
CA ASN B 334 -25.94 -9.92 -26.92
C ASN B 334 -24.56 -10.56 -26.85
N SER B 335 -24.07 -11.05 -27.99
CA SER B 335 -22.68 -11.50 -28.09
C SER B 335 -21.71 -10.51 -27.45
N TRP B 336 -21.92 -9.21 -27.68
CA TRP B 336 -21.02 -8.19 -27.17
C TRP B 336 -20.80 -8.28 -25.66
N TYR B 337 -21.68 -8.97 -24.92
CA TYR B 337 -21.51 -9.08 -23.48
C TYR B 337 -20.21 -9.78 -23.12
N GLY B 338 -19.71 -10.66 -23.99
CA GLY B 338 -18.47 -11.34 -23.69
C GLY B 338 -17.35 -11.00 -24.66
N ALA B 339 -17.43 -9.84 -25.28
CA ALA B 339 -16.54 -9.47 -26.37
C ALA B 339 -15.94 -8.09 -26.16
N GLY B 340 -14.77 -7.90 -26.76
CA GLY B 340 -14.14 -6.60 -26.90
C GLY B 340 -13.46 -6.56 -28.26
N ALA B 341 -12.69 -5.50 -28.53
CA ALA B 341 -12.00 -5.41 -29.80
C ALA B 341 -10.58 -4.93 -29.57
N ILE B 342 -9.76 -5.02 -30.61
CA ILE B 342 -8.43 -4.43 -30.63
C ILE B 342 -8.30 -3.65 -31.93
N LYS B 343 -8.13 -2.34 -31.82
CA LYS B 343 -7.80 -1.53 -32.99
C LYS B 343 -6.34 -1.74 -33.32
N MET B 344 -6.07 -2.20 -34.54
CA MET B 344 -4.74 -2.60 -34.97
C MET B 344 -4.38 -1.91 -36.28
N SER B 345 -3.09 -1.69 -36.45
CA SER B 345 -2.54 -1.14 -37.70
C SER B 345 -1.24 -1.85 -38.01
N GLY B 346 -0.77 -1.68 -39.24
CA GLY B 346 0.45 -2.33 -39.67
C GLY B 346 0.20 -3.68 -40.30
N PRO B 347 1.24 -4.27 -40.90
CA PRO B 347 1.05 -5.53 -41.62
C PRO B 347 1.14 -6.76 -40.74
N ASN B 348 1.93 -6.69 -39.68
CA ASN B 348 2.16 -7.83 -38.79
C ASN B 348 1.54 -7.52 -37.44
N ASN B 349 0.56 -8.32 -37.03
CA ASN B 349 -0.07 -8.12 -35.73
C ASN B 349 -0.04 -9.41 -34.94
N TYR B 350 -0.28 -9.30 -33.64
CA TYR B 350 -0.11 -10.45 -32.76
C TYR B 350 -0.90 -10.24 -31.48
N VAL B 351 -1.25 -11.36 -30.84
CA VAL B 351 -1.90 -11.38 -29.54
C VAL B 351 -1.85 -12.80 -28.98
N THR B 352 -1.68 -12.93 -27.67
CA THR B 352 -1.71 -14.22 -27.01
C THR B 352 -3.09 -14.40 -26.37
N VAL B 353 -3.74 -15.53 -26.67
CA VAL B 353 -5.05 -15.83 -26.13
C VAL B 353 -4.97 -17.10 -25.33
N GLY B 354 -5.68 -17.16 -24.20
CA GLY B 354 -5.60 -18.38 -23.42
C GLY B 354 -6.61 -18.40 -22.30
N ALA B 355 -6.54 -19.49 -21.54
CA ALA B 355 -7.38 -19.72 -20.37
C ALA B 355 -6.47 -19.98 -19.17
N THR B 356 -6.89 -19.48 -18.01
CA THR B 356 -6.06 -19.61 -16.82
C THR B 356 -6.93 -19.69 -15.58
N SER B 357 -6.44 -20.42 -14.58
CA SER B 357 -7.15 -20.48 -13.31
C SER B 357 -7.20 -19.09 -12.68
N ALA B 358 -8.33 -18.76 -12.07
CA ALA B 358 -8.52 -17.43 -11.49
C ALA B 358 -7.41 -17.07 -10.52
N THR B 359 -6.93 -18.06 -9.76
CA THR B 359 -5.88 -17.82 -8.77
C THR B 359 -4.58 -17.33 -9.41
N ASN B 360 -4.35 -17.61 -10.69
CA ASN B 360 -3.15 -17.12 -11.36
C ASN B 360 -3.20 -15.62 -11.62
N VAL B 361 -4.39 -15.03 -11.60
CA VAL B 361 -4.57 -13.63 -11.99
C VAL B 361 -4.71 -12.72 -10.77
N MET B 362 -5.38 -13.20 -9.73
CA MET B 362 -5.70 -12.37 -8.58
C MET B 362 -5.88 -13.28 -7.37
N PRO B 363 -5.76 -12.73 -6.15
CA PRO B 363 -6.04 -13.54 -4.96
C PRO B 363 -7.52 -13.83 -4.81
N VAL B 364 -7.82 -14.90 -4.08
CA VAL B 364 -9.21 -15.25 -3.81
C VAL B 364 -9.91 -14.11 -3.07
N SER B 365 -9.18 -13.34 -2.28
CA SER B 365 -9.74 -12.16 -1.61
C SER B 365 -10.47 -11.25 -2.60
N ASP B 366 -9.86 -10.99 -3.76
CA ASP B 366 -10.41 -10.06 -4.74
C ASP B 366 -11.49 -10.68 -5.62
N MET B 367 -11.83 -11.93 -5.41
CA MET B 367 -12.65 -12.63 -6.41
C MET B 367 -14.14 -12.48 -6.09
N PRO B 368 -14.96 -12.45 -7.15
CA PRO B 368 -16.41 -12.54 -6.95
C PRO B 368 -16.77 -13.83 -6.22
N VAL B 369 -17.74 -13.73 -5.31
CA VAL B 369 -18.13 -14.85 -4.47
C VAL B 369 -19.45 -15.41 -4.98
N VAL B 370 -19.45 -16.70 -5.29
CA VAL B 370 -20.68 -17.40 -5.68
C VAL B 370 -20.93 -18.44 -4.58
N PRO B 371 -22.02 -18.33 -3.83
CA PRO B 371 -22.26 -19.28 -2.73
C PRO B 371 -22.32 -20.71 -3.22
N GLY B 372 -21.56 -21.58 -2.57
CA GLY B 372 -21.53 -22.99 -2.90
C GLY B 372 -20.50 -23.39 -3.93
N LYS B 373 -19.72 -22.45 -4.46
CA LYS B 373 -18.76 -22.72 -5.52
C LYS B 373 -17.37 -22.29 -5.08
N ASP B 374 -16.42 -23.21 -5.19
CA ASP B 374 -15.04 -22.99 -4.78
C ASP B 374 -14.26 -22.32 -5.91
N ASN B 375 -13.80 -21.09 -5.67
CA ASN B 375 -13.04 -20.37 -6.68
C ASN B 375 -11.69 -21.03 -6.99
N THR B 376 -11.21 -21.91 -6.11
CA THR B 376 -9.94 -22.59 -6.32
C THR B 376 -10.10 -23.90 -7.07
N ASP B 377 -11.32 -24.22 -7.54
CA ASP B 377 -11.56 -25.43 -8.30
C ASP B 377 -10.62 -25.53 -9.49
N GLY B 378 -10.16 -26.75 -9.78
CA GLY B 378 -9.37 -26.97 -10.96
C GLY B 378 -10.21 -26.81 -12.22
N LYS B 379 -9.52 -26.59 -13.34
CA LYS B 379 -10.19 -26.41 -14.61
C LYS B 379 -9.46 -27.20 -15.68
N LYS B 380 -10.14 -27.45 -16.80
CA LYS B 380 -9.51 -28.10 -17.92
C LYS B 380 -8.59 -27.11 -18.63
N PRO B 381 -7.33 -27.45 -18.86
CA PRO B 381 -6.44 -26.51 -19.57
C PRO B 381 -6.65 -26.55 -21.08
N ASN B 382 -7.80 -26.08 -21.53
CA ASN B 382 -8.09 -25.98 -22.96
C ASN B 382 -8.92 -24.73 -23.22
N ILE B 383 -8.98 -24.35 -24.50
CA ILE B 383 -9.68 -23.15 -24.92
C ILE B 383 -9.97 -23.24 -26.40
N TRP B 384 -11.15 -22.80 -26.80
CA TRP B 384 -11.45 -22.49 -28.19
C TRP B 384 -11.46 -20.98 -28.33
N TYR B 385 -10.77 -20.47 -29.36
CA TYR B 385 -10.84 -19.03 -29.60
C TYR B 385 -10.67 -18.76 -31.08
N SER B 386 -11.04 -17.54 -31.48
CA SER B 386 -10.89 -17.11 -32.85
C SER B 386 -10.65 -15.61 -32.87
N LEU B 387 -9.88 -15.16 -33.85
CA LEU B 387 -9.61 -13.75 -34.07
C LEU B 387 -10.01 -13.41 -35.49
N ASN B 388 -11.10 -12.65 -35.65
CA ASN B 388 -11.62 -12.30 -36.95
C ASN B 388 -12.17 -10.88 -36.87
N GLY B 389 -12.87 -10.47 -37.93
CA GLY B 389 -13.50 -9.17 -38.01
C GLY B 389 -14.95 -9.12 -37.61
N LYS B 390 -15.52 -10.22 -37.10
CA LYS B 390 -16.92 -10.24 -36.70
C LYS B 390 -17.07 -9.45 -35.40
N ILE B 391 -17.02 -8.12 -35.49
CA ILE B 391 -17.14 -7.30 -34.30
C ILE B 391 -18.55 -7.45 -33.72
N ARG B 392 -18.61 -7.62 -32.40
CA ARG B 392 -19.87 -7.97 -31.74
C ARG B 392 -20.66 -6.77 -31.26
N ALA B 393 -20.09 -5.56 -31.35
CA ALA B 393 -20.88 -4.36 -31.08
C ALA B 393 -21.95 -4.20 -32.16
N VAL B 394 -22.97 -3.42 -31.85
CA VAL B 394 -24.11 -3.28 -32.73
C VAL B 394 -23.90 -2.11 -33.68
N ASN B 395 -24.42 -2.27 -34.90
CA ASN B 395 -24.52 -1.18 -35.88
C ASN B 395 -23.16 -0.61 -36.28
N VAL B 396 -22.15 -1.46 -36.36
CA VAL B 396 -20.83 -1.03 -36.79
C VAL B 396 -20.80 -1.01 -38.32
N PRO B 397 -20.70 0.17 -38.95
CA PRO B 397 -20.70 0.20 -40.42
C PRO B 397 -19.42 -0.39 -40.97
N LYS B 398 -19.56 -1.17 -42.03
CA LYS B 398 -18.43 -1.85 -42.65
C LYS B 398 -17.91 -1.03 -43.82
N VAL B 399 -16.59 -1.06 -44.00
CA VAL B 399 -15.92 -0.36 -45.09
C VAL B 399 -15.57 -1.41 -46.14
N THR B 400 -16.31 -1.43 -47.24
CA THR B 400 -16.16 -2.44 -48.28
C THR B 400 -15.50 -1.94 -49.55
N LYS B 401 -15.44 -0.63 -49.77
CA LYS B 401 -14.96 -0.07 -51.03
C LYS B 401 -13.64 0.66 -50.83
N GLU B 402 -12.67 0.36 -51.71
CA GLU B 402 -11.36 0.99 -51.76
C GLU B 402 -11.40 2.19 -52.73
N LYS B 403 -10.71 3.26 -52.37
CA LYS B 403 -10.64 4.42 -53.26
C LYS B 403 -9.94 3.95 -54.52
N PRO B 404 -10.55 4.00 -55.70
CA PRO B 404 -9.90 3.51 -56.89
C PRO B 404 -8.87 4.46 -57.51
N THR B 405 -7.87 3.88 -58.15
CA THR B 405 -6.88 4.63 -58.91
C THR B 405 -7.23 4.60 -60.39
N PRO B 406 -7.22 5.73 -61.08
CA PRO B 406 -7.46 5.72 -62.53
C PRO B 406 -6.43 4.86 -63.23
N PRO B 407 -6.86 4.09 -64.24
CA PRO B 407 -5.88 3.25 -64.96
C PRO B 407 -4.94 4.12 -65.77
N VAL B 408 -3.75 3.58 -66.02
CA VAL B 408 -2.72 4.27 -66.79
C VAL B 408 -2.67 3.63 -68.18
N LYS B 409 -2.48 4.46 -69.18
CA LYS B 409 -2.55 4.03 -70.56
C LYS B 409 -1.23 3.35 -70.97
N PRO B 410 -1.31 2.24 -71.69
CA PRO B 410 -0.08 1.57 -72.15
C PRO B 410 0.51 2.34 -73.31
N THR B 411 1.83 2.24 -73.44
CA THR B 411 2.56 2.98 -74.46
C THR B 411 2.34 2.40 -75.86
N ALA C 15 -58.17 44.71 10.17
CA ALA C 15 -58.46 44.10 11.46
C ALA C 15 -57.23 43.33 11.95
N ASP C 16 -56.06 43.76 11.48
CA ASP C 16 -54.75 43.17 11.75
C ASP C 16 -54.62 41.73 11.27
N TYR C 17 -55.61 41.32 10.48
CA TYR C 17 -55.52 40.07 9.69
C TYR C 17 -55.03 40.56 8.32
N GLU C 18 -54.96 41.89 8.18
CA GLU C 18 -54.37 42.48 6.99
C GLU C 18 -52.84 42.36 7.03
N ALA C 19 -52.24 42.51 8.20
CA ALA C 19 -50.79 42.31 8.32
C ALA C 19 -50.42 40.87 8.00
N LYS C 20 -51.17 39.92 8.57
CA LYS C 20 -50.96 38.51 8.24
C LYS C 20 -51.24 38.24 6.76
N LEU C 21 -52.15 39.00 6.15
CA LEU C 21 -52.42 38.82 4.73
C LEU C 21 -51.25 39.30 3.88
N ALA C 22 -50.65 40.44 4.25
CA ALA C 22 -49.46 40.90 3.54
C ALA C 22 -48.32 39.91 3.69
N LYS C 23 -48.11 39.40 4.91
CA LYS C 23 -47.14 38.34 5.13
C LYS C 23 -47.41 37.14 4.24
N TYR C 24 -48.66 36.69 4.20
CA TYR C 24 -49.03 35.52 3.42
C TYR C 24 -48.80 35.75 1.93
N GLN C 25 -49.08 36.96 1.45
CA GLN C 25 -48.91 37.24 0.03
C GLN C 25 -47.45 37.30 -0.37
N ALA C 26 -46.61 37.89 0.48
CA ALA C 26 -45.19 37.88 0.14
C ALA C 26 -44.58 36.48 0.27
N ASP C 27 -45.07 35.68 1.21
CA ASP C 27 -44.63 34.28 1.28
C ASP C 27 -45.14 33.50 0.08
N LEU C 28 -46.29 33.88 -0.47
CA LEU C 28 -46.88 33.20 -1.61
C LEU C 28 -46.19 33.58 -2.91
N ALA C 29 -45.56 34.76 -2.96
CA ALA C 29 -44.73 35.09 -4.11
C ALA C 29 -43.34 34.47 -3.99
N LYS C 30 -42.82 34.33 -2.76
CA LYS C 30 -41.54 33.66 -2.60
C LYS C 30 -41.66 32.16 -2.83
N TYR C 31 -42.80 31.57 -2.46
CA TYR C 31 -43.06 30.17 -2.77
C TYR C 31 -43.13 29.96 -4.28
N GLN C 32 -43.76 30.89 -5.00
CA GLN C 32 -43.86 30.73 -6.45
C GLN C 32 -42.51 30.85 -7.12
N LYS C 33 -41.66 31.75 -6.63
CA LYS C 33 -40.32 31.84 -7.24
C LYS C 33 -39.49 30.61 -6.90
N ASP C 34 -39.55 30.14 -5.64
CA ASP C 34 -38.84 28.93 -5.28
C ASP C 34 -39.31 27.73 -6.10
N LEU C 35 -40.61 27.64 -6.38
CA LEU C 35 -41.14 26.56 -7.20
C LEU C 35 -40.71 26.71 -8.65
N ALA C 36 -40.60 27.95 -9.14
CA ALA C 36 -40.10 28.16 -10.50
C ALA C 36 -38.64 27.76 -10.62
N ASP C 37 -37.86 27.91 -9.55
CA ASP C 37 -36.44 27.60 -9.60
C ASP C 37 -36.13 26.17 -9.20
N TYR C 38 -37.07 25.47 -8.57
CA TYR C 38 -36.82 24.10 -8.12
C TYR C 38 -36.39 23.15 -9.23
N PRO C 39 -37.03 23.11 -10.40
CA PRO C 39 -36.56 22.17 -11.45
C PRO C 39 -35.12 22.40 -11.86
N VAL C 40 -34.69 23.66 -11.96
CA VAL C 40 -33.30 23.95 -12.33
C VAL C 40 -32.35 23.47 -11.25
N LYS C 41 -32.68 23.76 -9.98
CA LYS C 41 -31.85 23.29 -8.86
C LYS C 41 -31.76 21.76 -8.85
N LEU C 42 -32.88 21.08 -9.08
CA LEU C 42 -32.89 19.62 -9.07
C LEU C 42 -32.06 19.06 -10.21
N LYS C 43 -32.15 19.68 -11.39
CA LYS C 43 -31.38 19.20 -12.52
C LYS C 43 -29.89 19.44 -12.31
N ALA C 44 -29.53 20.58 -11.72
CA ALA C 44 -28.13 20.83 -11.39
C ALA C 44 -27.60 19.80 -10.39
N TYR C 45 -28.39 19.51 -9.36
CA TYR C 45 -27.97 18.52 -8.37
C TYR C 45 -27.77 17.15 -9.02
N GLU C 46 -28.74 16.72 -9.83
CA GLU C 46 -28.64 15.40 -10.45
C GLU C 46 -27.47 15.33 -11.43
N ASP C 47 -27.22 16.43 -12.16
CA ASP C 47 -26.09 16.44 -13.09
C ASP C 47 -24.77 16.37 -12.33
N GLU C 48 -24.65 17.09 -11.21
CA GLU C 48 -23.42 17.00 -10.44
C GLU C 48 -23.25 15.61 -9.85
N GLN C 49 -24.34 14.97 -9.42
CA GLN C 49 -24.25 13.60 -8.91
C GLN C 49 -23.75 12.66 -10.00
N THR C 50 -24.33 12.77 -11.20
CA THR C 50 -23.87 11.99 -12.33
C THR C 50 -22.38 12.18 -12.60
N SER C 51 -21.95 13.45 -12.65
CA SER C 51 -20.55 13.75 -12.93
C SER C 51 -19.63 13.19 -11.85
N ILE C 52 -20.01 13.34 -10.58
CA ILE C 52 -19.19 12.85 -9.48
C ILE C 52 -19.08 11.34 -9.53
N LYS C 53 -20.19 10.65 -9.80
CA LYS C 53 -20.15 9.19 -9.83
C LYS C 53 -19.30 8.69 -11.00
N ALA C 54 -19.40 9.35 -12.16
CA ALA C 54 -18.53 8.98 -13.28
C ALA C 54 -17.06 9.23 -12.94
N ALA C 55 -16.77 10.36 -12.28
CA ALA C 55 -15.40 10.69 -11.92
C ALA C 55 -14.83 9.68 -10.91
N LEU C 56 -15.65 9.25 -9.95
CA LEU C 56 -15.19 8.27 -8.98
C LEU C 56 -14.97 6.90 -9.63
N ALA C 57 -15.88 6.51 -10.53
CA ALA C 57 -15.66 5.28 -11.30
C ALA C 57 -14.34 5.35 -12.06
N GLU C 58 -14.02 6.51 -12.64
CA GLU C 58 -12.75 6.66 -13.34
C GLU C 58 -11.57 6.62 -12.38
N LEU C 59 -11.72 7.23 -11.20
CA LEU C 59 -10.63 7.28 -10.23
C LEU C 59 -10.34 5.91 -9.64
N GLU C 60 -11.32 5.00 -9.66
CA GLU C 60 -11.07 3.65 -9.16
C GLU C 60 -10.00 2.93 -9.97
N LYS C 61 -9.73 3.39 -11.20
CA LYS C 61 -8.69 2.81 -12.05
C LYS C 61 -7.30 3.39 -11.79
N HIS C 62 -7.18 4.42 -10.97
CA HIS C 62 -5.89 5.03 -10.67
C HIS C 62 -5.59 5.07 -9.18
N LYS C 63 -6.32 4.29 -8.37
CA LYS C 63 -6.21 4.41 -6.92
C LYS C 63 -4.86 3.96 -6.39
N ASN C 64 -4.08 3.21 -7.16
CA ASN C 64 -2.74 2.80 -6.76
C ASN C 64 -1.66 3.55 -7.52
N GLU C 65 -2.02 4.65 -8.16
CA GLU C 65 -1.08 5.54 -8.82
C GLU C 65 -0.79 6.76 -7.94
N ASP C 66 0.40 7.33 -8.12
CA ASP C 66 0.86 8.45 -7.30
C ASP C 66 -0.18 9.57 -7.27
N GLY C 67 -0.42 10.10 -6.07
CA GLY C 67 -1.28 11.26 -5.89
C GLY C 67 -2.76 11.00 -5.85
N ASN C 68 -3.20 9.74 -5.88
CA ASN C 68 -4.62 9.43 -5.87
C ASN C 68 -5.03 8.85 -4.52
N LEU C 69 -6.28 9.12 -4.14
CA LEU C 69 -6.85 8.53 -2.94
C LEU C 69 -6.91 7.01 -3.04
N THR C 70 -6.53 6.33 -1.96
CA THR C 70 -6.53 4.88 -1.94
C THR C 70 -7.93 4.33 -2.13
N GLU C 71 -8.90 4.88 -1.41
CA GLU C 71 -10.32 4.63 -1.66
C GLU C 71 -10.91 5.88 -2.29
N PRO C 72 -11.30 5.83 -3.57
CA PRO C 72 -11.82 7.05 -4.21
C PRO C 72 -12.99 7.62 -3.44
N SER C 73 -13.05 8.95 -3.40
CA SER C 73 -14.04 9.64 -2.58
C SER C 73 -14.18 11.06 -3.10
N ALA C 74 -15.41 11.57 -3.04
CA ALA C 74 -15.64 12.97 -3.33
C ALA C 74 -15.33 13.83 -2.10
N GLN C 75 -15.13 15.11 -2.34
CA GLN C 75 -14.90 16.08 -1.27
C GLN C 75 -16.12 16.99 -1.17
N ASN C 76 -16.91 16.83 -0.10
CA ASN C 76 -18.05 17.69 0.14
C ASN C 76 -17.73 18.83 1.10
N LEU C 77 -16.48 18.94 1.57
CA LEU C 77 -16.04 20.07 2.38
C LEU C 77 -15.26 21.01 1.47
N VAL C 78 -15.95 22.02 0.95
CA VAL C 78 -15.32 23.05 0.13
C VAL C 78 -14.80 24.10 1.10
N TYR C 79 -13.49 24.10 1.36
CA TYR C 79 -12.95 24.91 2.44
C TYR C 79 -11.44 25.10 2.29
N ASP C 80 -11.04 25.88 1.30
CA ASP C 80 -9.63 26.08 0.97
C ASP C 80 -9.18 27.54 1.06
N LEU C 81 -10.10 28.50 1.07
CA LEU C 81 -9.73 29.89 0.82
C LEU C 81 -10.72 30.82 1.51
N GLU C 82 -10.26 31.51 2.56
CA GLU C 82 -11.05 32.52 3.27
C GLU C 82 -10.16 33.66 3.73
N PRO C 83 -9.57 34.42 2.80
CA PRO C 83 -8.63 35.48 3.21
C PRO C 83 -9.28 36.65 3.93
N ASN C 84 -10.59 36.84 3.80
CA ASN C 84 -11.28 37.99 4.36
C ASN C 84 -12.06 37.66 5.64
N ALA C 85 -11.87 36.47 6.20
CA ALA C 85 -12.61 36.08 7.39
C ALA C 85 -12.26 37.00 8.56
N ASN C 86 -13.23 37.20 9.44
CA ASN C 86 -13.02 37.92 10.69
C ASN C 86 -12.88 36.94 11.84
N LEU C 87 -11.96 37.24 12.75
CA LEU C 87 -11.62 36.35 13.85
C LEU C 87 -11.92 37.02 15.17
N SER C 88 -12.70 36.36 16.02
CA SER C 88 -12.85 36.75 17.42
C SER C 88 -12.30 35.63 18.29
N LEU C 89 -11.80 35.98 19.47
CA LEU C 89 -10.98 35.06 20.24
C LEU C 89 -11.28 35.18 21.73
N THR C 90 -11.54 34.04 22.36
CA THR C 90 -11.60 33.92 23.81
C THR C 90 -10.44 33.04 24.28
N THR C 91 -10.12 33.12 25.57
CA THR C 91 -9.04 32.31 26.11
C THR C 91 -9.12 32.28 27.64
N ASP C 92 -8.58 31.22 28.22
CA ASP C 92 -8.30 31.17 29.65
C ASP C 92 -6.83 31.43 29.94
N GLY C 93 -6.05 31.76 28.92
CA GLY C 93 -4.68 32.24 29.07
C GLY C 93 -4.57 33.75 29.06
N LYS C 94 -3.49 34.25 28.48
CA LYS C 94 -3.34 35.72 28.44
C LYS C 94 -3.21 36.19 26.99
N PHE C 95 -4.09 37.12 26.57
CA PHE C 95 -3.95 37.76 25.27
C PHE C 95 -2.62 38.50 25.18
N LEU C 96 -2.03 38.52 23.99
CA LEU C 96 -0.77 39.22 23.77
C LEU C 96 -0.99 40.47 22.92
N LYS C 97 -0.41 41.59 23.36
CA LYS C 97 -0.49 42.83 22.61
C LYS C 97 0.34 42.75 21.34
N ALA C 98 -0.14 43.39 20.27
CA ALA C 98 0.65 43.52 19.06
C ALA C 98 1.97 44.21 19.34
N SER C 99 1.96 45.21 20.24
CA SER C 99 3.19 45.79 20.75
C SER C 99 4.17 44.70 21.21
N ALA C 100 3.71 43.80 22.06
CA ALA C 100 4.58 42.78 22.62
C ALA C 100 5.06 41.78 21.58
N VAL C 101 4.17 41.38 20.67
CA VAL C 101 4.58 40.48 19.59
C VAL C 101 5.67 41.12 18.75
N ASP C 102 5.47 42.38 18.35
CA ASP C 102 6.48 43.10 17.59
C ASP C 102 7.81 43.17 18.35
N ASP C 103 7.74 43.52 19.64
CA ASP C 103 8.96 43.62 20.43
C ASP C 103 9.70 42.29 20.49
N ALA C 104 8.97 41.21 20.74
CA ALA C 104 9.60 39.88 20.77
C ALA C 104 10.21 39.53 19.42
N PHE C 105 9.52 39.88 18.32
CA PHE C 105 10.06 39.65 17.00
C PHE C 105 11.34 40.45 16.77
N SER C 106 11.46 41.62 17.40
CA SER C 106 12.61 42.48 17.20
C SER C 106 13.84 42.05 17.99
N LYS C 107 13.74 41.02 18.84
CA LYS C 107 14.85 40.62 19.69
C LYS C 107 15.19 39.15 19.47
N SER C 108 16.34 38.77 20.03
CA SER C 108 16.82 37.38 20.18
C SER C 108 16.89 36.68 18.81
N THR C 109 16.59 35.38 18.74
CA THR C 109 16.88 34.53 17.57
C THR C 109 16.08 34.95 16.35
N SER C 110 15.06 35.76 16.56
CA SER C 110 14.17 36.32 15.57
C SER C 110 14.70 37.62 14.97
N LYS C 111 15.50 38.36 15.74
CA LYS C 111 15.91 39.72 15.41
C LYS C 111 16.50 39.80 14.01
N ALA C 112 17.41 38.87 13.68
CA ALA C 112 18.04 38.86 12.37
C ALA C 112 17.03 39.01 11.25
N LYS C 113 16.07 38.08 11.18
CA LYS C 113 15.10 38.16 10.09
C LYS C 113 14.25 39.41 10.22
N TYR C 114 13.94 39.81 11.45
CA TYR C 114 13.19 41.03 11.66
C TYR C 114 13.91 42.23 11.07
N ASP C 115 15.24 42.24 11.16
CA ASP C 115 16.00 43.35 10.62
C ASP C 115 16.08 43.33 9.10
N GLN C 116 15.71 42.22 8.46
CA GLN C 116 15.58 42.17 7.01
C GLN C 116 14.13 42.33 6.60
N LYS C 117 13.28 42.86 7.48
CA LYS C 117 11.85 43.03 7.25
C LYS C 117 11.22 41.70 6.83
N ILE C 118 11.47 40.67 7.63
CA ILE C 118 10.88 39.35 7.47
C ILE C 118 10.42 38.88 8.84
N LEU C 119 9.15 38.44 8.93
CA LEU C 119 8.63 37.87 10.16
C LEU C 119 8.82 36.35 10.09
N GLN C 120 9.85 35.86 10.76
CA GLN C 120 10.20 34.43 10.77
C GLN C 120 9.60 33.82 12.03
N LEU C 121 8.45 33.15 11.87
CA LEU C 121 7.70 32.67 13.02
C LEU C 121 8.44 31.56 13.76
N ASP C 122 9.11 30.67 13.02
CA ASP C 122 9.81 29.55 13.65
C ASP C 122 11.11 29.96 14.31
N ASP C 123 11.49 31.23 14.25
CA ASP C 123 12.65 31.73 14.96
C ASP C 123 12.30 32.58 16.18
N LEU C 124 11.01 32.78 16.45
CA LEU C 124 10.59 33.66 17.53
C LEU C 124 10.91 33.05 18.88
N ASP C 125 11.70 33.77 19.68
CA ASP C 125 12.01 33.39 21.05
C ASP C 125 10.92 33.96 21.95
N ILE C 126 10.04 33.08 22.45
CA ILE C 126 8.86 33.53 23.18
C ILE C 126 9.15 34.02 24.59
N THR C 127 10.43 33.97 25.02
CA THR C 127 10.78 34.51 26.34
C THR C 127 10.40 35.98 26.45
N ASN C 128 10.49 36.72 25.35
CA ASN C 128 10.13 38.13 25.33
C ASN C 128 8.62 38.35 25.18
N LEU C 129 7.84 37.28 25.24
CA LEU C 129 6.38 37.37 25.31
C LEU C 129 5.86 37.04 26.70
N GLU C 130 6.73 36.68 27.64
CA GLU C 130 6.31 36.15 28.93
C GLU C 130 6.27 37.19 30.03
N GLN C 131 6.59 38.44 29.73
CA GLN C 131 6.39 39.50 30.72
C GLN C 131 4.92 39.86 30.78
N SER C 132 4.50 40.37 31.94
CA SER C 132 3.09 40.68 32.17
C SER C 132 2.66 41.97 31.48
N ASN C 133 3.59 42.92 31.33
CA ASN C 133 3.30 44.13 30.56
C ASN C 133 2.95 43.80 29.11
N ASP C 134 3.14 42.56 28.67
CA ASP C 134 2.84 42.10 27.33
C ASP C 134 1.39 41.70 27.14
N VAL C 135 0.60 41.66 28.21
CA VAL C 135 -0.74 41.08 28.19
C VAL C 135 -1.78 42.15 27.86
N ALA C 136 -2.75 41.77 27.03
CA ALA C 136 -3.86 42.64 26.65
C ALA C 136 -5.17 42.07 27.18
N SER C 137 -6.17 42.95 27.27
CA SER C 137 -7.49 42.54 27.71
C SER C 137 -8.31 41.90 26.58
N SER C 138 -7.96 42.18 25.33
CA SER C 138 -8.65 41.61 24.18
C SER C 138 -7.62 41.32 23.10
N MET C 139 -8.00 40.45 22.16
CA MET C 139 -7.11 40.06 21.07
C MET C 139 -6.69 41.26 20.25
N GLU C 140 -5.41 41.28 19.88
CA GLU C 140 -4.86 42.29 18.97
C GLU C 140 -4.17 41.56 17.82
N LEU C 141 -4.29 42.13 16.62
CA LEU C 141 -3.75 41.49 15.42
C LEU C 141 -2.36 41.98 15.11
N TYR C 142 -1.57 41.10 14.48
CA TYR C 142 -0.22 41.43 14.06
C TYR C 142 0.09 40.68 12.77
N GLY C 143 1.01 41.23 12.00
CA GLY C 143 1.40 40.61 10.75
C GLY C 143 1.98 41.64 9.80
N ASN C 144 2.12 41.21 8.54
CA ASN C 144 2.73 42.04 7.50
C ASN C 144 1.66 42.93 6.84
N PHE C 145 1.06 43.79 7.67
CA PHE C 145 0.13 44.80 7.19
C PHE C 145 0.42 46.09 7.95
N GLY C 146 -0.35 47.14 7.63
CA GLY C 146 -0.14 48.41 8.31
C GLY C 146 1.26 48.92 8.04
N ASP C 147 1.96 49.31 9.12
CA ASP C 147 3.33 49.78 9.01
C ASP C 147 4.31 48.68 8.66
N LYS C 148 3.85 47.44 8.50
CA LYS C 148 4.70 46.34 8.04
C LYS C 148 4.18 45.73 6.75
N ALA C 149 3.32 46.44 6.02
CA ALA C 149 2.96 46.00 4.68
C ALA C 149 4.20 45.99 3.80
N GLY C 150 4.31 44.96 2.96
CA GLY C 150 5.51 44.75 2.19
C GLY C 150 6.55 43.87 2.85
N TRP C 151 6.41 43.60 4.15
CA TRP C 151 7.26 42.65 4.84
C TRP C 151 6.94 41.24 4.39
N SER C 152 7.84 40.31 4.67
CA SER C 152 7.62 38.91 4.36
C SER C 152 7.36 38.12 5.63
N THR C 153 6.59 37.04 5.49
CA THR C 153 6.38 36.07 6.55
C THR C 153 6.71 34.69 6.00
N THR C 154 6.98 33.76 6.91
CA THR C 154 7.19 32.38 6.49
C THR C 154 5.90 31.67 6.10
N VAL C 155 4.74 32.31 6.24
CA VAL C 155 3.46 31.65 5.98
C VAL C 155 3.11 31.66 4.49
N SER C 156 2.92 32.85 3.92
CA SER C 156 2.46 33.02 2.53
C SER C 156 3.37 33.97 1.76
N ASN C 157 4.64 33.97 2.14
CA ASN C 157 5.76 34.77 1.63
C ASN C 157 5.33 36.23 1.80
N ASN C 158 5.18 37.05 0.73
CA ASN C 158 4.71 38.42 0.92
C ASN C 158 3.22 38.59 0.92
N SER C 159 2.43 37.56 0.67
CA SER C 159 1.01 37.81 0.73
C SER C 159 0.61 38.17 2.15
N GLN C 160 -0.40 39.02 2.26
CA GLN C 160 -0.78 39.58 3.54
C GLN C 160 -1.45 38.53 4.43
N VAL C 161 -0.93 38.38 5.64
CA VAL C 161 -1.52 37.53 6.66
C VAL C 161 -1.59 38.30 7.97
N LYS C 162 -2.65 38.03 8.75
CA LYS C 162 -2.84 38.64 10.06
C LYS C 162 -3.15 37.54 11.06
N TRP C 163 -2.66 37.70 12.30
CA TRP C 163 -2.94 36.70 13.33
C TRP C 163 -3.06 37.38 14.69
N GLY C 164 -3.94 36.82 15.51
CA GLY C 164 -4.00 37.19 16.91
C GLY C 164 -3.18 36.24 17.77
N SER C 165 -2.66 36.74 18.88
CA SER C 165 -1.69 36.01 19.67
C SER C 165 -2.17 35.79 21.10
N VAL C 166 -1.95 34.58 21.60
CA VAL C 166 -2.23 34.26 22.99
C VAL C 166 -1.03 33.53 23.58
N LEU C 167 -0.91 33.61 24.90
CA LEU C 167 0.10 32.88 25.65
C LEU C 167 -0.61 31.92 26.59
N LEU C 168 -0.40 30.62 26.37
CA LEU C 168 -1.12 29.58 27.08
C LEU C 168 -0.16 28.70 27.84
N GLU C 169 -0.63 28.17 28.96
CA GLU C 169 0.06 27.07 29.63
C GLU C 169 -0.61 25.76 29.24
N ARG C 170 0.00 24.64 29.65
CA ARG C 170 -0.58 23.33 29.38
C ARG C 170 -1.99 23.25 29.95
N GLY C 171 -2.90 22.73 29.13
CA GLY C 171 -4.30 22.64 29.49
C GLY C 171 -5.11 23.88 29.22
N GLN C 172 -4.47 25.03 29.05
CA GLN C 172 -5.17 26.25 28.69
C GLN C 172 -5.47 26.25 27.19
N SER C 173 -6.40 27.11 26.79
CA SER C 173 -6.92 27.04 25.43
C SER C 173 -7.27 28.44 24.93
N ALA C 174 -7.45 28.53 23.62
CA ALA C 174 -8.04 29.69 22.98
C ALA C 174 -9.10 29.22 22.00
N THR C 175 -10.26 29.87 22.03
CA THR C 175 -11.37 29.54 21.15
C THR C 175 -11.54 30.65 20.13
N ALA C 176 -11.52 30.28 18.86
CA ALA C 176 -11.60 31.19 17.73
C ALA C 176 -12.95 31.03 17.05
N THR C 177 -13.67 32.13 16.92
CA THR C 177 -14.89 32.18 16.12
C THR C 177 -14.54 32.91 14.83
N TYR C 178 -14.57 32.19 13.71
CA TYR C 178 -14.35 32.74 12.39
C TYR C 178 -15.71 33.02 11.75
N THR C 179 -15.92 34.26 11.34
CA THR C 179 -17.11 34.64 10.58
C THR C 179 -16.69 35.38 9.32
N ASN C 180 -17.67 35.95 8.60
CA ASN C 180 -17.42 36.60 7.31
C ASN C 180 -16.78 35.65 6.32
N LEU C 181 -17.25 34.40 6.32
CA LEU C 181 -16.78 33.42 5.34
C LEU C 181 -17.51 33.64 4.02
N GLN C 182 -16.77 33.48 2.92
CA GLN C 182 -17.28 33.86 1.61
C GLN C 182 -17.27 32.75 0.58
N ASN C 183 -16.42 31.73 0.73
CA ASN C 183 -16.20 30.76 -0.33
C ASN C 183 -16.38 29.32 0.13
N SER C 184 -16.82 29.08 1.36
CA SER C 184 -16.78 27.75 1.94
C SER C 184 -18.17 27.16 2.11
N TYR C 185 -18.28 25.86 1.79
CA TYR C 185 -19.54 25.12 1.82
C TYR C 185 -19.23 23.70 2.27
N CYS C 186 -20.21 23.05 2.91
CA CYS C 186 -20.06 21.65 3.29
C CYS C 186 -21.31 20.90 2.88
N ASN C 187 -21.12 19.83 2.12
CA ASN C 187 -22.19 19.13 1.39
C ASN C 187 -23.21 20.12 0.84
N GLY C 188 -22.72 21.23 0.28
CA GLY C 188 -23.56 22.22 -0.37
C GLY C 188 -24.18 23.24 0.55
N LYS C 189 -24.13 23.00 1.86
CA LYS C 189 -24.66 23.99 2.85
C LYS C 189 -23.58 25.05 3.04
N LYS C 190 -23.93 26.34 2.96
CA LYS C 190 -22.87 27.36 3.07
C LYS C 190 -22.40 27.46 4.52
N ILE C 191 -21.07 27.52 4.73
CA ILE C 191 -20.51 27.64 6.08
C ILE C 191 -20.43 29.12 6.44
N SER C 192 -21.17 29.52 7.47
CA SER C 192 -21.19 30.93 7.89
C SER C 192 -20.41 31.19 9.15
N LYS C 193 -20.15 30.17 9.97
CA LYS C 193 -19.42 30.38 11.20
C LYS C 193 -18.62 29.13 11.51
N ILE C 194 -17.41 29.31 12.01
CA ILE C 194 -16.61 28.19 12.49
C ILE C 194 -16.18 28.48 13.92
N VAL C 195 -16.42 27.52 14.82
CA VAL C 195 -15.95 27.65 16.20
C VAL C 195 -14.90 26.59 16.43
N TYR C 196 -13.71 27.02 16.84
CA TYR C 196 -12.50 26.22 16.81
C TYR C 196 -11.73 26.43 18.09
N LYS C 197 -11.49 25.36 18.85
CA LYS C 197 -10.81 25.45 20.13
C LYS C 197 -9.44 24.81 20.02
N TYR C 198 -8.41 25.58 20.32
CA TYR C 198 -7.02 25.12 20.33
C TYR C 198 -6.59 24.98 21.78
N THR C 199 -6.16 23.78 22.17
CA THR C 199 -5.76 23.47 23.53
C THR C 199 -4.33 22.97 23.55
N VAL C 200 -3.54 23.45 24.50
CA VAL C 200 -2.17 22.97 24.66
C VAL C 200 -2.22 21.62 25.36
N ASP C 201 -1.86 20.56 24.63
CA ASP C 201 -1.83 19.21 25.18
C ASP C 201 -0.85 19.13 26.36
N PRO C 202 -1.30 18.75 27.55
CA PRO C 202 -0.36 18.62 28.68
C PRO C 202 0.73 17.60 28.45
N LYS C 203 0.57 16.69 27.49
CA LYS C 203 1.60 15.69 27.18
C LYS C 203 2.75 16.27 26.37
N SER C 204 2.70 17.56 26.03
CA SER C 204 3.82 18.18 25.34
C SER C 204 5.06 18.14 26.23
N LYS C 205 6.21 17.89 25.62
CA LYS C 205 7.43 17.62 26.36
C LYS C 205 8.42 18.79 26.32
N PHE C 206 7.99 19.97 25.87
CA PHE C 206 8.90 21.11 25.83
C PHE C 206 9.29 21.52 27.25
N GLN C 207 10.50 22.07 27.37
CA GLN C 207 11.07 22.32 28.69
C GLN C 207 10.41 23.50 29.40
N GLY C 208 9.89 24.46 28.64
CA GLY C 208 9.23 25.61 29.21
C GLY C 208 7.88 25.29 29.83
N GLN C 209 7.15 26.37 30.11
CA GLN C 209 5.81 26.31 30.70
C GLN C 209 4.81 27.10 29.89
N LYS C 210 5.25 27.83 28.86
CA LYS C 210 4.37 28.67 28.05
C LYS C 210 4.44 28.30 26.58
N VAL C 211 3.35 28.56 25.88
CA VAL C 211 3.21 28.36 24.44
C VAL C 211 2.64 29.63 23.86
N TRP C 212 3.26 30.13 22.81
CA TRP C 212 2.69 31.22 22.02
C TRP C 212 1.86 30.62 20.90
N LEU C 213 0.59 31.04 20.81
CA LEU C 213 -0.29 30.67 19.71
C LEU C 213 -0.54 31.91 18.85
N GLY C 214 -0.10 31.84 17.59
CA GLY C 214 -0.53 32.79 16.58
C GLY C 214 -1.61 32.17 15.74
N ILE C 215 -2.85 32.63 15.95
CA ILE C 215 -4.02 32.13 15.26
C ILE C 215 -4.36 33.10 14.13
N PHE C 216 -4.27 32.62 12.89
CA PHE C 216 -4.46 33.48 11.73
C PHE C 216 -5.93 33.77 11.50
N THR C 217 -6.21 34.99 11.03
CA THR C 217 -7.60 35.38 10.75
C THR C 217 -8.21 34.52 9.67
N ASP C 218 -7.42 34.12 8.68
CA ASP C 218 -7.85 33.15 7.68
C ASP C 218 -7.82 31.77 8.34
N PRO C 219 -8.98 31.16 8.59
CA PRO C 219 -8.99 29.87 9.30
C PRO C 219 -8.31 28.77 8.52
N THR C 220 -8.23 28.87 7.19
CA THR C 220 -7.53 27.87 6.40
C THR C 220 -6.02 27.92 6.61
N LEU C 221 -5.49 29.00 7.18
CA LEU C 221 -4.08 29.08 7.48
C LEU C 221 -3.71 28.40 8.79
N GLY C 222 -4.69 27.99 9.59
CA GLY C 222 -4.39 27.22 10.78
C GLY C 222 -3.79 28.07 11.88
N VAL C 223 -2.68 27.59 12.45
CA VAL C 223 -2.11 28.18 13.65
C VAL C 223 -0.61 27.91 13.66
N PHE C 224 0.11 28.81 14.34
CA PHE C 224 1.51 28.60 14.69
C PHE C 224 1.62 28.47 16.21
N ALA C 225 2.19 27.36 16.66
CA ALA C 225 2.38 27.09 18.08
C ALA C 225 3.86 27.01 18.38
N SER C 226 4.30 27.69 19.44
CA SER C 226 5.73 27.69 19.72
C SER C 226 5.99 27.72 21.23
N ALA C 227 6.84 26.80 21.68
CA ALA C 227 7.42 26.87 23.01
C ALA C 227 8.90 27.21 22.94
N TYR C 228 9.35 27.70 21.79
CA TYR C 228 10.77 27.94 21.54
C TYR C 228 11.27 29.09 22.40
N THR C 229 12.35 28.84 23.15
CA THR C 229 12.95 29.84 24.01
C THR C 229 14.37 30.19 23.58
N GLY C 230 14.73 29.86 22.34
CA GLY C 230 16.01 30.21 21.76
C GLY C 230 16.99 29.07 21.62
N GLN C 231 16.71 27.92 22.21
CA GLN C 231 17.59 26.76 22.14
C GLN C 231 16.80 25.53 21.71
N VAL C 232 17.45 24.65 20.95
CA VAL C 232 16.81 23.40 20.59
C VAL C 232 16.76 22.48 21.82
N GLU C 233 15.87 21.50 21.76
CA GLU C 233 15.61 20.64 22.90
C GLU C 233 15.55 19.19 22.43
N LYS C 234 16.25 18.31 23.14
CA LYS C 234 16.14 16.88 22.88
C LYS C 234 14.89 16.33 23.55
N ASN C 235 14.37 15.24 23.00
CA ASN C 235 13.20 14.55 23.54
C ASN C 235 12.05 15.52 23.79
N THR C 236 11.83 16.43 22.86
CA THR C 236 10.86 17.50 23.03
C THR C 236 9.66 17.29 22.12
N SER C 237 8.60 18.04 22.40
CA SER C 237 7.36 17.94 21.63
C SER C 237 6.47 19.12 21.97
N ILE C 238 5.70 19.55 20.98
CA ILE C 238 4.58 20.48 21.17
C ILE C 238 3.38 19.91 20.44
N PHE C 239 2.24 19.83 21.13
CA PHE C 239 1.04 19.23 20.58
C PHE C 239 -0.16 20.10 20.91
N ILE C 240 -0.96 20.42 19.90
CA ILE C 240 -2.16 21.23 20.06
C ILE C 240 -3.37 20.38 19.70
N LYS C 241 -4.32 20.28 20.62
CA LYS C 241 -5.60 19.66 20.37
C LYS C 241 -6.52 20.66 19.69
N ASN C 242 -7.26 20.21 18.68
CA ASN C 242 -8.15 21.04 17.89
C ASN C 242 -9.54 20.43 17.93
N GLU C 243 -10.51 21.19 18.44
CA GLU C 243 -11.91 20.76 18.45
C GLU C 243 -12.74 21.80 17.70
N PHE C 244 -13.45 21.37 16.68
CA PHE C 244 -14.13 22.33 15.82
C PHE C 244 -15.54 21.88 15.47
N THR C 245 -16.40 22.89 15.27
CA THR C 245 -17.77 22.74 14.83
C THR C 245 -18.08 23.83 13.81
N PHE C 246 -18.71 23.43 12.70
CA PHE C 246 -19.07 24.33 11.62
C PHE C 246 -20.57 24.64 11.68
N TYR C 247 -20.92 25.88 11.33
CA TYR C 247 -22.29 26.37 11.41
C TYR C 247 -22.68 27.05 10.11
N ASP C 248 -23.97 26.91 9.77
CA ASP C 248 -24.55 27.46 8.55
C ASP C 248 -25.10 28.85 8.84
N GLU C 249 -25.83 29.35 7.86
CA GLU C 249 -26.42 30.71 7.87
C GLU C 249 -27.34 30.91 9.06
N ASP C 250 -28.07 29.87 9.44
CA ASP C 250 -29.00 29.95 10.55
C ASP C 250 -28.31 29.72 11.89
N GLY C 251 -26.99 29.58 11.89
CA GLY C 251 -26.28 29.30 13.13
C GLY C 251 -26.46 27.89 13.62
N LYS C 252 -26.96 26.99 12.78
CA LYS C 252 -27.19 25.59 13.08
C LYS C 252 -25.94 24.78 12.76
N PRO C 253 -25.50 23.90 13.65
CA PRO C 253 -24.32 23.07 13.35
C PRO C 253 -24.53 22.23 12.09
N ILE C 254 -23.44 22.02 11.36
CA ILE C 254 -23.45 21.22 10.14
C ILE C 254 -22.85 19.86 10.45
N ASN C 255 -23.63 18.80 10.23
CA ASN C 255 -23.15 17.46 10.49
C ASN C 255 -22.31 17.01 9.30
N PHE C 256 -21.01 16.85 9.51
CA PHE C 256 -20.14 16.35 8.44
C PHE C 256 -20.65 14.99 7.97
N ASP C 257 -20.51 14.74 6.68
CA ASP C 257 -20.95 13.47 6.07
C ASP C 257 -19.81 12.98 5.19
N ASN C 258 -18.90 12.22 5.80
CA ASN C 258 -17.69 11.76 5.13
C ASN C 258 -16.93 12.92 4.50
N ALA C 259 -16.80 14.00 5.26
CA ALA C 259 -15.97 15.11 4.81
C ALA C 259 -14.50 14.75 4.92
N LEU C 260 -13.70 15.25 3.98
CA LEU C 260 -12.28 14.99 3.94
C LEU C 260 -11.56 16.19 4.56
N LEU C 261 -11.00 15.99 5.75
CA LEU C 261 -10.16 17.00 6.38
C LEU C 261 -8.72 16.74 5.95
N SER C 262 -8.12 17.71 5.26
CA SER C 262 -6.76 17.55 4.77
C SER C 262 -5.76 17.81 5.90
N VAL C 263 -4.99 16.79 6.26
CA VAL C 263 -3.91 16.91 7.23
C VAL C 263 -2.63 16.98 6.41
N ALA C 264 -2.08 18.17 6.28
CA ALA C 264 -1.11 18.43 5.24
C ALA C 264 0.19 19.00 5.81
N SER C 265 1.24 18.89 5.01
CA SER C 265 2.61 19.39 5.32
C SER C 265 3.16 18.76 6.59
N LEU C 266 3.02 17.44 6.72
CA LEU C 266 3.52 16.71 7.88
C LEU C 266 4.99 16.40 7.66
N ASN C 267 5.83 17.40 7.95
CA ASN C 267 7.26 17.28 7.70
C ASN C 267 7.91 16.30 8.66
N ARG C 268 8.81 15.48 8.14
CA ARG C 268 9.65 14.60 8.94
C ARG C 268 11.11 14.87 8.58
N GLU C 269 11.85 15.43 9.52
CA GLU C 269 13.28 15.58 9.38
C GLU C 269 13.98 14.37 10.03
N HIS C 270 15.31 14.35 9.96
CA HIS C 270 16.06 13.24 10.52
C HIS C 270 15.85 13.11 12.02
N ASN C 271 15.54 14.22 12.70
CA ASN C 271 15.43 14.24 14.15
C ASN C 271 14.06 14.67 14.66
N SER C 272 13.08 14.85 13.78
CA SER C 272 11.80 15.40 14.21
C SER C 272 10.69 14.94 13.28
N ILE C 273 9.50 14.74 13.84
CA ILE C 273 8.34 14.24 13.12
C ILE C 273 7.15 15.13 13.44
N GLU C 274 6.48 15.59 12.39
CA GLU C 274 5.21 16.34 12.50
C GLU C 274 4.10 15.32 12.30
N MET C 275 3.11 15.28 13.17
CA MET C 275 2.12 14.23 13.12
C MET C 275 0.77 14.74 13.61
N ALA C 276 -0.25 13.94 13.31
CA ALA C 276 -1.59 14.11 13.86
C ALA C 276 -2.00 12.81 14.54
N LYS C 277 -2.75 12.94 15.62
CA LYS C 277 -3.19 11.81 16.43
C LYS C 277 -4.45 12.21 17.17
N ASP C 278 -4.97 11.29 17.97
CA ASP C 278 -6.18 11.49 18.78
C ASP C 278 -7.25 12.24 17.97
N TYR C 279 -7.64 11.64 16.86
CA TYR C 279 -8.52 12.28 15.90
C TYR C 279 -9.81 11.50 15.74
N SER C 280 -10.91 12.24 15.60
CA SER C 280 -12.16 11.65 15.14
C SER C 280 -12.04 11.25 13.68
N GLY C 281 -12.83 10.27 13.27
CA GLY C 281 -12.82 9.84 11.89
C GLY C 281 -11.74 8.81 11.60
N LYS C 282 -11.60 8.50 10.31
CA LYS C 282 -10.70 7.44 9.85
C LYS C 282 -9.67 8.02 8.89
N PHE C 283 -8.44 7.52 8.97
CA PHE C 283 -7.38 8.01 8.10
C PHE C 283 -7.67 7.68 6.64
N VAL C 284 -7.31 8.61 5.76
CA VAL C 284 -7.48 8.47 4.32
C VAL C 284 -6.10 8.63 3.68
N LYS C 285 -5.63 7.57 3.05
CA LYS C 285 -4.30 7.55 2.46
C LYS C 285 -4.30 8.13 1.05
N ILE C 286 -3.25 8.86 0.73
CA ILE C 286 -2.94 9.26 -0.64
C ILE C 286 -1.87 8.32 -1.17
N SER C 287 -2.15 7.69 -2.31
CA SER C 287 -1.23 6.69 -2.85
C SER C 287 0.12 7.32 -3.18
N GLY C 288 1.19 6.68 -2.73
CA GLY C 288 2.53 7.18 -2.95
C GLY C 288 2.99 8.22 -1.96
N SER C 289 2.11 8.70 -1.09
CA SER C 289 2.49 9.70 -0.10
C SER C 289 3.41 9.10 0.94
N SER C 290 4.34 9.92 1.42
CA SER C 290 5.16 9.54 2.57
C SER C 290 4.32 9.34 3.82
N ILE C 291 3.13 9.93 3.86
CA ILE C 291 2.30 9.97 5.06
C ILE C 291 1.44 8.72 5.12
N GLY C 292 1.48 8.02 6.26
CA GLY C 292 0.63 6.90 6.54
C GLY C 292 0.19 6.94 7.99
N GLU C 293 -0.42 5.87 8.47
CA GLU C 293 -0.92 5.79 9.83
C GLU C 293 -0.29 4.61 10.55
N LYS C 294 0.19 4.86 11.77
CA LYS C 294 0.78 3.83 12.62
C LYS C 294 0.48 4.18 14.08
N ASN C 295 -0.02 3.21 14.83
CA ASN C 295 -0.32 3.37 16.26
C ASN C 295 -1.21 4.59 16.50
N GLY C 296 -2.24 4.73 15.68
CA GLY C 296 -3.16 5.83 15.83
C GLY C 296 -2.58 7.20 15.58
N MET C 297 -1.44 7.27 14.89
CA MET C 297 -0.80 8.54 14.56
C MET C 297 -0.58 8.62 13.06
N ILE C 298 -0.82 9.79 12.49
CA ILE C 298 -0.68 10.03 11.07
C ILE C 298 0.60 10.83 10.85
N TYR C 299 1.57 10.23 10.15
CA TYR C 299 2.85 10.89 9.92
C TYR C 299 3.62 10.11 8.86
N ALA C 300 4.83 10.59 8.57
CA ALA C 300 5.74 9.90 7.64
C ALA C 300 6.32 8.70 8.38
N THR C 301 5.71 7.53 8.16
CA THR C 301 5.95 6.40 9.03
C THR C 301 7.31 5.73 8.78
N ASP C 302 7.76 5.69 7.53
CA ASP C 302 8.91 4.87 7.18
C ASP C 302 10.07 5.61 6.54
N THR C 303 9.82 6.77 5.92
CA THR C 303 10.90 7.56 5.34
C THR C 303 10.78 8.98 5.86
N LEU C 304 11.89 9.71 5.78
CA LEU C 304 11.83 11.16 5.91
C LEU C 304 11.20 11.75 4.65
N ASN C 305 10.95 13.05 4.69
CA ASN C 305 10.51 13.73 3.49
C ASN C 305 11.15 15.10 3.34
N PHE C 306 12.34 15.28 3.93
CA PHE C 306 12.97 16.60 3.94
C PHE C 306 13.82 16.83 2.70
N LYS C 307 14.73 15.91 2.40
CA LYS C 307 15.70 16.10 1.32
C LYS C 307 15.77 14.83 0.47
N GLN C 308 15.78 15.02 -0.84
CA GLN C 308 15.87 13.89 -1.76
C GLN C 308 17.14 13.10 -1.50
N GLY C 309 16.99 11.79 -1.30
CA GLY C 309 18.12 10.94 -1.01
C GLY C 309 18.45 10.78 0.46
N GLU C 310 17.99 11.71 1.31
CA GLU C 310 18.25 11.65 2.74
C GLU C 310 17.13 10.88 3.42
N GLY C 311 17.50 9.82 4.14
CA GLY C 311 16.52 9.06 4.90
C GLY C 311 15.40 8.47 4.08
N GLY C 312 15.66 8.12 2.83
CA GLY C 312 14.65 7.48 1.99
C GLY C 312 13.61 8.39 1.39
N SER C 313 13.79 9.71 1.45
CA SER C 313 12.78 10.63 0.95
C SER C 313 12.89 10.78 -0.56
N ARG C 314 11.75 10.77 -1.23
CA ARG C 314 11.75 10.82 -2.69
C ARG C 314 12.01 12.23 -3.21
N TRP C 315 11.60 13.26 -2.46
CA TRP C 315 11.67 14.63 -2.94
C TRP C 315 12.15 15.54 -1.82
N THR C 316 12.58 16.73 -2.21
CA THR C 316 13.04 17.76 -1.28
C THR C 316 11.91 18.73 -0.97
N MET C 317 11.77 19.07 0.31
CA MET C 317 10.62 19.87 0.72
C MET C 317 10.69 21.32 0.22
N TYR C 318 11.91 21.86 0.06
CA TYR C 318 12.12 23.18 -0.49
C TYR C 318 12.50 23.09 -1.95
N LYS C 319 12.18 24.15 -2.71
CA LYS C 319 12.43 24.16 -4.18
C LYS C 319 13.92 24.38 -4.48
N ASN C 320 14.50 23.55 -5.37
CA ASN C 320 15.90 23.72 -5.73
C ASN C 320 16.07 23.21 -7.16
N SER C 321 17.30 22.84 -7.51
CA SER C 321 17.56 22.27 -8.83
C SER C 321 16.76 21.01 -9.06
N GLN C 322 16.71 20.13 -8.06
CA GLN C 322 16.23 18.78 -8.28
C GLN C 322 14.75 18.76 -8.66
N ALA C 323 14.41 17.81 -9.53
CA ALA C 323 13.02 17.67 -9.98
C ALA C 323 12.12 17.23 -8.83
N GLY C 324 10.88 17.72 -8.86
CA GLY C 324 9.92 17.42 -7.83
C GLY C 324 10.16 18.11 -6.50
N SER C 325 11.19 18.94 -6.39
CA SER C 325 11.47 19.61 -5.14
C SER C 325 10.45 20.72 -4.87
N GLY C 326 10.50 21.25 -3.66
CA GLY C 326 9.53 22.25 -3.24
C GLY C 326 8.14 21.71 -3.05
N TRP C 327 8.02 20.42 -2.68
CA TRP C 327 6.70 19.84 -2.50
C TRP C 327 5.96 20.45 -1.31
N ASP C 328 6.67 21.05 -0.36
CA ASP C 328 6.01 21.69 0.77
C ASP C 328 5.54 23.09 0.43
N SER C 329 4.84 23.22 -0.69
CA SER C 329 4.22 24.46 -1.09
C SER C 329 2.73 24.23 -1.34
N SER C 330 1.96 25.31 -1.24
CA SER C 330 0.55 25.20 -1.59
C SER C 330 0.33 24.98 -3.08
N ASP C 331 1.22 25.46 -3.97
CA ASP C 331 0.96 25.28 -5.40
C ASP C 331 1.48 23.95 -5.90
N ALA C 332 2.31 23.30 -5.09
CA ALA C 332 3.11 22.19 -5.58
C ALA C 332 2.23 21.04 -6.07
N PRO C 333 2.43 20.56 -7.30
CA PRO C 333 1.62 19.43 -7.79
C PRO C 333 1.87 18.14 -7.03
N ASN C 334 3.03 18.00 -6.37
CA ASN C 334 3.32 16.83 -5.55
C ASN C 334 3.21 17.16 -4.06
N SER C 335 2.41 18.18 -3.72
CA SER C 335 2.06 18.46 -2.34
C SER C 335 1.66 17.19 -1.60
N TRP C 336 0.86 16.33 -2.24
CA TRP C 336 0.35 15.11 -1.61
C TRP C 336 1.45 14.24 -1.01
N TYR C 337 2.71 14.44 -1.41
CA TYR C 337 3.79 13.63 -0.85
C TYR C 337 3.91 13.81 0.66
N GLY C 338 3.47 14.96 1.18
CA GLY C 338 3.55 15.19 2.60
C GLY C 338 2.20 15.34 3.26
N ALA C 339 1.16 14.75 2.65
CA ALA C 339 -0.20 14.97 3.09
C ALA C 339 -0.97 13.66 3.25
N GLY C 340 -1.98 13.70 4.11
CA GLY C 340 -2.99 12.66 4.22
C GLY C 340 -4.34 13.29 4.51
N ALA C 341 -5.36 12.48 4.79
CA ALA C 341 -6.67 13.04 5.09
C ALA C 341 -7.29 12.30 6.26
N ILE C 342 -8.37 12.86 6.78
CA ILE C 342 -9.21 12.21 7.77
C ILE C 342 -10.66 12.34 7.32
N LYS C 343 -11.30 11.20 7.06
CA LYS C 343 -12.72 11.15 6.78
C LYS C 343 -13.48 11.32 8.09
N MET C 344 -14.31 12.35 8.17
CA MET C 344 -14.99 12.72 9.40
C MET C 344 -16.48 12.87 9.16
N SER C 345 -17.26 12.59 10.21
CA SER C 345 -18.70 12.78 10.20
C SER C 345 -19.11 13.35 11.55
N GLY C 346 -20.34 13.85 11.61
CA GLY C 346 -20.87 14.44 12.82
C GLY C 346 -20.58 15.93 12.91
N PRO C 347 -21.18 16.59 13.89
CA PRO C 347 -21.03 18.06 14.00
C PRO C 347 -19.78 18.48 14.74
N ASN C 348 -19.30 17.66 15.68
CA ASN C 348 -18.14 17.99 16.50
C ASN C 348 -16.99 17.07 16.13
N ASN C 349 -15.89 17.65 15.64
CA ASN C 349 -14.74 16.83 15.28
C ASN C 349 -13.48 17.38 15.95
N TYR C 350 -12.43 16.57 15.97
CA TYR C 350 -11.24 16.92 16.72
C TYR C 350 -10.04 16.14 16.20
N VAL C 351 -8.84 16.71 16.43
CA VAL C 351 -7.57 16.08 16.11
C VAL C 351 -6.44 16.86 16.79
N THR C 352 -5.43 16.16 17.28
CA THR C 352 -4.25 16.80 17.85
C THR C 352 -3.13 16.78 16.81
N VAL C 353 -2.56 17.94 16.55
CA VAL C 353 -1.46 18.08 15.60
C VAL C 353 -0.25 18.63 16.34
N GLY C 354 0.93 18.14 16.01
CA GLY C 354 2.09 18.65 16.70
C GLY C 354 3.38 18.17 16.07
N ALA C 355 4.48 18.58 16.69
CA ALA C 355 5.82 18.20 16.30
C ALA C 355 6.52 17.57 17.49
N THR C 356 7.31 16.54 17.24
CA THR C 356 7.95 15.82 18.34
C THR C 356 9.29 15.29 17.88
N SER C 357 10.25 15.24 18.79
CA SER C 357 11.55 14.67 18.47
C SER C 357 11.41 13.20 18.14
N ALA C 358 12.18 12.75 17.15
CA ALA C 358 12.06 11.38 16.65
C ALA C 358 12.23 10.35 17.75
N THR C 359 13.10 10.62 18.73
CA THR C 359 13.34 9.67 19.80
C THR C 359 12.09 9.40 20.63
N ASN C 360 11.12 10.33 20.64
CA ASN C 360 9.87 10.10 21.35
C ASN C 360 8.97 9.10 20.64
N VAL C 361 9.21 8.83 19.36
CA VAL C 361 8.30 8.02 18.55
C VAL C 361 8.82 6.60 18.38
N MET C 362 10.12 6.42 18.22
CA MET C 362 10.68 5.12 17.89
C MET C 362 12.12 5.08 18.38
N PRO C 363 12.69 3.90 18.56
CA PRO C 363 14.09 3.81 18.96
C PRO C 363 15.02 4.21 17.82
N VAL C 364 16.24 4.63 18.22
CA VAL C 364 17.26 4.97 17.24
C VAL C 364 17.58 3.79 16.34
N SER C 365 17.44 2.57 16.86
CA SER C 365 17.62 1.36 16.07
C SER C 365 16.80 1.41 14.77
N ASP C 366 15.53 1.78 14.88
CA ASP C 366 14.58 1.73 13.77
C ASP C 366 14.66 2.94 12.85
N MET C 367 15.56 3.89 13.09
CA MET C 367 15.43 5.15 12.37
C MET C 367 16.22 5.15 11.06
N PRO C 368 15.73 5.87 10.06
CA PRO C 368 16.52 6.09 8.84
C PRO C 368 17.83 6.79 9.17
N VAL C 369 18.89 6.39 8.48
CA VAL C 369 20.24 6.89 8.73
C VAL C 369 20.61 7.87 7.63
N VAL C 370 20.96 9.09 8.03
CA VAL C 370 21.43 10.13 7.12
C VAL C 370 22.87 10.43 7.49
N PRO C 371 23.84 10.21 6.59
CA PRO C 371 25.25 10.45 6.94
C PRO C 371 25.49 11.90 7.34
N GLY C 372 26.15 12.07 8.49
CA GLY C 372 26.52 13.38 8.98
C GLY C 372 25.50 14.06 9.87
N LYS C 373 24.36 13.44 10.12
CA LYS C 373 23.28 14.06 10.88
C LYS C 373 22.89 13.16 12.05
N ASP C 374 22.87 13.74 13.24
CA ASP C 374 22.54 13.00 14.47
C ASP C 374 21.03 12.98 14.64
N ASN C 375 20.45 11.78 14.63
CA ASN C 375 19.01 11.66 14.80
C ASN C 375 18.52 12.13 16.16
N THR C 376 19.42 12.23 17.14
CA THR C 376 19.05 12.69 18.48
C THR C 376 19.19 14.20 18.65
N ASP C 377 19.54 14.92 17.58
CA ASP C 377 19.66 16.37 17.66
C ASP C 377 18.37 16.99 18.20
N GLY C 378 18.53 18.02 19.01
CA GLY C 378 17.38 18.76 19.49
C GLY C 378 16.70 19.51 18.37
N LYS C 379 15.44 19.83 18.61
CA LYS C 379 14.63 20.57 17.65
C LYS C 379 13.93 21.72 18.34
N LYS C 380 13.46 22.70 17.57
CA LYS C 380 12.66 23.77 18.12
C LYS C 380 11.26 23.25 18.43
N PRO C 381 10.75 23.45 19.63
CA PRO C 381 9.38 23.00 19.94
C PRO C 381 8.33 23.96 19.40
N ASN C 382 8.24 24.02 18.07
CA ASN C 382 7.22 24.82 17.40
C ASN C 382 6.74 24.09 16.16
N ILE C 383 5.60 24.56 15.64
CA ILE C 383 4.97 23.95 14.48
C ILE C 383 3.99 24.94 13.89
N TRP C 384 3.96 25.01 12.56
CA TRP C 384 2.85 25.61 11.83
C TRP C 384 2.01 24.49 11.24
N TYR C 385 0.69 24.57 11.42
CA TYR C 385 -0.16 23.58 10.77
C TYR C 385 -1.52 24.20 10.48
N SER C 386 -2.26 23.55 9.61
CA SER C 386 -3.61 24.01 9.25
C SER C 386 -4.47 22.80 8.93
N LEU C 387 -5.75 22.93 9.24
CA LEU C 387 -6.75 21.89 8.95
C LEU C 387 -7.85 22.52 8.12
N ASN C 388 -7.92 22.13 6.84
CA ASN C 388 -8.89 22.67 5.92
C ASN C 388 -9.35 21.54 5.00
N GLY C 389 -10.11 21.90 3.97
CA GLY C 389 -10.61 20.96 2.99
C GLY C 389 -9.77 20.86 1.73
N LYS C 390 -8.62 21.51 1.68
CA LYS C 390 -7.75 21.48 0.49
C LYS C 390 -7.06 20.12 0.42
N ILE C 391 -7.82 19.11 0.00
CA ILE C 391 -7.27 17.77 -0.14
C ILE C 391 -6.20 17.78 -1.23
N ARG C 392 -5.07 17.13 -0.95
CA ARG C 392 -3.91 17.22 -1.83
C ARG C 392 -3.86 16.12 -2.87
N ALA C 393 -4.79 15.16 -2.82
CA ALA C 393 -4.90 14.19 -3.89
C ALA C 393 -5.35 14.88 -5.18
N VAL C 394 -5.08 14.24 -6.30
CA VAL C 394 -5.36 14.83 -7.59
C VAL C 394 -6.75 14.42 -8.05
N ASN C 395 -7.43 15.35 -8.74
CA ASN C 395 -8.68 15.08 -9.45
C ASN C 395 -9.78 14.61 -8.50
N VAL C 396 -9.82 15.16 -7.30
CA VAL C 396 -10.86 14.82 -6.34
C VAL C 396 -12.10 15.67 -6.63
N PRO C 397 -13.21 15.06 -7.08
CA PRO C 397 -14.39 15.85 -7.43
C PRO C 397 -15.04 16.47 -6.20
N LYS C 398 -15.48 17.72 -6.36
CA LYS C 398 -16.09 18.48 -5.27
C LYS C 398 -17.60 18.36 -5.34
N VAL C 399 -18.23 18.31 -4.17
CA VAL C 399 -19.68 18.28 -4.04
C VAL C 399 -20.11 19.69 -3.64
N THR C 400 -20.64 20.44 -4.60
CA THR C 400 -20.98 21.84 -4.39
C THR C 400 -22.48 22.08 -4.32
N LYS C 401 -23.29 21.14 -4.77
CA LYS C 401 -24.72 21.33 -4.88
C LYS C 401 -25.43 20.46 -3.87
N GLU C 402 -26.35 21.02 -3.12
CA GLU C 402 -27.11 20.30 -2.09
C GLU C 402 -28.44 19.88 -2.69
N LYS C 403 -28.90 18.67 -2.38
CA LYS C 403 -30.18 18.15 -2.88
C LYS C 403 -31.31 19.05 -2.41
N PRO C 404 -32.08 19.66 -3.31
CA PRO C 404 -33.09 20.63 -2.89
C PRO C 404 -34.37 19.96 -2.41
N THR C 405 -34.99 20.59 -1.42
CA THR C 405 -36.31 20.17 -0.95
C THR C 405 -37.37 21.01 -1.63
N PRO C 406 -38.44 20.40 -2.13
CA PRO C 406 -39.52 21.19 -2.72
C PRO C 406 -40.09 22.18 -1.72
N PRO C 407 -40.38 23.41 -2.14
CA PRO C 407 -40.94 24.40 -1.22
C PRO C 407 -42.36 23.99 -0.83
N VAL C 408 -42.75 24.33 0.40
CA VAL C 408 -44.11 23.98 0.91
C VAL C 408 -45.00 25.23 0.75
N LYS C 409 -46.27 25.04 0.38
CA LYS C 409 -47.13 26.22 0.21
C LYS C 409 -47.62 26.71 1.56
N PRO C 410 -47.62 28.01 1.83
CA PRO C 410 -48.12 28.50 3.11
C PRO C 410 -49.63 28.50 3.11
N THR C 411 -50.20 28.35 4.30
CA THR C 411 -51.65 28.29 4.43
C THR C 411 -52.22 29.66 4.76
N ALA C 412 -53.34 29.99 4.11
CA ALA C 412 -53.89 31.33 4.17
C ALA C 412 -54.37 31.66 5.58
N PRO C 413 -54.35 32.93 5.97
CA PRO C 413 -54.83 33.35 7.28
C PRO C 413 -56.36 33.48 7.34
N GLN D 25 14.80 46.94 47.63
CA GLN D 25 15.81 46.54 46.66
C GLN D 25 15.19 46.59 45.25
N ALA D 26 15.46 45.60 44.41
CA ALA D 26 14.71 45.49 43.16
C ALA D 26 13.31 44.92 43.38
N ASP D 27 12.92 44.73 44.66
CA ASP D 27 11.59 44.26 45.01
C ASP D 27 10.50 45.22 44.56
N LEU D 28 10.83 46.49 44.36
CA LEU D 28 9.82 47.47 44.00
C LEU D 28 9.34 47.33 42.58
N ALA D 29 10.15 46.76 41.69
CA ALA D 29 9.67 46.50 40.33
C ALA D 29 8.75 45.29 40.28
N LYS D 30 9.03 44.28 41.11
CA LYS D 30 8.12 43.16 41.19
C LYS D 30 6.83 43.57 41.89
N TYR D 31 6.93 44.52 42.82
CA TYR D 31 5.73 45.11 43.40
C TYR D 31 4.93 45.87 42.34
N GLN D 32 5.61 46.58 41.43
CA GLN D 32 4.89 47.33 40.41
C GLN D 32 4.14 46.40 39.47
N LYS D 33 4.79 45.30 39.09
CA LYS D 33 4.15 44.34 38.19
C LYS D 33 3.01 43.60 38.89
N ASP D 34 3.23 43.19 40.15
CA ASP D 34 2.16 42.55 40.92
C ASP D 34 0.96 43.47 41.09
N LEU D 35 1.21 44.76 41.31
CA LEU D 35 0.13 45.71 41.47
C LEU D 35 -0.61 45.96 40.16
N ALA D 36 0.12 45.95 39.04
CA ALA D 36 -0.55 46.10 37.75
C ALA D 36 -1.42 44.90 37.44
N ASP D 37 -1.04 43.72 37.92
CA ASP D 37 -1.69 42.46 37.63
C ASP D 37 -2.74 42.04 38.66
N TYR D 38 -2.76 42.68 39.85
CA TYR D 38 -3.72 42.33 40.91
C TYR D 38 -5.19 42.45 40.50
N PRO D 39 -5.65 43.51 39.82
CA PRO D 39 -7.08 43.56 39.44
C PRO D 39 -7.50 42.41 38.55
N VAL D 40 -6.64 41.99 37.63
CA VAL D 40 -6.96 40.87 36.74
C VAL D 40 -7.11 39.59 37.55
N LYS D 41 -6.16 39.34 38.46
CA LYS D 41 -6.24 38.17 39.34
C LYS D 41 -7.53 38.18 40.15
N LEU D 42 -7.88 39.34 40.71
CA LEU D 42 -9.06 39.43 41.56
C LEU D 42 -10.33 39.20 40.76
N LYS D 43 -10.42 39.76 39.55
CA LYS D 43 -11.60 39.57 38.74
C LYS D 43 -11.72 38.13 38.27
N ALA D 44 -10.59 37.49 37.94
CA ALA D 44 -10.62 36.08 37.59
C ALA D 44 -11.12 35.24 38.76
N TYR D 45 -10.63 35.53 39.97
CA TYR D 45 -11.09 34.79 41.15
C TYR D 45 -12.59 34.95 41.36
N GLU D 46 -13.08 36.19 41.30
CA GLU D 46 -14.50 36.43 41.54
C GLU D 46 -15.36 35.78 40.45
N ASP D 47 -14.90 35.82 39.20
CA ASP D 47 -15.65 35.19 38.12
C ASP D 47 -15.71 33.68 38.28
N GLU D 48 -14.60 33.06 38.68
CA GLU D 48 -14.62 31.62 38.90
C GLU D 48 -15.49 31.25 40.10
N GLN D 49 -15.46 32.05 41.16
CA GLN D 49 -16.34 31.79 42.30
C GLN D 49 -17.80 31.86 41.88
N THR D 50 -18.15 32.89 41.11
CA THR D 50 -19.50 33.04 40.58
C THR D 50 -19.91 31.79 39.78
N SER D 51 -19.04 31.37 38.86
CA SER D 51 -19.34 30.20 38.03
C SER D 51 -19.49 28.93 38.86
N ILE D 52 -18.62 28.76 39.86
CA ILE D 52 -18.67 27.56 40.70
C ILE D 52 -19.98 27.52 41.48
N LYS D 53 -20.39 28.65 42.04
CA LYS D 53 -21.62 28.67 42.82
C LYS D 53 -22.83 28.41 41.95
N ALA D 54 -22.84 28.97 40.73
CA ALA D 54 -23.93 28.66 39.79
C ALA D 54 -23.94 27.17 39.42
N ALA D 55 -22.75 26.60 39.21
CA ALA D 55 -22.67 25.20 38.83
C ALA D 55 -23.16 24.29 39.96
N LEU D 56 -22.84 24.64 41.20
CA LEU D 56 -23.32 23.83 42.33
C LEU D 56 -24.83 23.98 42.50
N ALA D 57 -25.35 25.20 42.33
CA ALA D 57 -26.80 25.40 42.34
C ALA D 57 -27.49 24.51 41.31
N GLU D 58 -26.91 24.41 40.11
CA GLU D 58 -27.49 23.55 39.09
C GLU D 58 -27.33 22.07 39.46
N LEU D 59 -26.18 21.69 40.02
CA LEU D 59 -25.91 20.30 40.32
C LEU D 59 -26.81 19.78 41.43
N GLU D 60 -27.29 20.66 42.30
CA GLU D 60 -28.21 20.21 43.35
C GLU D 60 -29.50 19.66 42.77
N LYS D 61 -29.82 20.00 41.51
CA LYS D 61 -31.02 19.49 40.86
C LYS D 61 -30.82 18.14 40.18
N HIS D 62 -29.57 17.65 40.10
CA HIS D 62 -29.29 16.37 39.46
C HIS D 62 -28.50 15.43 40.37
N LYS D 63 -28.47 15.70 41.67
CA LYS D 63 -27.58 14.96 42.56
C LYS D 63 -27.96 13.49 42.71
N ASN D 64 -29.19 13.12 42.35
CA ASN D 64 -29.63 11.72 42.40
C ASN D 64 -29.74 11.12 41.01
N GLU D 65 -29.16 11.77 40.00
CA GLU D 65 -29.10 11.26 38.65
C GLU D 65 -27.74 10.64 38.38
N ASP D 66 -27.71 9.69 37.44
CA ASP D 66 -26.51 8.93 37.12
C ASP D 66 -25.31 9.84 36.88
N GLY D 67 -24.18 9.47 37.49
CA GLY D 67 -22.92 10.13 37.26
C GLY D 67 -22.68 11.39 38.06
N ASN D 68 -23.59 11.76 38.97
CA ASN D 68 -23.46 12.97 39.76
C ASN D 68 -23.10 12.62 41.19
N LEU D 69 -22.33 13.51 41.82
CA LEU D 69 -22.08 13.37 43.25
C LEU D 69 -23.39 13.53 44.02
N THR D 70 -23.65 12.61 44.94
CA THR D 70 -24.87 12.67 45.73
C THR D 70 -24.92 13.93 46.58
N GLU D 71 -23.78 14.29 47.18
CA GLU D 71 -23.65 15.59 47.83
C GLU D 71 -22.86 16.48 46.88
N PRO D 72 -23.48 17.46 46.23
CA PRO D 72 -22.75 18.29 45.28
C PRO D 72 -21.58 18.99 45.95
N SER D 73 -20.47 19.10 45.21
CA SER D 73 -19.24 19.62 45.79
C SER D 73 -18.33 20.11 44.67
N ALA D 74 -17.59 21.17 44.96
CA ALA D 74 -16.54 21.60 44.06
C ALA D 74 -15.28 20.78 44.31
N GLN D 75 -14.38 20.79 43.33
CA GLN D 75 -13.10 20.11 43.44
C GLN D 75 -12.01 21.17 43.50
N ASN D 76 -11.38 21.30 44.67
CA ASN D 76 -10.24 22.21 44.82
C ASN D 76 -8.91 21.51 44.66
N LEU D 77 -8.90 20.20 44.40
CA LEU D 77 -7.69 19.46 44.09
C LEU D 77 -7.66 19.24 42.58
N VAL D 78 -7.01 20.15 41.86
CA VAL D 78 -6.80 20.02 40.42
C VAL D 78 -5.54 19.19 40.24
N TYR D 79 -5.72 17.93 39.87
CA TYR D 79 -4.64 16.96 39.90
C TYR D 79 -5.00 15.75 39.02
N ASP D 80 -4.91 15.92 37.70
CA ASP D 80 -5.43 14.92 36.78
C ASP D 80 -4.35 14.21 35.97
N LEU D 81 -3.24 14.87 35.66
CA LEU D 81 -2.26 14.33 34.74
C LEU D 81 -0.93 15.07 34.84
N GLU D 82 0.15 14.36 35.16
CA GLU D 82 1.48 14.94 35.27
C GLU D 82 2.48 14.04 34.52
N PRO D 83 2.37 13.98 33.19
CA PRO D 83 3.21 13.05 32.43
C PRO D 83 4.68 13.40 32.41
N ASN D 84 5.06 14.64 32.74
CA ASN D 84 6.45 15.07 32.69
C ASN D 84 7.09 15.13 34.06
N ALA D 85 6.43 14.62 35.10
CA ALA D 85 6.98 14.65 36.44
C ALA D 85 8.27 13.82 36.52
N ASN D 86 9.16 14.25 37.40
CA ASN D 86 10.37 13.51 37.71
C ASN D 86 10.16 12.75 39.03
N LEU D 87 10.68 11.54 39.09
CA LEU D 87 10.46 10.64 40.21
C LEU D 87 11.77 10.32 40.90
N SER D 88 11.82 10.53 42.21
CA SER D 88 12.89 10.02 43.05
C SER D 88 12.31 9.01 44.03
N LEU D 89 13.13 8.03 44.41
CA LEU D 89 12.61 6.86 45.11
C LEU D 89 13.60 6.38 46.15
N THR D 90 13.13 6.23 47.39
CA THR D 90 13.84 5.53 48.43
C THR D 90 13.06 4.27 48.82
N THR D 91 13.73 3.34 49.49
CA THR D 91 13.06 2.11 49.90
C THR D 91 13.88 1.41 50.96
N ASP D 92 13.19 0.60 51.77
CA ASP D 92 13.84 -0.39 52.63
C ASP D 92 13.76 -1.77 52.02
N GLY D 93 13.26 -1.88 50.80
CA GLY D 93 13.37 -3.07 49.99
C GLY D 93 14.54 -2.99 49.04
N LYS D 94 14.38 -3.58 47.86
CA LYS D 94 15.44 -3.64 46.86
C LYS D 94 14.99 -2.95 45.57
N PHE D 95 15.82 -2.03 45.07
CA PHE D 95 15.65 -1.54 43.71
C PHE D 95 15.94 -2.66 42.71
N LEU D 96 15.20 -2.65 41.60
CA LEU D 96 15.35 -3.63 40.55
C LEU D 96 15.99 -2.98 39.31
N LYS D 97 16.94 -3.68 38.71
CA LYS D 97 17.57 -3.19 37.48
C LYS D 97 16.56 -3.20 36.34
N ALA D 98 16.64 -2.18 35.48
CA ALA D 98 15.82 -2.16 34.28
C ALA D 98 16.08 -3.39 33.41
N SER D 99 17.34 -3.81 33.31
CA SER D 99 17.68 -5.10 32.70
C SER D 99 16.82 -6.21 33.26
N ALA D 100 16.73 -6.29 34.60
CA ALA D 100 15.99 -7.38 35.22
C ALA D 100 14.50 -7.28 34.95
N VAL D 101 13.95 -6.07 34.97
CA VAL D 101 12.54 -5.89 34.60
C VAL D 101 12.29 -6.38 33.19
N ASP D 102 13.14 -5.97 32.25
CA ASP D 102 13.03 -6.42 30.86
C ASP D 102 13.10 -7.94 30.76
N ASP D 103 14.07 -8.54 31.43
CA ASP D 103 14.24 -9.98 31.39
C ASP D 103 13.00 -10.70 31.92
N ALA D 104 12.47 -10.25 33.06
CA ALA D 104 11.27 -10.85 33.60
C ALA D 104 10.09 -10.71 32.65
N PHE D 105 9.97 -9.54 32.01
CA PHE D 105 8.90 -9.36 31.03
C PHE D 105 9.06 -10.28 29.84
N SER D 106 10.29 -10.62 29.48
CA SER D 106 10.53 -11.47 28.32
C SER D 106 10.29 -12.96 28.59
N LYS D 107 9.97 -13.34 29.82
CA LYS D 107 9.83 -14.74 30.19
C LYS D 107 8.45 -15.00 30.78
N SER D 108 8.15 -16.30 30.92
CA SER D 108 7.00 -16.83 31.66
C SER D 108 5.69 -16.23 31.11
N THR D 109 4.71 -15.95 31.97
CA THR D 109 3.35 -15.67 31.53
C THR D 109 3.23 -14.37 30.74
N SER D 110 4.22 -13.48 30.83
CA SER D 110 4.20 -12.25 30.05
C SER D 110 4.86 -12.41 28.68
N LYS D 111 5.73 -13.42 28.53
CA LYS D 111 6.60 -13.51 27.36
C LYS D 111 5.82 -13.36 26.06
N ALA D 112 4.67 -14.05 25.95
CA ALA D 112 3.84 -13.95 24.76
C ALA D 112 3.62 -12.50 24.36
N LYS D 113 3.05 -11.70 25.26
CA LYS D 113 2.78 -10.31 24.93
C LYS D 113 4.08 -9.56 24.66
N TYR D 114 5.15 -9.91 25.37
CA TYR D 114 6.45 -9.29 25.14
C TYR D 114 6.90 -9.51 23.70
N ASP D 115 6.59 -10.68 23.14
CA ASP D 115 7.01 -10.97 21.77
C ASP D 115 6.19 -10.20 20.74
N GLN D 116 5.06 -9.63 21.15
CA GLN D 116 4.28 -8.74 20.28
C GLN D 116 4.53 -7.28 20.61
N LYS D 117 5.67 -6.99 21.26
CA LYS D 117 6.01 -5.63 21.71
C LYS D 117 4.87 -5.02 22.52
N ILE D 118 4.44 -5.75 23.54
CA ILE D 118 3.43 -5.31 24.49
C ILE D 118 3.92 -5.62 25.89
N LEU D 119 3.89 -4.62 26.76
CA LEU D 119 4.23 -4.81 28.18
C LEU D 119 2.94 -5.08 28.95
N GLN D 120 2.69 -6.35 29.27
CA GLN D 120 1.48 -6.77 29.97
C GLN D 120 1.81 -6.88 31.45
N LEU D 121 1.45 -5.83 32.21
CA LEU D 121 1.86 -5.76 33.61
C LEU D 121 1.16 -6.81 34.46
N ASP D 122 -0.11 -7.07 34.17
CA ASP D 122 -0.86 -8.04 34.97
C ASP D 122 -0.51 -9.48 34.63
N ASP D 123 0.37 -9.72 33.67
CA ASP D 123 0.87 -11.05 33.36
C ASP D 123 2.30 -11.27 33.81
N LEU D 124 2.94 -10.26 34.39
CA LEU D 124 4.36 -10.35 34.75
C LEU D 124 4.54 -11.35 35.90
N ASP D 125 5.36 -12.37 35.66
CA ASP D 125 5.73 -13.34 36.68
C ASP D 125 6.96 -12.81 37.42
N ILE D 126 6.76 -12.35 38.65
CA ILE D 126 7.83 -11.70 39.40
C ILE D 126 8.86 -12.69 39.92
N THR D 127 8.68 -13.99 39.67
CA THR D 127 9.67 -14.98 40.08
C THR D 127 11.05 -14.67 39.52
N ASN D 128 11.10 -14.14 38.30
CA ASN D 128 12.35 -13.80 37.64
C ASN D 128 12.90 -12.43 38.07
N LEU D 129 12.31 -11.81 39.09
CA LEU D 129 12.86 -10.60 39.67
C LEU D 129 13.52 -10.85 41.03
N GLU D 130 13.50 -12.10 41.51
CA GLU D 130 13.88 -12.41 42.88
C GLU D 130 15.32 -12.88 43.01
N GLN D 131 16.09 -12.90 41.92
CA GLN D 131 17.50 -13.19 42.05
C GLN D 131 18.24 -11.97 42.58
N SER D 132 19.37 -12.22 43.25
CA SER D 132 20.12 -11.14 43.87
C SER D 132 20.84 -10.32 42.82
N ASN D 133 21.21 -10.99 41.71
CA ASN D 133 21.78 -10.41 40.51
C ASN D 133 20.85 -9.40 39.84
N ASP D 134 19.58 -9.32 40.27
CA ASP D 134 18.60 -8.38 39.76
C ASP D 134 18.56 -7.04 40.50
N VAL D 135 19.32 -6.88 41.58
CA VAL D 135 19.19 -5.74 42.48
C VAL D 135 20.11 -4.61 42.00
N ALA D 136 19.60 -3.38 42.08
CA ALA D 136 20.34 -2.19 41.67
C ALA D 136 20.64 -1.30 42.87
N SER D 137 21.61 -0.40 42.68
CA SER D 137 21.99 0.52 43.74
C SER D 137 21.03 1.71 43.83
N SER D 138 20.37 2.04 42.73
CA SER D 138 19.43 3.16 42.69
C SER D 138 18.29 2.80 41.76
N MET D 139 17.18 3.54 41.88
CA MET D 139 16.04 3.32 41.02
C MET D 139 16.41 3.48 39.55
N GLU D 140 15.91 2.58 38.72
CA GLU D 140 16.08 2.64 37.28
C GLU D 140 14.71 2.57 36.62
N LEU D 141 14.54 3.31 35.52
CA LEU D 141 13.25 3.41 34.87
C LEU D 141 13.10 2.38 33.75
N TYR D 142 11.85 1.97 33.52
CA TYR D 142 11.51 1.03 32.47
C TYR D 142 10.13 1.37 31.94
N GLY D 143 9.89 1.01 30.69
CA GLY D 143 8.59 1.25 30.08
C GLY D 143 8.73 1.35 28.57
N ASN D 144 7.65 1.82 27.94
CA ASN D 144 7.60 1.94 26.49
C ASN D 144 8.18 3.28 26.04
N PHE D 145 9.46 3.48 26.39
CA PHE D 145 10.23 4.62 25.93
C PHE D 145 11.63 4.14 25.59
N GLY D 146 12.48 5.06 25.16
CA GLY D 146 13.85 4.70 24.83
C GLY D 146 13.89 3.69 23.71
N ASP D 147 14.65 2.62 23.92
CA ASP D 147 14.73 1.55 22.93
C ASP D 147 13.43 0.74 22.83
N LYS D 148 12.42 1.06 23.63
CA LYS D 148 11.12 0.44 23.54
C LYS D 148 10.02 1.44 23.22
N ALA D 149 10.39 2.61 22.70
CA ALA D 149 9.39 3.55 22.20
C ALA D 149 8.63 2.91 21.04
N GLY D 150 7.31 3.14 21.03
CA GLY D 150 6.44 2.46 20.10
C GLY D 150 5.82 1.18 20.61
N TRP D 151 6.33 0.60 21.71
CA TRP D 151 5.64 -0.52 22.32
C TRP D 151 4.38 0.03 23.00
N SER D 152 3.37 -0.81 23.27
CA SER D 152 2.31 -0.30 24.13
C SER D 152 2.31 -1.06 25.44
N THR D 153 1.59 -0.50 26.40
CA THR D 153 1.41 -1.09 27.71
C THR D 153 -0.05 -1.32 28.03
N THR D 154 -0.31 -2.15 29.05
CA THR D 154 -1.66 -2.27 29.54
C THR D 154 -2.10 -1.06 30.35
N VAL D 155 -1.20 -0.13 30.63
CA VAL D 155 -1.54 1.04 31.45
C VAL D 155 -2.25 2.09 30.59
N SER D 156 -1.56 2.57 29.56
CA SER D 156 -2.14 3.61 28.68
C SER D 156 -1.95 3.29 27.19
N ASN D 157 -1.96 2.01 26.83
CA ASN D 157 -1.78 1.57 25.43
C ASN D 157 -0.48 2.13 24.83
N ASN D 158 -0.50 2.97 23.77
CA ASN D 158 0.80 3.41 23.28
C ASN D 158 1.20 4.76 23.83
N SER D 159 0.39 5.35 24.70
CA SER D 159 0.89 6.53 25.39
C SER D 159 2.09 6.10 26.22
N GLN D 160 3.09 6.97 26.25
CA GLN D 160 4.35 6.62 26.89
C GLN D 160 4.20 6.67 28.40
N VAL D 161 4.59 5.59 29.08
CA VAL D 161 4.63 5.54 30.53
C VAL D 161 5.98 4.99 30.94
N LYS D 162 6.51 5.53 32.04
CA LYS D 162 7.77 5.08 32.62
C LYS D 162 7.56 4.80 34.09
N TRP D 163 8.24 3.79 34.61
CA TRP D 163 8.11 3.46 36.02
C TRP D 163 9.42 2.93 36.57
N GLY D 164 9.67 3.28 37.83
CA GLY D 164 10.75 2.65 38.58
C GLY D 164 10.21 1.48 39.38
N SER D 165 11.03 0.47 39.58
CA SER D 165 10.57 -0.78 40.15
C SER D 165 11.33 -1.14 41.41
N VAL D 166 10.60 -1.61 42.43
CA VAL D 166 11.20 -2.10 43.66
C VAL D 166 10.61 -3.46 44.01
N LEU D 167 11.37 -4.21 44.81
CA LEU D 167 10.94 -5.49 45.33
C LEU D 167 10.84 -5.39 46.85
N LEU D 168 9.64 -5.57 47.38
CA LEU D 168 9.35 -5.36 48.78
C LEU D 168 8.87 -6.65 49.43
N GLU D 169 9.16 -6.79 50.71
CA GLU D 169 8.52 -7.79 51.54
C GLU D 169 7.36 -7.14 52.30
N ARG D 170 6.60 -7.96 53.00
CA ARG D 170 5.51 -7.43 53.82
C ARG D 170 6.06 -6.43 54.83
N GLY D 171 5.39 -5.29 54.95
CA GLY D 171 5.83 -4.24 55.83
C GLY D 171 6.90 -3.31 55.28
N GLN D 172 7.59 -3.71 54.22
CA GLN D 172 8.56 -2.83 53.59
C GLN D 172 7.85 -1.83 52.69
N SER D 173 8.56 -0.76 52.36
CA SER D 173 7.93 0.38 51.71
C SER D 173 8.87 1.04 50.73
N ALA D 174 8.29 1.88 49.87
CA ALA D 174 9.02 2.78 49.01
C ALA D 174 8.41 4.18 49.09
N THR D 175 9.27 5.19 49.17
CA THR D 175 8.85 6.58 49.23
C THR D 175 9.22 7.26 47.94
N ALA D 176 8.21 7.85 47.28
CA ALA D 176 8.34 8.50 45.98
C ALA D 176 8.19 10.00 46.16
N THR D 177 9.17 10.75 45.71
CA THR D 177 9.09 12.20 45.61
C THR D 177 8.91 12.56 44.14
N TYR D 178 7.74 13.09 43.82
CA TYR D 178 7.42 13.56 42.48
C TYR D 178 7.63 15.06 42.45
N THR D 179 8.47 15.51 41.49
CA THR D 179 8.69 16.93 41.25
C THR D 179 8.49 17.21 39.76
N ASN D 180 8.83 18.42 39.33
CA ASN D 180 8.61 18.85 37.94
C ASN D 180 7.13 18.74 37.57
N LEU D 181 6.26 19.09 38.52
CA LEU D 181 4.83 19.10 38.26
C LEU D 181 4.44 20.37 37.51
N GLN D 182 3.51 20.24 36.57
CA GLN D 182 3.22 21.31 35.63
C GLN D 182 1.77 21.76 35.61
N ASN D 183 0.81 20.91 36.03
CA ASN D 183 -0.59 21.19 35.80
C ASN D 183 -1.47 21.12 37.05
N SER D 184 -0.90 20.91 38.23
CA SER D 184 -1.68 20.58 39.41
C SER D 184 -1.66 21.70 40.44
N TYR D 185 -2.82 21.95 41.04
CA TYR D 185 -3.01 23.04 41.99
C TYR D 185 -3.93 22.58 43.11
N CYS D 186 -3.81 23.22 44.27
CA CYS D 186 -4.68 22.95 45.41
C CYS D 186 -5.23 24.26 45.92
N ASN D 187 -6.55 24.41 45.86
CA ASN D 187 -7.25 25.69 46.06
C ASN D 187 -6.46 26.85 45.45
N GLY D 188 -5.97 26.64 44.23
CA GLY D 188 -5.24 27.66 43.52
C GLY D 188 -3.75 27.74 43.80
N LYS D 189 -3.25 27.04 44.81
CA LYS D 189 -1.82 27.02 45.06
C LYS D 189 -1.19 25.92 44.23
N LYS D 190 -0.08 26.24 43.57
CA LYS D 190 0.56 25.26 42.69
C LYS D 190 1.20 24.15 43.52
N ILE D 191 0.96 22.91 43.11
CA ILE D 191 1.57 21.75 43.75
C ILE D 191 2.90 21.51 43.06
N SER D 192 4.00 21.67 43.81
CA SER D 192 5.32 21.52 43.23
C SER D 192 6.01 20.21 43.61
N LYS D 193 5.58 19.56 44.69
CA LYS D 193 6.21 18.32 45.12
C LYS D 193 5.15 17.46 45.81
N ILE D 194 5.21 16.15 45.54
CA ILE D 194 4.37 15.19 46.23
C ILE D 194 5.26 14.10 46.80
N VAL D 195 5.12 13.81 48.09
CA VAL D 195 5.84 12.73 48.73
C VAL D 195 4.83 11.67 49.13
N TYR D 196 5.00 10.50 48.55
CA TYR D 196 4.06 9.37 48.65
C TYR D 196 4.75 8.11 49.13
N LYS D 197 4.21 7.49 50.17
CA LYS D 197 4.83 6.28 50.71
C LYS D 197 3.90 5.10 50.47
N TYR D 198 4.41 4.09 49.77
CA TYR D 198 3.68 2.85 49.49
C TYR D 198 4.25 1.77 50.39
N THR D 199 3.40 1.16 51.22
CA THR D 199 3.80 0.10 52.13
C THR D 199 2.97 -1.14 51.87
N VAL D 200 3.64 -2.29 51.85
CA VAL D 200 2.97 -3.58 51.65
C VAL D 200 2.27 -3.97 52.95
N ASP D 201 0.95 -4.02 52.93
CA ASP D 201 0.17 -4.42 54.10
C ASP D 201 0.59 -5.83 54.52
N PRO D 202 1.09 -6.02 55.75
CA PRO D 202 1.47 -7.38 56.18
C PRO D 202 0.29 -8.33 56.27
N LYS D 203 -0.94 -7.81 56.36
CA LYS D 203 -2.12 -8.67 56.40
C LYS D 203 -2.54 -9.15 55.02
N SER D 204 -1.84 -8.76 53.96
CA SER D 204 -2.13 -9.29 52.64
C SER D 204 -1.89 -10.79 52.63
N LYS D 205 -2.74 -11.52 51.91
CA LYS D 205 -2.81 -12.97 51.99
C LYS D 205 -2.19 -13.66 50.78
N PHE D 206 -1.33 -12.98 50.06
CA PHE D 206 -0.65 -13.58 48.88
C PHE D 206 0.25 -14.73 49.34
N GLN D 207 0.31 -15.76 48.50
CA GLN D 207 1.02 -17.04 48.80
C GLN D 207 2.51 -16.88 48.62
N GLY D 208 2.95 -15.83 47.95
CA GLY D 208 4.39 -15.57 47.80
C GLY D 208 4.98 -14.79 48.96
N GLN D 209 6.22 -14.31 48.81
CA GLN D 209 6.87 -13.58 49.93
C GLN D 209 7.33 -12.19 49.48
N LYS D 210 7.24 -11.90 48.17
CA LYS D 210 7.70 -10.59 47.66
C LYS D 210 6.64 -9.92 46.79
N VAL D 211 6.77 -8.61 46.65
CA VAL D 211 5.88 -7.80 45.83
C VAL D 211 6.72 -6.91 44.93
N TRP D 212 6.36 -6.87 43.66
CA TRP D 212 6.95 -5.92 42.74
C TRP D 212 6.08 -4.69 42.72
N LEU D 213 6.69 -3.53 42.97
CA LEU D 213 6.02 -2.25 42.85
C LEU D 213 6.61 -1.55 41.64
N GLY D 214 5.75 -1.30 40.65
CA GLY D 214 6.07 -0.41 39.55
C GLY D 214 5.43 0.94 39.81
N ILE D 215 6.26 1.91 40.17
CA ILE D 215 5.85 3.27 40.51
C ILE D 215 6.03 4.12 39.27
N PHE D 216 4.94 4.61 38.71
CA PHE D 216 5.01 5.39 37.49
C PHE D 216 5.52 6.79 37.80
N THR D 217 6.31 7.33 36.87
CA THR D 217 6.85 8.67 37.05
C THR D 217 5.74 9.71 37.13
N ASP D 218 4.66 9.49 36.38
CA ASP D 218 3.45 10.30 36.50
C ASP D 218 2.70 9.85 37.76
N PRO D 219 2.67 10.68 38.80
CA PRO D 219 2.01 10.24 40.05
C PRO D 219 0.52 10.01 39.89
N THR D 220 -0.11 10.65 38.90
CA THR D 220 -1.52 10.41 38.65
C THR D 220 -1.78 9.02 38.09
N LEU D 221 -0.73 8.33 37.61
CA LEU D 221 -0.86 6.96 37.15
C LEU D 221 -0.77 5.95 38.28
N GLY D 222 -0.41 6.39 39.49
CA GLY D 222 -0.45 5.49 40.63
C GLY D 222 0.68 4.48 40.58
N VAL D 223 0.31 3.21 40.78
CA VAL D 223 1.28 2.14 40.95
C VAL D 223 0.66 0.84 40.49
N PHE D 224 1.53 -0.09 40.06
CA PHE D 224 1.15 -1.49 39.85
C PHE D 224 1.85 -2.33 40.90
N ALA D 225 1.07 -3.09 41.67
CA ALA D 225 1.61 -3.95 42.72
C ALA D 225 1.29 -5.39 42.35
N SER D 226 2.30 -6.27 42.43
CA SER D 226 2.07 -7.64 42.01
C SER D 226 2.86 -8.61 42.87
N ALA D 227 2.17 -9.63 43.39
CA ALA D 227 2.80 -10.80 43.97
C ALA D 227 2.61 -12.03 43.08
N TYR D 228 2.23 -11.81 41.82
CA TYR D 228 1.90 -12.91 40.91
C TYR D 228 3.15 -13.70 40.56
N THR D 229 3.08 -15.02 40.74
CA THR D 229 4.21 -15.91 40.47
C THR D 229 3.89 -16.92 39.38
N GLY D 230 2.84 -16.70 38.61
CA GLY D 230 2.52 -17.52 37.46
C GLY D 230 1.32 -18.44 37.61
N GLN D 231 0.83 -18.63 38.82
CA GLN D 231 -0.41 -19.42 38.95
C GLN D 231 -1.40 -18.53 39.68
N VAL D 232 -2.71 -18.74 39.48
CA VAL D 232 -3.69 -18.02 40.31
C VAL D 232 -3.73 -18.59 41.72
N GLU D 233 -4.33 -17.81 42.64
CA GLU D 233 -4.34 -18.13 44.07
C GLU D 233 -5.73 -17.93 44.64
N LYS D 234 -6.21 -18.93 45.39
CA LYS D 234 -7.46 -18.81 46.14
C LYS D 234 -7.21 -18.08 47.46
N ASN D 235 -8.27 -17.45 47.96
CA ASN D 235 -8.24 -16.76 49.26
C ASN D 235 -7.04 -15.83 49.36
N THR D 236 -6.75 -15.11 48.28
CA THR D 236 -5.56 -14.30 48.18
C THR D 236 -5.93 -12.82 48.22
N SER D 237 -4.91 -11.98 48.44
CA SER D 237 -5.09 -10.54 48.52
C SER D 237 -3.73 -9.87 48.46
N ILE D 238 -3.70 -8.69 47.84
CA ILE D 238 -2.56 -7.79 47.92
C ILE D 238 -3.11 -6.41 48.25
N PHE D 239 -2.51 -5.77 49.26
CA PHE D 239 -2.98 -4.47 49.74
C PHE D 239 -1.78 -3.56 49.96
N ILE D 240 -1.85 -2.36 49.41
CA ILE D 240 -0.80 -1.36 49.56
C ILE D 240 -1.36 -0.20 50.35
N LYS D 241 -0.69 0.15 51.44
CA LYS D 241 -1.01 1.35 52.19
C LYS D 241 -0.37 2.55 51.52
N ASN D 242 -1.11 3.65 51.44
CA ASN D 242 -0.66 4.87 50.77
C ASN D 242 -0.76 6.02 51.74
N GLU D 243 0.36 6.67 52.03
CA GLU D 243 0.42 7.86 52.86
C GLU D 243 1.06 8.97 52.02
N PHE D 244 0.34 10.09 51.88
CA PHE D 244 0.79 11.15 50.99
C PHE D 244 0.60 12.52 51.62
N THR D 245 1.50 13.43 51.22
CA THR D 245 1.51 14.84 51.60
C THR D 245 1.88 15.66 50.38
N PHE D 246 1.14 16.74 50.12
CA PHE D 246 1.39 17.62 48.99
C PHE D 246 2.09 18.90 49.45
N TYR D 247 2.97 19.44 48.60
CA TYR D 247 3.80 20.61 48.93
C TYR D 247 3.72 21.68 47.84
N ASP D 248 3.82 22.97 48.23
CA ASP D 248 3.73 24.12 47.34
C ASP D 248 5.14 24.52 46.89
N GLU D 249 5.26 25.69 46.23
CA GLU D 249 6.57 26.17 45.70
C GLU D 249 7.60 26.43 46.82
N ASP D 250 7.13 26.67 48.05
CA ASP D 250 8.03 26.97 49.17
C ASP D 250 8.42 25.72 49.94
N GLY D 251 8.03 24.54 49.48
CA GLY D 251 8.31 23.34 50.22
C GLY D 251 7.45 23.19 51.45
N LYS D 252 6.35 23.99 51.55
CA LYS D 252 5.37 24.03 52.62
C LYS D 252 4.27 23.02 52.37
N PRO D 253 3.93 22.19 53.35
CA PRO D 253 2.81 21.26 53.18
C PRO D 253 1.51 22.00 52.90
N ILE D 254 0.67 21.37 52.09
CA ILE D 254 -0.64 21.90 51.73
C ILE D 254 -1.70 21.17 52.53
N ASN D 255 -2.46 21.92 53.32
CA ASN D 255 -3.53 21.34 54.13
C ASN D 255 -4.76 21.18 53.25
N PHE D 256 -5.15 19.94 52.97
CA PHE D 256 -6.35 19.69 52.20
C PHE D 256 -7.56 20.29 52.91
N ASP D 257 -8.51 20.81 52.14
CA ASP D 257 -9.72 21.42 52.69
C ASP D 257 -10.90 20.86 51.89
N ASN D 258 -11.43 19.73 52.36
CA ASN D 258 -12.49 19.01 51.66
C ASN D 258 -12.11 18.75 50.21
N ALA D 259 -10.87 18.31 50.01
CA ALA D 259 -10.42 17.89 48.69
C ALA D 259 -11.04 16.55 48.34
N LEU D 260 -11.33 16.36 47.05
CA LEU D 260 -11.94 15.14 46.55
C LEU D 260 -10.84 14.25 45.96
N LEU D 261 -10.55 13.14 46.64
CA LEU D 261 -9.61 12.14 46.13
C LEU D 261 -10.39 11.11 45.32
N SER D 262 -10.04 10.98 44.03
CA SER D 262 -10.72 10.05 43.13
C SER D 262 -10.19 8.63 43.32
N VAL D 263 -11.04 7.72 43.77
CA VAL D 263 -10.69 6.30 43.84
C VAL D 263 -11.47 5.60 42.74
N ALA D 264 -10.79 5.26 41.65
CA ALA D 264 -11.44 4.82 40.43
C ALA D 264 -10.92 3.46 40.01
N SER D 265 -11.65 2.84 39.07
CA SER D 265 -11.30 1.52 38.53
C SER D 265 -11.27 0.46 39.64
N LEU D 266 -12.32 0.45 40.47
CA LEU D 266 -12.48 -0.56 41.51
C LEU D 266 -13.24 -1.74 40.91
N ASN D 267 -12.52 -2.57 40.16
CA ASN D 267 -13.14 -3.67 39.46
C ASN D 267 -13.56 -4.77 40.43
N ARG D 268 -14.77 -5.30 40.21
CA ARG D 268 -15.24 -6.48 40.93
C ARG D 268 -15.69 -7.52 39.92
N GLU D 269 -14.95 -8.62 39.82
CA GLU D 269 -15.38 -9.77 39.05
C GLU D 269 -16.11 -10.74 39.99
N HIS D 270 -16.59 -11.85 39.43
CA HIS D 270 -17.33 -12.82 40.23
C HIS D 270 -16.49 -13.39 41.36
N ASN D 271 -15.16 -13.40 41.20
CA ASN D 271 -14.27 -14.03 42.17
C ASN D 271 -13.25 -13.06 42.76
N SER D 272 -13.38 -11.76 42.51
CA SER D 272 -12.35 -10.81 42.93
C SER D 272 -12.96 -9.44 43.17
N ILE D 273 -12.44 -8.74 44.17
CA ILE D 273 -12.93 -7.43 44.56
C ILE D 273 -11.74 -6.50 44.74
N GLU D 274 -11.75 -5.37 44.05
CA GLU D 274 -10.79 -4.30 44.26
C GLU D 274 -11.42 -3.27 45.18
N MET D 275 -10.69 -2.86 46.21
CA MET D 275 -11.30 -2.04 47.24
C MET D 275 -10.27 -1.10 47.87
N ALA D 276 -10.80 -0.12 48.59
CA ALA D 276 -10.02 0.78 49.44
C ALA D 276 -10.60 0.72 50.87
N LYS D 277 -9.71 0.87 51.84
CA LYS D 277 -10.08 0.78 53.25
C LYS D 277 -9.04 1.57 54.05
N ASP D 278 -9.22 1.58 55.37
CA ASP D 278 -8.33 2.26 56.31
C ASP D 278 -7.89 3.63 55.78
N TYR D 279 -8.88 4.48 55.52
CA TYR D 279 -8.66 5.75 54.87
C TYR D 279 -9.06 6.91 55.76
N SER D 280 -8.27 7.98 55.71
CA SER D 280 -8.70 9.27 56.24
C SER D 280 -9.78 9.87 55.34
N GLY D 281 -10.62 10.71 55.93
CA GLY D 281 -11.70 11.38 55.21
C GLY D 281 -12.96 10.54 55.13
N LYS D 282 -13.91 11.04 54.36
CA LYS D 282 -15.27 10.49 54.28
C LYS D 282 -15.58 9.98 52.88
N PHE D 283 -16.19 8.80 52.77
CA PHE D 283 -16.55 8.32 51.44
C PHE D 283 -17.58 9.25 50.81
N VAL D 284 -17.45 9.48 49.51
CA VAL D 284 -18.35 10.30 48.72
C VAL D 284 -18.86 9.44 47.58
N LYS D 285 -20.17 9.22 47.55
CA LYS D 285 -20.80 8.37 46.55
C LYS D 285 -21.06 9.13 45.27
N ILE D 286 -20.86 8.45 44.14
CA ILE D 286 -21.31 8.93 42.84
C ILE D 286 -22.62 8.23 42.55
N SER D 287 -23.66 9.01 42.27
CA SER D 287 -24.99 8.45 42.08
C SER D 287 -25.02 7.51 40.88
N GLY D 288 -25.57 6.31 41.09
CA GLY D 288 -25.63 5.30 40.06
C GLY D 288 -24.39 4.44 39.93
N SER D 289 -23.31 4.78 40.61
CA SER D 289 -22.10 3.96 40.56
C SER D 289 -22.31 2.65 41.30
N SER D 290 -21.68 1.60 40.78
CA SER D 290 -21.63 0.34 41.51
C SER D 290 -20.87 0.46 42.82
N ILE D 291 -20.03 1.48 42.95
CA ILE D 291 -19.12 1.61 44.09
C ILE D 291 -19.85 2.30 45.24
N GLY D 292 -19.80 1.68 46.41
CA GLY D 292 -20.30 2.25 47.63
C GLY D 292 -19.40 1.91 48.80
N GLU D 293 -19.87 2.16 50.01
CA GLU D 293 -19.09 1.91 51.22
C GLU D 293 -19.86 0.94 52.11
N LYS D 294 -19.17 -0.08 52.59
CA LYS D 294 -19.73 -1.08 53.49
C LYS D 294 -18.64 -1.56 54.43
N ASN D 295 -18.94 -1.56 55.73
CA ASN D 295 -18.00 -2.02 56.76
C ASN D 295 -16.64 -1.34 56.61
N GLY D 296 -16.66 -0.02 56.40
CA GLY D 296 -15.43 0.73 56.25
C GLY D 296 -14.61 0.40 55.04
N MET D 297 -15.21 -0.21 54.01
CA MET D 297 -14.50 -0.55 52.78
C MET D 297 -15.25 0.05 51.60
N ILE D 298 -14.50 0.57 50.64
CA ILE D 298 -15.07 1.18 49.43
C ILE D 298 -14.89 0.21 48.28
N TYR D 299 -16.00 -0.29 47.74
CA TYR D 299 -15.94 -1.26 46.64
C TYR D 299 -17.34 -1.41 46.04
N ALA D 300 -17.44 -2.29 45.05
CA ALA D 300 -18.74 -2.62 44.45
C ALA D 300 -19.49 -3.50 45.43
N THR D 301 -20.36 -2.88 46.24
CA THR D 301 -20.91 -3.54 47.42
C THR D 301 -21.98 -4.57 47.08
N ASP D 302 -22.78 -4.34 46.04
CA ASP D 302 -23.96 -5.15 45.79
C ASP D 302 -23.99 -5.85 44.45
N THR D 303 -23.27 -5.35 43.44
CA THR D 303 -23.23 -5.96 42.13
C THR D 303 -21.78 -6.13 41.68
N LEU D 304 -21.58 -7.03 40.72
CA LEU D 304 -20.34 -7.02 39.98
C LEU D 304 -20.32 -5.82 39.02
N ASN D 305 -19.17 -5.59 38.39
CA ASN D 305 -19.10 -4.56 37.36
C ASN D 305 -18.23 -4.99 36.19
N PHE D 306 -18.12 -6.30 35.96
CA PHE D 306 -17.22 -6.78 34.91
C PHE D 306 -17.89 -6.86 33.54
N LYS D 307 -19.02 -7.58 33.45
CA LYS D 307 -19.67 -7.80 32.17
C LYS D 307 -21.17 -7.61 32.34
N GLN D 308 -21.78 -6.91 31.37
CA GLN D 308 -23.19 -6.56 31.45
C GLN D 308 -24.08 -7.81 31.54
N GLY D 309 -24.99 -7.80 32.51
CA GLY D 309 -25.89 -8.91 32.75
C GLY D 309 -25.38 -9.93 33.75
N GLU D 310 -24.08 -9.96 34.00
CA GLU D 310 -23.48 -10.90 34.95
C GLU D 310 -23.45 -10.27 36.34
N GLY D 311 -24.05 -10.95 37.30
CA GLY D 311 -24.00 -10.50 38.69
C GLY D 311 -24.56 -9.11 38.92
N GLY D 312 -25.57 -8.72 38.16
CA GLY D 312 -26.18 -7.42 38.35
C GLY D 312 -25.41 -6.25 37.75
N SER D 313 -24.43 -6.52 36.89
CA SER D 313 -23.61 -5.45 36.35
C SER D 313 -24.34 -4.78 35.19
N ARG D 314 -24.33 -3.44 35.20
CA ARG D 314 -25.04 -2.67 34.18
C ARG D 314 -24.25 -2.56 32.89
N TRP D 315 -22.92 -2.53 32.99
CA TRP D 315 -22.06 -2.28 31.84
C TRP D 315 -20.86 -3.22 31.88
N THR D 316 -20.20 -3.33 30.73
CA THR D 316 -19.02 -4.16 30.59
C THR D 316 -17.76 -3.30 30.73
N MET D 317 -16.78 -3.79 31.49
CA MET D 317 -15.62 -2.98 31.82
C MET D 317 -14.70 -2.78 30.61
N TYR D 318 -14.65 -3.76 29.70
CA TYR D 318 -13.90 -3.64 28.46
C TYR D 318 -14.83 -3.24 27.33
N LYS D 319 -14.27 -2.64 26.29
CA LYS D 319 -15.07 -2.17 25.18
C LYS D 319 -15.47 -3.32 24.26
N ASN D 320 -16.71 -3.32 23.82
CA ASN D 320 -17.18 -4.34 22.89
C ASN D 320 -18.38 -3.79 22.13
N SER D 321 -19.23 -4.70 21.63
CA SER D 321 -20.46 -4.32 20.92
C SER D 321 -21.35 -3.42 21.76
N GLN D 322 -21.56 -3.78 23.01
CA GLN D 322 -22.64 -3.20 23.81
C GLN D 322 -22.39 -1.72 24.09
N ALA D 323 -23.48 -0.94 24.11
CA ALA D 323 -23.39 0.48 24.44
C ALA D 323 -22.98 0.67 25.90
N GLY D 324 -22.23 1.73 26.14
CA GLY D 324 -21.73 2.00 27.47
C GLY D 324 -20.60 1.11 27.93
N SER D 325 -20.15 0.17 27.10
CA SER D 325 -19.08 -0.73 27.49
C SER D 325 -17.75 0.02 27.53
N GLY D 326 -16.74 -0.67 28.07
CA GLY D 326 -15.43 -0.04 28.21
C GLY D 326 -15.37 1.03 29.26
N TRP D 327 -16.19 0.92 30.32
CA TRP D 327 -16.20 1.95 31.36
C TRP D 327 -14.88 2.01 32.12
N ASP D 328 -14.11 0.93 32.13
CA ASP D 328 -12.83 0.93 32.83
C ASP D 328 -11.78 1.60 31.97
N SER D 329 -12.12 2.78 31.51
CA SER D 329 -11.24 3.64 30.74
C SER D 329 -11.17 5.01 31.40
N SER D 330 -9.98 5.60 31.37
CA SER D 330 -9.72 6.93 31.97
C SER D 330 -10.57 7.98 31.28
N ASP D 331 -10.74 7.84 29.98
CA ASP D 331 -11.50 8.83 29.16
C ASP D 331 -12.94 8.37 28.95
N ALA D 332 -13.34 7.23 29.54
CA ALA D 332 -14.72 6.73 29.38
C ALA D 332 -15.72 7.65 30.06
N PRO D 333 -16.82 8.04 29.41
CA PRO D 333 -17.81 8.89 30.03
C PRO D 333 -18.51 8.33 31.27
N ASN D 334 -18.73 7.03 31.29
CA ASN D 334 -19.31 6.30 32.40
C ASN D 334 -18.24 5.64 33.27
N SER D 335 -17.02 6.19 33.25
CA SER D 335 -15.99 5.79 34.20
C SER D 335 -16.53 5.72 35.60
N TRP D 336 -17.38 6.69 35.98
CA TRP D 336 -17.94 6.77 37.32
C TRP D 336 -18.62 5.49 37.77
N TYR D 337 -18.97 4.60 36.84
CA TYR D 337 -19.61 3.34 37.23
C TYR D 337 -18.71 2.52 38.13
N GLY D 338 -17.40 2.68 38.03
CA GLY D 338 -16.49 1.94 38.88
C GLY D 338 -15.67 2.82 39.81
N ALA D 339 -16.19 4.00 40.13
CA ALA D 339 -15.41 5.00 40.86
C ALA D 339 -16.21 5.57 42.02
N GLY D 340 -15.49 6.06 43.03
CA GLY D 340 -16.04 6.85 44.11
C GLY D 340 -15.04 7.93 44.52
N ALA D 341 -15.32 8.65 45.60
CA ALA D 341 -14.40 9.69 46.03
C ALA D 341 -14.22 9.60 47.54
N ILE D 342 -13.20 10.30 48.03
CA ILE D 342 -12.97 10.46 49.46
C ILE D 342 -12.74 11.95 49.73
N LYS D 343 -13.61 12.55 50.54
CA LYS D 343 -13.40 13.92 51.01
C LYS D 343 -12.35 13.90 52.11
N MET D 344 -11.26 14.64 51.89
CA MET D 344 -10.11 14.61 52.77
C MET D 344 -9.72 16.03 53.18
N SER D 345 -9.15 16.13 54.37
CA SER D 345 -8.61 17.38 54.88
C SER D 345 -7.31 17.10 55.62
N GLY D 346 -6.55 18.17 55.88
CA GLY D 346 -5.28 18.03 56.56
C GLY D 346 -4.12 17.82 55.60
N PRO D 347 -2.89 17.88 56.12
CA PRO D 347 -1.72 17.78 55.24
C PRO D 347 -1.28 16.35 54.93
N ASN D 348 -1.52 15.42 55.86
CA ASN D 348 -1.10 14.03 55.70
C ASN D 348 -2.34 13.16 55.58
N ASN D 349 -2.51 12.49 54.44
CA ASN D 349 -3.66 11.63 54.25
C ASN D 349 -3.21 10.24 53.86
N TYR D 350 -4.13 9.28 53.95
CA TYR D 350 -3.76 7.89 53.76
C TYR D 350 -4.98 7.07 53.38
N VAL D 351 -4.71 5.96 52.69
CA VAL D 351 -5.74 4.98 52.31
C VAL D 351 -5.02 3.71 51.84
N THR D 352 -5.58 2.54 52.16
CA THR D 352 -5.05 1.28 51.67
C THR D 352 -5.90 0.81 50.51
N VAL D 353 -5.26 0.52 49.38
CA VAL D 353 -5.95 0.05 48.19
C VAL D 353 -5.41 -1.32 47.83
N GLY D 354 -6.29 -2.20 47.38
CA GLY D 354 -5.82 -3.52 47.03
C GLY D 354 -6.87 -4.35 46.34
N ALA D 355 -6.49 -5.59 46.05
CA ALA D 355 -7.35 -6.58 45.44
C ALA D 355 -7.40 -7.80 46.34
N THR D 356 -8.57 -8.43 46.41
CA THR D 356 -8.76 -9.55 47.32
C THR D 356 -9.78 -10.51 46.74
N SER D 357 -9.60 -11.80 47.04
CA SER D 357 -10.56 -12.79 46.62
C SER D 357 -11.89 -12.54 47.32
N ALA D 358 -12.99 -12.75 46.58
CA ALA D 358 -14.32 -12.48 47.12
C ALA D 358 -14.58 -13.23 48.42
N THR D 359 -14.05 -14.46 48.53
CA THR D 359 -14.26 -15.27 49.72
C THR D 359 -13.66 -14.63 50.97
N ASN D 360 -12.66 -13.76 50.82
CA ASN D 360 -12.12 -13.05 51.97
C ASN D 360 -13.06 -11.96 52.48
N VAL D 361 -14.04 -11.55 51.67
CA VAL D 361 -14.88 -10.41 51.97
C VAL D 361 -16.23 -10.84 52.53
N MET D 362 -16.80 -11.92 52.03
CA MET D 362 -18.16 -12.31 52.38
C MET D 362 -18.30 -13.80 52.13
N PRO D 363 -19.31 -14.44 52.73
CA PRO D 363 -19.56 -15.86 52.43
C PRO D 363 -20.09 -16.03 51.02
N VAL D 364 -19.90 -17.23 50.48
CA VAL D 364 -20.40 -17.54 49.14
C VAL D 364 -21.91 -17.39 49.07
N SER D 365 -22.62 -17.67 50.17
CA SER D 365 -24.06 -17.45 50.23
C SER D 365 -24.44 -16.04 49.77
N ASP D 366 -23.69 -15.04 50.23
CA ASP D 366 -24.02 -13.64 49.93
C ASP D 366 -23.59 -13.21 48.54
N MET D 367 -22.97 -14.10 47.77
CA MET D 367 -22.36 -13.62 46.54
C MET D 367 -23.32 -13.76 45.35
N PRO D 368 -23.25 -12.84 44.40
CA PRO D 368 -23.97 -13.06 43.14
C PRO D 368 -23.43 -14.29 42.43
N VAL D 369 -24.35 -15.09 41.89
CA VAL D 369 -23.99 -16.33 41.20
C VAL D 369 -24.13 -16.09 39.71
N VAL D 370 -23.07 -16.35 38.97
CA VAL D 370 -23.02 -16.17 37.52
C VAL D 370 -22.93 -17.55 36.88
N PRO D 371 -23.88 -17.93 36.02
CA PRO D 371 -23.86 -19.28 35.44
C PRO D 371 -22.55 -19.55 34.73
N GLY D 372 -21.94 -20.69 35.09
CA GLY D 372 -20.71 -21.13 34.47
C GLY D 372 -19.44 -20.64 35.13
N LYS D 373 -19.53 -19.83 36.19
CA LYS D 373 -18.37 -19.24 36.81
C LYS D 373 -18.33 -19.56 38.30
N ASP D 374 -17.21 -20.12 38.74
CA ASP D 374 -17.01 -20.53 40.13
C ASP D 374 -16.50 -19.34 40.94
N ASN D 375 -17.27 -18.94 41.95
CA ASN D 375 -16.86 -17.82 42.80
C ASN D 375 -15.60 -18.13 43.59
N THR D 376 -15.24 -19.41 43.72
CA THR D 376 -14.04 -19.81 44.43
C THR D 376 -12.81 -19.88 43.54
N ASP D 377 -12.94 -19.48 42.27
CA ASP D 377 -11.81 -19.45 41.36
C ASP D 377 -10.67 -18.62 41.94
N GLY D 378 -9.44 -19.08 41.71
CA GLY D 378 -8.30 -18.28 42.09
C GLY D 378 -8.16 -17.05 41.23
N LYS D 379 -7.43 -16.08 41.78
CA LYS D 379 -7.19 -14.79 41.10
C LYS D 379 -5.71 -14.44 41.19
N LYS D 380 -5.22 -13.63 40.29
CA LYS D 380 -3.84 -13.15 40.36
C LYS D 380 -3.71 -12.10 41.46
N PRO D 381 -2.75 -12.24 42.36
CA PRO D 381 -2.56 -11.23 43.42
C PRO D 381 -1.80 -10.00 42.93
N ASN D 382 -2.44 -9.25 42.05
CA ASN D 382 -1.89 -8.00 41.55
C ASN D 382 -3.01 -6.99 41.35
N ILE D 383 -2.62 -5.73 41.21
CA ILE D 383 -3.57 -4.63 41.06
C ILE D 383 -2.83 -3.44 40.47
N TRP D 384 -3.51 -2.75 39.55
CA TRP D 384 -3.12 -1.40 39.15
C TRP D 384 -4.10 -0.43 39.80
N TYR D 385 -3.57 0.62 40.44
CA TYR D 385 -4.46 1.62 40.99
C TYR D 385 -3.78 2.98 41.00
N SER D 386 -4.59 4.02 41.15
CA SER D 386 -4.10 5.39 41.22
C SER D 386 -5.03 6.21 42.10
N LEU D 387 -4.45 7.20 42.78
CA LEU D 387 -5.20 8.15 43.60
C LEU D 387 -4.86 9.55 43.12
N ASN D 388 -5.83 10.23 42.51
CA ASN D 388 -5.61 11.56 41.98
C ASN D 388 -6.87 12.40 42.21
N GLY D 389 -6.88 13.59 41.63
CA GLY D 389 -8.03 14.48 41.69
C GLY D 389 -8.96 14.40 40.51
N LYS D 390 -8.72 13.47 39.58
CA LYS D 390 -9.58 13.30 38.40
C LYS D 390 -10.87 12.59 38.84
N ILE D 391 -11.72 13.34 39.53
CA ILE D 391 -12.99 12.79 39.98
C ILE D 391 -13.86 12.46 38.77
N ARG D 392 -14.52 11.31 38.83
CA ARG D 392 -15.21 10.77 37.66
C ARG D 392 -16.66 11.22 37.54
N ALA D 393 -17.19 11.93 38.53
CA ALA D 393 -18.51 12.51 38.36
C ALA D 393 -18.48 13.58 37.28
N VAL D 394 -19.64 13.85 36.71
CA VAL D 394 -19.75 14.79 35.60
C VAL D 394 -20.05 16.18 36.16
N ASN D 395 -19.54 17.20 35.46
CA ASN D 395 -19.85 18.59 35.75
C ASN D 395 -19.38 19.02 37.13
N VAL D 396 -18.25 18.47 37.59
CA VAL D 396 -17.71 18.87 38.88
C VAL D 396 -16.88 20.12 38.66
N PRO D 397 -17.30 21.28 39.17
CA PRO D 397 -16.53 22.51 38.94
C PRO D 397 -15.21 22.47 39.69
N LYS D 398 -14.16 22.94 39.02
CA LYS D 398 -12.83 22.94 39.59
C LYS D 398 -12.53 24.32 40.18
N VAL D 399 -11.79 24.30 41.29
CA VAL D 399 -11.35 25.52 41.96
C VAL D 399 -9.89 25.70 41.56
N THR D 400 -9.64 26.60 40.61
CA THR D 400 -8.30 26.79 40.05
C THR D 400 -7.66 28.11 40.44
N LYS D 401 -8.43 29.08 40.90
CA LYS D 401 -7.92 30.44 41.15
C LYS D 401 -7.94 30.74 42.64
N GLU D 402 -6.81 31.23 43.15
CA GLU D 402 -6.70 31.66 44.53
C GLU D 402 -7.01 33.15 44.66
N LYS D 403 -7.63 33.53 45.76
CA LYS D 403 -7.87 34.94 46.02
C LYS D 403 -6.55 35.65 46.27
N PRO D 404 -6.20 36.68 45.49
CA PRO D 404 -4.88 37.28 45.62
C PRO D 404 -4.78 38.24 46.79
N THR D 405 -3.58 38.29 47.37
CA THR D 405 -3.25 39.24 48.43
C THR D 405 -2.64 40.50 47.85
N PRO D 406 -3.06 41.68 48.31
CA PRO D 406 -2.45 42.92 47.81
C PRO D 406 -0.95 42.94 48.04
N PRO D 407 -0.18 43.41 47.05
CA PRO D 407 1.28 43.47 47.24
C PRO D 407 1.64 44.55 48.23
N VAL D 408 2.79 44.36 48.89
CA VAL D 408 3.30 45.32 49.85
C VAL D 408 4.50 46.03 49.23
N LYS D 409 4.58 47.33 49.46
CA LYS D 409 5.67 48.06 48.84
C LYS D 409 6.92 47.93 49.72
N PRO D 410 8.09 47.71 49.12
CA PRO D 410 9.29 47.53 49.93
C PRO D 410 9.77 48.84 50.53
N THR D 411 10.50 48.72 51.63
CA THR D 411 11.00 49.87 52.36
C THR D 411 12.38 50.24 51.84
N ALA D 412 12.62 51.54 51.71
CA ALA D 412 13.84 52.03 51.08
C ALA D 412 15.01 52.06 52.05
#